data_7VF4
#
_entry.id   7VF4
#
_cell.length_a   83.610
_cell.length_b   137.170
_cell.length_c   226.520
_cell.angle_alpha   90.000
_cell.angle_beta   90.000
_cell.angle_gamma   90.000
#
_symmetry.space_group_name_H-M   'P 21 21 21'
#
loop_
_entity.id
_entity.type
_entity.pdbx_description
1 polymer Vps75
2 non-polymer 'CHLORIDE ION'
3 non-polymer 'SODIUM ION'
4 water water
#
_entity_poly.entity_id   1
_entity_poly.type   'polypeptide(L)'
_entity_poly.pdbx_seq_one_letter_code
;MMTEKDEGKRLQLSLDKLGDWEKEMSQVEREAEIYRIKKTQPMYAKRRSILKEIPKFWYIVLAENDDFADYISPDDLKYL
EYIDDIYVYYPIVDDEAGHFKDFNITVTFGKNPYIPEQEITKKFKIVIQEDGDERIVSESVEVKWPHELSKINPSVIKEK
YKGKDKKDMSAKDKKNYRLGMKSFFSWFNWTGEKPGKEFRNGEDLATLLSEDLYLNALKYYIIALSPLEHHHHHH
;
_entity_poly.pdbx_strand_id   A,B,C,D,E,F,G,H
#
loop_
_chem_comp.id
_chem_comp.type
_chem_comp.name
_chem_comp.formula
CL non-polymer 'CHLORIDE ION' 'Cl -1'
NA non-polymer 'SODIUM ION' 'Na 1'
#
# COMPACT_ATOMS: atom_id res chain seq x y z
N GLU A 7 13.43 -17.70 -49.08
CA GLU A 7 12.29 -18.39 -48.46
C GLU A 7 11.42 -17.41 -47.69
N GLY A 8 11.37 -17.57 -46.37
CA GLY A 8 10.54 -16.75 -45.52
C GLY A 8 11.31 -15.76 -44.67
N LYS A 9 12.62 -15.95 -44.55
CA LYS A 9 13.45 -14.97 -43.85
C LYS A 9 13.53 -13.64 -44.58
N ARG A 10 13.18 -13.63 -45.87
CA ARG A 10 13.18 -12.39 -46.63
C ARG A 10 12.13 -11.42 -46.09
N LEU A 11 11.00 -11.94 -45.61
CA LEU A 11 10.00 -11.09 -44.99
C LEU A 11 10.56 -10.41 -43.74
N GLN A 12 11.30 -11.18 -42.91
CA GLN A 12 11.88 -10.62 -41.69
C GLN A 12 12.94 -9.57 -42.02
N LEU A 13 13.79 -9.84 -43.01
CA LEU A 13 14.78 -8.85 -43.41
C LEU A 13 14.12 -7.57 -43.93
N SER A 14 13.09 -7.72 -44.77
CA SER A 14 12.38 -6.55 -45.29
C SER A 14 11.73 -5.76 -44.16
N LEU A 15 11.18 -6.46 -43.17
CA LEU A 15 10.55 -5.77 -42.05
C LEU A 15 11.58 -5.02 -41.20
N ASP A 16 12.77 -5.60 -41.02
CA ASP A 16 13.83 -4.89 -40.30
C ASP A 16 14.29 -3.66 -41.10
N LYS A 17 14.43 -3.80 -42.42
CA LYS A 17 14.74 -2.63 -43.25
C LYS A 17 13.67 -1.57 -43.12
N LEU A 18 12.40 -1.97 -43.09
CA LEU A 18 11.31 -1.01 -42.93
C LEU A 18 11.35 -0.32 -41.57
N GLY A 19 11.71 -1.05 -40.52
CA GLY A 19 11.81 -0.42 -39.21
C GLY A 19 12.92 0.62 -39.16
N ASP A 20 14.10 0.27 -39.68
CA ASP A 20 15.19 1.23 -39.75
C ASP A 20 14.81 2.42 -40.64
N TRP A 21 14.14 2.15 -41.77
CA TRP A 21 13.69 3.22 -42.65
C TRP A 21 12.69 4.13 -41.95
N GLU A 22 11.79 3.55 -41.15
CA GLU A 22 10.81 4.35 -40.45
C GLU A 22 11.47 5.27 -39.44
N LYS A 23 12.50 4.77 -38.75
CA LYS A 23 13.24 5.63 -37.83
C LYS A 23 13.94 6.78 -38.57
N GLU A 24 14.62 6.45 -39.67
CA GLU A 24 15.27 7.49 -40.46
C GLU A 24 14.26 8.49 -41.01
N MET A 25 13.08 7.99 -41.42
CA MET A 25 12.02 8.84 -41.92
C MET A 25 11.50 9.78 -40.85
N SER A 26 11.38 9.28 -39.62
CA SER A 26 10.98 10.12 -38.50
C SER A 26 11.96 11.25 -38.29
N GLN A 27 13.27 10.92 -38.34
CA GLN A 27 14.27 11.99 -38.21
C GLN A 27 14.15 13.02 -39.34
N VAL A 28 13.94 12.54 -40.57
CA VAL A 28 13.86 13.46 -41.70
C VAL A 28 12.65 14.38 -41.58
N GLU A 29 11.49 13.81 -41.22
CA GLU A 29 10.29 14.61 -41.06
C GLU A 29 10.44 15.61 -39.92
N ARG A 30 11.06 15.19 -38.83
CA ARG A 30 11.33 16.11 -37.72
C ARG A 30 12.21 17.27 -38.17
N GLU A 31 13.27 16.99 -38.93
CA GLU A 31 14.15 18.06 -39.39
C GLU A 31 13.39 19.02 -40.30
N ALA A 32 12.56 18.49 -41.21
CA ALA A 32 11.80 19.34 -42.11
C ALA A 32 10.81 20.22 -41.36
N GLU A 33 10.13 19.64 -40.37
CA GLU A 33 9.16 20.41 -39.60
C GLU A 33 9.85 21.50 -38.77
N ILE A 34 11.02 21.19 -38.22
CA ILE A 34 11.78 22.20 -37.48
C ILE A 34 12.23 23.32 -38.41
N TYR A 35 12.63 22.98 -39.64
CA TYR A 35 12.97 24.00 -40.62
C TYR A 35 11.78 24.93 -40.87
N ARG A 36 10.58 24.34 -41.02
CA ARG A 36 9.39 25.16 -41.23
C ARG A 36 9.12 26.08 -40.04
N ILE A 37 9.25 25.56 -38.82
CA ILE A 37 8.99 26.37 -37.63
C ILE A 37 9.99 27.52 -37.55
N LYS A 38 11.26 27.23 -37.84
CA LYS A 38 12.28 28.28 -37.81
C LYS A 38 12.03 29.35 -38.86
N LYS A 39 11.55 28.96 -40.04
CA LYS A 39 11.25 29.92 -41.09
C LYS A 39 9.96 30.70 -40.83
N THR A 40 9.03 30.15 -40.04
CA THR A 40 7.74 30.79 -39.82
C THR A 40 7.66 31.61 -38.54
N GLN A 41 8.48 31.31 -37.53
CA GLN A 41 8.44 32.07 -36.28
C GLN A 41 8.73 33.56 -36.48
N PRO A 42 9.77 33.96 -37.23
CA PRO A 42 9.99 35.41 -37.44
C PRO A 42 8.83 36.12 -38.11
N MET A 43 8.12 35.44 -39.02
CA MET A 43 6.95 36.07 -39.63
C MET A 43 5.88 36.35 -38.59
N TYR A 44 5.66 35.42 -37.65
CA TYR A 44 4.69 35.66 -36.60
C TYR A 44 5.20 36.71 -35.61
N ALA A 45 6.51 36.85 -35.46
CA ALA A 45 7.03 37.96 -34.68
C ALA A 45 6.68 39.28 -35.33
N LYS A 46 6.84 39.37 -36.65
CA LYS A 46 6.44 40.56 -37.38
C LYS A 46 4.95 40.81 -37.21
N ARG A 47 4.16 39.74 -37.27
CA ARG A 47 2.71 39.89 -37.10
C ARG A 47 2.38 40.39 -35.71
N ARG A 48 3.11 39.93 -34.69
CA ARG A 48 2.91 40.41 -33.33
C ARG A 48 3.16 41.91 -33.26
N SER A 49 4.24 42.36 -33.88
CA SER A 49 4.56 43.78 -33.88
C SER A 49 3.46 44.58 -34.58
N ILE A 50 2.92 44.05 -35.67
CA ILE A 50 1.85 44.76 -36.37
C ILE A 50 0.57 44.78 -35.54
N LEU A 51 0.23 43.66 -34.90
CA LEU A 51 -1.03 43.55 -34.18
C LEU A 51 -1.05 44.41 -32.92
N LYS A 52 0.12 44.67 -32.33
CA LYS A 52 0.18 45.58 -31.20
C LYS A 52 -0.32 46.98 -31.56
N GLU A 53 -0.31 47.34 -32.85
CA GLU A 53 -0.85 48.62 -33.29
C GLU A 53 -2.36 48.67 -33.17
N ILE A 54 -3.04 47.57 -33.46
CA ILE A 54 -4.49 47.57 -33.53
C ILE A 54 -5.06 47.58 -32.10
N PRO A 55 -5.93 48.53 -31.75
CA PRO A 55 -6.41 48.63 -30.37
C PRO A 55 -7.51 47.62 -30.08
N LYS A 56 -7.40 46.95 -28.93
CA LYS A 56 -8.38 45.98 -28.47
C LYS A 56 -8.59 44.86 -29.49
N PHE A 57 -7.53 44.51 -30.20
CA PHE A 57 -7.62 43.45 -31.21
C PHE A 57 -7.95 42.11 -30.55
N TRP A 58 -7.15 41.72 -29.56
CA TRP A 58 -7.32 40.40 -28.98
C TRP A 58 -8.60 40.29 -28.18
N TYR A 59 -9.03 41.39 -27.54
CA TYR A 59 -10.30 41.35 -26.84
C TYR A 59 -11.44 41.04 -27.80
N ILE A 60 -11.44 41.68 -28.97
CA ILE A 60 -12.47 41.45 -29.96
C ILE A 60 -12.42 40.01 -30.46
N VAL A 61 -11.22 39.53 -30.77
CA VAL A 61 -11.09 38.16 -31.27
C VAL A 61 -11.60 37.16 -30.24
N LEU A 62 -11.25 37.37 -28.96
CA LEU A 62 -11.64 36.41 -27.93
C LEU A 62 -13.13 36.50 -27.61
N ALA A 63 -13.68 37.70 -27.54
CA ALA A 63 -15.08 37.86 -27.17
C ALA A 63 -15.99 37.32 -28.27
N GLU A 64 -15.60 37.46 -29.53
CA GLU A 64 -16.43 36.90 -30.60
C GLU A 64 -16.44 35.38 -30.56
N ASN A 65 -15.31 34.78 -30.18
CA ASN A 65 -15.18 33.33 -30.30
C ASN A 65 -16.02 32.61 -29.25
N ASP A 66 -16.82 31.64 -29.70
CA ASP A 66 -17.64 30.86 -28.80
C ASP A 66 -16.87 29.70 -28.21
N ASP A 67 -15.96 29.12 -29.00
CA ASP A 67 -15.10 28.08 -28.47
C ASP A 67 -14.33 28.59 -27.27
N PHE A 68 -13.81 29.83 -27.36
CA PHE A 68 -13.11 30.41 -26.23
C PHE A 68 -14.06 30.68 -25.08
N ALA A 69 -15.26 31.18 -25.36
CA ALA A 69 -16.21 31.49 -24.30
C ALA A 69 -16.65 30.27 -23.50
N ASP A 70 -16.56 29.07 -24.07
CA ASP A 70 -16.88 27.88 -23.28
C ASP A 70 -15.91 27.69 -22.12
N TYR A 71 -14.63 28.04 -22.32
CA TYR A 71 -13.61 27.73 -21.32
C TYR A 71 -13.55 28.75 -20.19
N ILE A 72 -14.20 29.90 -20.30
CA ILE A 72 -14.06 30.94 -19.29
C ILE A 72 -15.45 31.29 -18.74
N SER A 73 -15.43 31.87 -17.54
CA SER A 73 -16.63 32.42 -16.94
C SER A 73 -17.00 33.74 -17.61
N PRO A 74 -18.30 34.06 -17.67
CA PRO A 74 -18.70 35.36 -18.23
C PRO A 74 -18.11 36.56 -17.48
N ASP A 75 -17.92 36.47 -16.17
CA ASP A 75 -17.34 37.59 -15.44
C ASP A 75 -15.89 37.89 -15.85
N ASP A 76 -15.16 36.89 -16.34
CA ASP A 76 -13.76 37.13 -16.71
C ASP A 76 -13.61 38.06 -17.90
N LEU A 77 -14.57 38.04 -18.83
CA LEU A 77 -14.39 38.71 -20.11
C LEU A 77 -14.07 40.19 -19.94
N LYS A 78 -14.69 40.82 -18.96
CA LYS A 78 -14.48 42.25 -18.70
C LYS A 78 -12.99 42.58 -18.60
N TYR A 79 -12.22 41.71 -17.95
CA TYR A 79 -10.80 42.00 -17.75
C TYR A 79 -9.97 41.69 -18.97
N LEU A 80 -10.42 40.75 -19.80
CA LEU A 80 -9.67 40.40 -21.00
C LEU A 80 -9.62 41.56 -21.99
N GLU A 81 -10.41 42.61 -21.76
CA GLU A 81 -10.33 43.82 -22.58
C GLU A 81 -8.92 44.42 -22.57
N TYR A 82 -8.16 44.19 -21.51
CA TYR A 82 -6.87 44.88 -21.37
C TYR A 82 -5.70 43.97 -21.71
N ILE A 83 -5.91 43.13 -22.73
CA ILE A 83 -4.86 42.28 -23.29
C ILE A 83 -4.30 43.01 -24.49
N ASP A 84 -3.00 43.25 -24.49
CA ASP A 84 -2.36 43.95 -25.60
C ASP A 84 -1.66 43.00 -26.56
N ASP A 85 -1.39 41.78 -26.13
CA ASP A 85 -0.63 40.87 -26.98
C ASP A 85 -0.83 39.44 -26.52
N ILE A 86 -1.12 38.55 -27.48
CA ILE A 86 -1.04 37.12 -27.31
C ILE A 86 -0.06 36.60 -28.35
N TYR A 87 0.93 35.85 -27.90
CA TYR A 87 1.99 35.40 -28.79
C TYR A 87 2.31 33.94 -28.50
N VAL A 88 2.67 33.22 -29.56
CA VAL A 88 3.05 31.82 -29.44
C VAL A 88 4.45 31.65 -29.97
N TYR A 89 5.33 31.07 -29.16
CA TYR A 89 6.73 30.88 -29.50
C TYR A 89 7.07 29.41 -29.37
N TYR A 90 7.70 28.86 -30.40
CA TYR A 90 8.11 27.47 -30.35
C TYR A 90 9.59 27.39 -30.02
N PRO A 91 9.96 26.95 -28.81
CA PRO A 91 11.36 27.00 -28.38
C PRO A 91 12.28 26.04 -29.10
N ILE A 92 11.77 25.25 -30.04
CA ILE A 92 12.64 24.40 -30.85
C ILE A 92 13.55 25.23 -31.74
N VAL A 93 13.20 26.49 -31.98
CA VAL A 93 14.03 27.36 -32.81
C VAL A 93 15.40 27.56 -32.17
N ASP A 94 15.43 27.77 -30.86
CA ASP A 94 16.66 28.02 -30.14
C ASP A 94 17.26 26.70 -29.62
N ASP A 95 16.48 25.98 -28.80
CA ASP A 95 17.00 24.79 -28.11
C ASP A 95 17.46 23.72 -29.08
N GLU A 96 16.58 23.33 -30.02
CA GLU A 96 16.86 22.24 -30.96
C GLU A 96 17.26 20.95 -30.24
N ALA A 97 16.72 20.75 -29.03
CA ALA A 97 17.14 19.62 -28.21
C ALA A 97 15.98 18.94 -27.47
N GLY A 98 14.74 19.29 -27.75
CA GLY A 98 13.66 18.62 -27.02
C GLY A 98 12.54 18.13 -27.91
N HIS A 99 11.31 18.55 -27.68
CA HIS A 99 10.22 18.24 -28.60
C HIS A 99 9.90 19.46 -29.45
N PHE A 100 9.70 19.22 -30.75
CA PHE A 100 9.49 20.35 -31.64
C PHE A 100 8.10 20.96 -31.51
N LYS A 101 7.15 20.26 -30.90
CA LYS A 101 5.82 20.83 -30.72
C LYS A 101 5.65 21.55 -29.38
N ASP A 102 6.67 21.58 -28.52
CA ASP A 102 6.58 22.37 -27.31
C ASP A 102 6.34 23.83 -27.68
N PHE A 103 5.51 24.51 -26.89
CA PHE A 103 5.16 25.87 -27.26
C PHE A 103 4.85 26.69 -26.03
N ASN A 104 5.14 27.98 -26.11
CA ASN A 104 4.91 28.90 -25.01
C ASN A 104 3.93 29.97 -25.46
N ILE A 105 2.91 30.22 -24.64
CA ILE A 105 1.90 31.23 -24.89
C ILE A 105 2.14 32.39 -23.93
N THR A 106 2.28 33.60 -24.49
CA THR A 106 2.53 34.80 -23.73
C THR A 106 1.34 35.75 -23.87
N VAL A 107 0.77 36.11 -22.72
CA VAL A 107 -0.35 37.03 -22.63
C VAL A 107 0.11 38.26 -21.87
N THR A 108 -0.04 39.44 -22.45
CA THR A 108 0.38 40.68 -21.81
C THR A 108 -0.84 41.55 -21.52
N PHE A 109 -0.93 42.01 -20.26
CA PHE A 109 -1.97 42.93 -19.82
C PHE A 109 -1.39 44.33 -19.70
N GLY A 110 -2.04 45.30 -20.36
CA GLY A 110 -1.60 46.67 -20.33
C GLY A 110 -2.09 47.41 -19.10
N LYS A 111 -1.80 48.72 -19.09
CA LYS A 111 -2.14 49.54 -17.94
C LYS A 111 -3.64 49.81 -17.88
N ASN A 112 -4.25 49.44 -16.77
CA ASN A 112 -5.69 49.61 -16.57
C ASN A 112 -5.94 49.58 -15.08
N PRO A 113 -7.08 50.14 -14.63
CA PRO A 113 -7.37 50.15 -13.19
C PRO A 113 -7.83 48.81 -12.64
N TYR A 114 -8.21 47.87 -13.49
CA TYR A 114 -8.90 46.66 -13.06
C TYR A 114 -8.00 45.45 -12.86
N ILE A 115 -7.00 45.25 -13.71
CA ILE A 115 -6.06 44.15 -13.54
C ILE A 115 -4.65 44.67 -13.76
N PRO A 116 -3.72 44.37 -12.87
CA PRO A 116 -2.40 44.98 -12.96
C PRO A 116 -1.66 44.60 -14.24
N GLU A 117 -0.91 45.56 -14.76
CA GLU A 117 -0.10 45.37 -15.95
C GLU A 117 0.93 44.27 -15.71
N GLN A 118 1.05 43.34 -16.66
CA GLN A 118 1.98 42.24 -16.49
C GLN A 118 2.21 41.54 -17.83
N GLU A 119 3.21 40.67 -17.86
CA GLU A 119 3.46 39.81 -19.02
C GLU A 119 3.68 38.39 -18.51
N ILE A 120 2.78 37.48 -18.91
CA ILE A 120 2.75 36.11 -18.41
C ILE A 120 3.13 35.21 -19.56
N THR A 121 4.19 34.42 -19.38
CA THR A 121 4.62 33.46 -20.38
C THR A 121 4.48 32.06 -19.78
N LYS A 122 3.55 31.28 -20.32
CA LYS A 122 3.31 29.92 -19.85
C LYS A 122 3.81 28.92 -20.88
N LYS A 123 4.61 27.95 -20.41
CA LYS A 123 5.29 27.01 -21.28
C LYS A 123 4.59 25.65 -21.25
N PHE A 124 4.35 25.07 -22.43
CA PHE A 124 3.71 23.77 -22.57
C PHE A 124 4.67 22.82 -23.27
N LYS A 125 4.76 21.60 -22.75
CA LYS A 125 5.60 20.57 -23.33
C LYS A 125 4.76 19.34 -23.69
N ILE A 126 5.29 18.57 -24.64
CA ILE A 126 4.64 17.36 -25.13
C ILE A 126 5.32 16.15 -24.53
N VAL A 127 4.53 15.28 -23.91
CA VAL A 127 5.00 14.05 -23.29
C VAL A 127 4.30 12.88 -23.96
N ILE A 128 5.07 11.86 -24.32
CA ILE A 128 4.51 10.66 -24.94
C ILE A 128 4.02 9.72 -23.84
N GLN A 129 2.71 9.54 -23.78
CA GLN A 129 2.11 8.60 -22.83
C GLN A 129 2.51 7.18 -23.17
N GLU A 130 2.59 6.33 -22.13
CA GLU A 130 2.98 4.94 -22.33
C GLU A 130 2.09 4.23 -23.35
N ASP A 131 0.84 4.69 -23.52
CA ASP A 131 -0.09 4.09 -24.47
C ASP A 131 -0.03 4.72 -25.86
N GLY A 132 1.12 5.26 -26.27
CA GLY A 132 1.30 5.74 -27.63
C GLY A 132 1.13 7.22 -27.92
N ASP A 133 0.08 7.83 -27.39
CA ASP A 133 -0.38 9.14 -27.87
C ASP A 133 0.40 10.28 -27.21
N GLU A 134 0.07 11.50 -27.61
CA GLU A 134 0.73 12.70 -27.12
C GLU A 134 -0.13 13.40 -26.09
N ARG A 135 0.53 13.96 -25.08
CA ARG A 135 -0.12 14.62 -23.97
C ARG A 135 0.54 15.98 -23.76
N ILE A 136 -0.28 16.99 -23.47
CA ILE A 136 0.20 18.33 -23.19
C ILE A 136 0.30 18.52 -21.68
N VAL A 137 1.45 19.01 -21.21
CA VAL A 137 1.64 19.34 -19.80
C VAL A 137 2.23 20.73 -19.71
N SER A 138 2.16 21.30 -18.52
CA SER A 138 2.64 22.66 -18.31
C SER A 138 3.10 22.84 -16.88
N GLU A 139 3.72 23.99 -16.63
CA GLU A 139 4.13 24.42 -15.31
C GLU A 139 3.29 25.61 -14.90
N SER A 140 2.95 25.68 -13.62
CA SER A 140 2.19 26.82 -13.11
C SER A 140 3.01 28.09 -13.26
N VAL A 141 2.34 29.16 -13.68
CA VAL A 141 2.94 30.49 -13.81
C VAL A 141 2.14 31.44 -12.94
N GLU A 142 2.84 32.22 -12.13
CA GLU A 142 2.14 33.14 -11.24
C GLU A 142 1.50 34.26 -12.04
N VAL A 143 0.30 34.64 -11.63
CA VAL A 143 -0.49 35.66 -12.32
C VAL A 143 -1.05 36.60 -11.28
N LYS A 144 -0.95 37.89 -11.56
CA LYS A 144 -1.58 38.92 -10.74
C LYS A 144 -3.05 39.01 -11.14
N TRP A 145 -3.93 38.48 -10.30
CA TRP A 145 -5.35 38.42 -10.58
C TRP A 145 -5.96 39.81 -10.58
N PRO A 146 -7.13 39.98 -11.21
CA PRO A 146 -7.87 41.22 -11.04
C PRO A 146 -8.21 41.44 -9.57
N HIS A 147 -8.23 42.71 -9.16
CA HIS A 147 -8.44 43.02 -7.76
C HIS A 147 -9.81 42.55 -7.29
N GLU A 148 -10.84 42.81 -8.09
CA GLU A 148 -12.19 42.42 -7.71
C GLU A 148 -12.34 40.93 -7.54
N LEU A 149 -11.47 40.14 -8.16
CA LEU A 149 -11.54 38.70 -8.11
C LEU A 149 -10.63 38.10 -7.05
N SER A 150 -9.92 38.94 -6.27
CA SER A 150 -9.06 38.40 -5.24
C SER A 150 -9.82 37.58 -4.21
N LYS A 151 -11.13 37.83 -4.06
CA LYS A 151 -11.93 37.04 -3.12
C LYS A 151 -12.10 35.59 -3.57
N ILE A 152 -11.97 35.32 -4.87
CA ILE A 152 -12.21 33.97 -5.40
C ILE A 152 -10.92 33.30 -5.85
N ASN A 153 -9.77 33.91 -5.58
CA ASN A 153 -8.52 33.28 -5.96
C ASN A 153 -8.36 31.97 -5.19
N PRO A 154 -8.27 30.83 -5.87
CA PRO A 154 -8.08 29.57 -5.15
C PRO A 154 -6.80 29.50 -4.35
N SER A 155 -5.74 30.18 -4.79
CA SER A 155 -4.47 30.12 -4.06
C SER A 155 -4.59 30.74 -2.67
N VAL A 156 -5.28 31.89 -2.57
CA VAL A 156 -5.45 32.54 -1.26
C VAL A 156 -6.26 31.66 -0.32
N ILE A 157 -7.37 31.10 -0.81
CA ILE A 157 -8.21 30.25 0.01
C ILE A 157 -7.47 28.97 0.40
N LYS A 158 -6.66 28.44 -0.51
CA LYS A 158 -5.88 27.24 -0.20
C LYS A 158 -4.81 27.52 0.83
N GLU A 159 -4.22 28.73 0.83
CA GLU A 159 -3.26 29.04 1.88
C GLU A 159 -3.98 29.27 3.20
N LYS A 160 -5.19 29.81 3.18
CA LYS A 160 -5.94 29.97 4.43
C LYS A 160 -6.29 28.62 5.05
N TYR A 161 -6.63 27.63 4.22
CA TYR A 161 -6.97 26.29 4.69
C TYR A 161 -5.79 25.34 4.47
N LYS A 162 -4.69 25.66 5.13
CA LYS A 162 -3.43 24.96 4.94
C LYS A 162 -3.47 23.62 5.68
N GLY A 163 -3.51 22.53 4.93
CA GLY A 163 -3.55 21.20 5.51
C GLY A 163 -4.89 20.77 6.06
N LYS A 164 -5.77 21.72 6.37
CA LYS A 164 -7.10 21.35 6.86
C LYS A 164 -7.83 20.54 5.79
N ASP A 165 -8.95 19.95 6.20
CA ASP A 165 -9.64 18.99 5.35
C ASP A 165 -10.15 19.65 4.08
N LYS A 166 -10.13 18.88 2.99
CA LYS A 166 -10.53 19.38 1.68
C LYS A 166 -12.02 19.77 1.68
N LYS A 167 -12.82 19.19 2.57
CA LYS A 167 -14.26 19.40 2.60
C LYS A 167 -14.75 20.20 3.80
N ASP A 168 -13.87 20.50 4.77
CA ASP A 168 -14.27 21.22 5.98
C ASP A 168 -14.15 22.73 5.84
N MET A 169 -14.26 23.25 4.63
CA MET A 169 -14.20 24.69 4.43
C MET A 169 -15.58 25.30 4.65
N SER A 170 -15.60 26.60 4.87
CA SER A 170 -16.88 27.27 5.00
C SER A 170 -17.61 27.27 3.66
N ALA A 171 -18.92 27.44 3.72
CA ALA A 171 -19.72 27.43 2.50
C ALA A 171 -19.29 28.57 1.57
N LYS A 172 -19.09 29.76 2.13
CA LYS A 172 -18.66 30.90 1.32
C LYS A 172 -17.32 30.60 0.65
N ASP A 173 -16.38 30.04 1.41
CA ASP A 173 -15.06 29.78 0.85
C ASP A 173 -15.11 28.67 -0.20
N LYS A 174 -15.98 27.67 0.00
CA LYS A 174 -16.13 26.62 -1.01
C LYS A 174 -16.73 27.19 -2.30
N LYS A 175 -17.76 28.05 -2.17
CA LYS A 175 -18.35 28.66 -3.35
C LYS A 175 -17.32 29.49 -4.10
N ASN A 176 -16.53 30.29 -3.37
CA ASN A 176 -15.53 31.12 -4.02
C ASN A 176 -14.39 30.30 -4.63
N TYR A 177 -14.01 29.19 -3.98
CA TYR A 177 -12.99 28.32 -4.56
C TYR A 177 -13.48 27.70 -5.87
N ARG A 178 -14.72 27.22 -5.91
CA ARG A 178 -15.27 26.68 -7.16
C ARG A 178 -15.32 27.76 -8.23
N LEU A 179 -15.76 28.98 -7.88
CA LEU A 179 -15.82 30.06 -8.85
C LEU A 179 -14.42 30.38 -9.39
N GLY A 180 -13.41 30.37 -8.51
CA GLY A 180 -12.07 30.70 -8.95
C GLY A 180 -11.45 29.61 -9.79
N MET A 181 -11.79 28.36 -9.52
CA MET A 181 -11.33 27.30 -10.41
C MET A 181 -12.02 27.38 -11.77
N LYS A 182 -13.23 27.93 -11.81
CA LYS A 182 -13.90 28.15 -13.10
C LYS A 182 -13.39 29.40 -13.82
N SER A 183 -12.62 30.25 -13.16
CA SER A 183 -12.16 31.47 -13.80
C SER A 183 -11.05 31.18 -14.80
N PHE A 184 -10.91 32.09 -15.76
CA PHE A 184 -9.86 31.96 -16.75
C PHE A 184 -8.48 32.04 -16.09
N PHE A 185 -8.36 32.84 -15.04
CA PHE A 185 -7.06 33.13 -14.45
C PHE A 185 -6.47 31.98 -13.65
N SER A 186 -7.26 30.96 -13.31
CA SER A 186 -6.66 29.77 -12.73
C SER A 186 -6.09 28.83 -13.77
N TRP A 187 -6.38 29.08 -15.06
CA TRP A 187 -5.79 28.29 -16.13
C TRP A 187 -4.26 28.38 -16.12
N PHE A 188 -3.72 29.48 -15.61
CA PHE A 188 -2.27 29.61 -15.55
C PHE A 188 -1.65 28.67 -14.53
N ASN A 189 -2.44 28.14 -13.62
CA ASN A 189 -1.96 27.16 -12.65
C ASN A 189 -2.15 25.74 -13.14
N TRP A 190 -2.58 25.57 -14.39
CA TRP A 190 -2.85 24.25 -14.93
C TRP A 190 -1.54 23.56 -15.29
N THR A 191 -1.38 22.31 -14.86
CA THR A 191 -0.23 21.49 -15.22
C THR A 191 -0.59 20.25 -16.03
N GLY A 192 -1.77 19.68 -15.84
CA GLY A 192 -2.17 18.47 -16.52
C GLY A 192 -1.79 17.19 -15.82
N GLU A 193 -1.06 17.27 -14.70
CA GLU A 193 -0.66 16.12 -13.93
C GLU A 193 -1.34 16.04 -12.57
N LYS A 194 -2.37 16.85 -12.35
CA LYS A 194 -3.19 16.81 -11.15
C LYS A 194 -4.64 16.81 -11.58
N PRO A 195 -5.10 15.70 -12.16
CA PRO A 195 -6.46 15.67 -12.73
C PRO A 195 -7.53 15.81 -11.66
N GLY A 196 -8.64 16.44 -12.05
CA GLY A 196 -9.76 16.67 -11.16
C GLY A 196 -9.50 17.77 -10.15
N LYS A 197 -8.24 18.16 -10.00
CA LYS A 197 -7.84 19.18 -9.05
C LYS A 197 -7.36 20.48 -9.71
N GLU A 198 -7.43 20.58 -11.03
CA GLU A 198 -6.92 21.74 -11.75
C GLU A 198 -8.00 22.36 -12.63
N PHE A 199 -7.61 23.42 -13.32
CA PHE A 199 -8.46 24.06 -14.30
C PHE A 199 -8.95 23.03 -15.33
N ARG A 200 -10.23 23.07 -15.63
CA ARG A 200 -10.83 22.02 -16.44
C ARG A 200 -10.48 22.22 -17.91
N ASN A 201 -10.02 21.16 -18.56
CA ASN A 201 -9.69 21.17 -19.98
C ASN A 201 -8.68 22.24 -20.33
N GLY A 202 -7.60 22.30 -19.56
CA GLY A 202 -6.55 23.28 -19.84
C GLY A 202 -5.82 23.02 -21.14
N GLU A 203 -5.60 21.74 -21.47
CA GLU A 203 -4.90 21.43 -22.71
C GLU A 203 -5.72 21.87 -23.93
N ASP A 204 -7.04 21.71 -23.85
CA ASP A 204 -7.89 22.12 -24.95
C ASP A 204 -7.86 23.64 -25.14
N LEU A 205 -7.87 24.40 -24.05
CA LEU A 205 -7.76 25.86 -24.17
C LEU A 205 -6.39 26.25 -24.71
N ALA A 206 -5.34 25.55 -24.30
CA ALA A 206 -4.01 25.84 -24.83
C ALA A 206 -3.97 25.64 -26.35
N THR A 207 -4.51 24.52 -26.83
CA THR A 207 -4.53 24.28 -28.27
C THR A 207 -5.43 25.30 -28.98
N LEU A 208 -6.53 25.70 -28.34
CA LEU A 208 -7.38 26.71 -28.95
C LEU A 208 -6.65 28.04 -29.11
N LEU A 209 -5.91 28.45 -28.09
CA LEU A 209 -5.19 29.72 -28.16
C LEU A 209 -3.98 29.64 -29.07
N SER A 210 -3.39 28.46 -29.23
CA SER A 210 -2.16 28.37 -30.01
C SER A 210 -2.40 28.06 -31.49
N GLU A 211 -3.52 27.41 -31.84
CA GLU A 211 -3.67 26.87 -33.18
C GLU A 211 -4.90 27.34 -33.94
N ASP A 212 -5.90 27.90 -33.28
CA ASP A 212 -7.06 28.41 -34.02
C ASP A 212 -7.22 29.91 -33.91
N LEU A 213 -7.33 30.46 -32.69
CA LEU A 213 -7.50 31.89 -32.55
C LEU A 213 -6.24 32.65 -32.93
N TYR A 214 -5.08 32.18 -32.49
CA TYR A 214 -3.84 32.89 -32.78
C TYR A 214 -3.56 32.90 -34.28
N LEU A 215 -3.72 31.76 -34.94
CA LEU A 215 -3.38 31.67 -36.37
C LEU A 215 -4.41 32.40 -37.23
N ASN A 216 -5.69 32.32 -36.88
CA ASN A 216 -6.75 32.92 -37.67
C ASN A 216 -7.30 34.18 -37.01
N ALA A 217 -6.47 34.87 -36.23
CA ALA A 217 -6.97 36.00 -35.45
C ALA A 217 -7.52 37.10 -36.34
N LEU A 218 -6.85 37.35 -37.47
CA LEU A 218 -7.29 38.39 -38.37
C LEU A 218 -8.69 38.09 -38.89
N LYS A 219 -8.95 36.83 -39.24
CA LYS A 219 -10.26 36.47 -39.77
C LYS A 219 -11.36 36.66 -38.72
N TYR A 220 -11.11 36.23 -37.48
CA TYR A 220 -12.12 36.41 -36.43
C TYR A 220 -12.36 37.88 -36.16
N TYR A 221 -11.30 38.69 -36.22
CA TYR A 221 -11.43 40.13 -36.05
C TYR A 221 -12.31 40.75 -37.13
N ILE A 222 -12.02 40.42 -38.39
CA ILE A 222 -12.78 40.96 -39.51
C ILE A 222 -14.23 40.53 -39.42
N ILE A 223 -14.48 39.28 -39.04
CA ILE A 223 -15.84 38.79 -38.87
C ILE A 223 -16.53 39.58 -37.76
N ALA A 224 -15.81 39.84 -36.66
CA ALA A 224 -16.37 40.57 -35.54
C ALA A 224 -16.67 42.02 -35.88
N LEU A 225 -16.09 42.55 -36.96
CA LEU A 225 -16.36 43.92 -37.38
C LEU A 225 -17.07 43.98 -38.72
N SER A 226 -17.86 42.96 -39.04
CA SER A 226 -18.63 42.93 -40.27
C SER A 226 -20.09 42.66 -39.97
N PRO A 227 -21.01 43.12 -40.84
CA PRO A 227 -22.45 42.86 -40.66
C PRO A 227 -22.82 41.38 -40.71
N LYS B 5 -11.39 60.15 -36.76
CA LYS B 5 -10.51 59.73 -37.84
C LYS B 5 -9.07 59.60 -37.36
N ASP B 6 -8.86 59.81 -36.06
CA ASP B 6 -7.53 59.63 -35.48
C ASP B 6 -7.06 58.17 -35.62
N GLU B 7 -7.95 57.22 -35.35
CA GLU B 7 -7.62 55.81 -35.38
C GLU B 7 -8.05 55.11 -36.67
N GLY B 8 -8.95 55.71 -37.46
CA GLY B 8 -9.40 55.04 -38.68
C GLY B 8 -8.28 54.83 -39.68
N LYS B 9 -7.47 55.88 -39.91
CA LYS B 9 -6.37 55.76 -40.85
C LYS B 9 -5.30 54.79 -40.34
N ARG B 10 -5.01 54.80 -39.04
CA ARG B 10 -4.05 53.83 -38.55
C ARG B 10 -4.57 52.41 -38.62
N LEU B 11 -5.87 52.20 -38.42
CA LEU B 11 -6.42 50.86 -38.58
C LEU B 11 -6.28 50.41 -40.03
N GLN B 12 -6.56 51.31 -40.98
CA GLN B 12 -6.42 50.94 -42.39
C GLN B 12 -4.97 50.64 -42.73
N LEU B 13 -4.04 51.43 -42.19
CA LEU B 13 -2.61 51.18 -42.42
C LEU B 13 -2.19 49.82 -41.86
N SER B 14 -2.65 49.50 -40.65
CA SER B 14 -2.33 48.22 -40.04
C SER B 14 -2.89 47.07 -40.87
N LEU B 15 -4.09 47.24 -41.42
CA LEU B 15 -4.68 46.20 -42.26
C LEU B 15 -3.88 46.01 -43.55
N ASP B 16 -3.40 47.11 -44.12
CA ASP B 16 -2.56 47.01 -45.31
C ASP B 16 -1.26 46.27 -45.00
N LYS B 17 -0.64 46.60 -43.85
CA LYS B 17 0.55 45.86 -43.43
C LYS B 17 0.25 44.38 -43.25
N LEU B 18 -0.91 44.06 -42.68
CA LEU B 18 -1.27 42.65 -42.49
C LEU B 18 -1.47 41.94 -43.81
N GLY B 19 -2.03 42.63 -44.82
CA GLY B 19 -2.16 42.02 -46.13
C GLY B 19 -0.81 41.73 -46.78
N ASP B 20 0.12 42.69 -46.71
CA ASP B 20 1.45 42.45 -47.23
C ASP B 20 2.12 41.29 -46.50
N TRP B 21 1.92 41.23 -45.17
CA TRP B 21 2.44 40.14 -44.37
C TRP B 21 1.85 38.81 -44.80
N GLU B 22 0.56 38.77 -45.10
CA GLU B 22 -0.08 37.52 -45.50
C GLU B 22 0.50 37.01 -46.81
N LYS B 23 0.74 37.93 -47.76
CA LYS B 23 1.34 37.51 -49.02
C LYS B 23 2.75 36.95 -48.81
N GLU B 24 3.57 37.66 -48.03
CA GLU B 24 4.91 37.17 -47.76
C GLU B 24 4.88 35.84 -47.01
N MET B 25 3.94 35.69 -46.08
CA MET B 25 3.80 34.46 -45.31
C MET B 25 3.44 33.28 -46.20
N SER B 26 2.54 33.50 -47.16
CA SER B 26 2.20 32.45 -48.12
C SER B 26 3.42 32.02 -48.93
N GLN B 27 4.23 33.00 -49.36
CA GLN B 27 5.45 32.66 -50.10
C GLN B 27 6.38 31.82 -49.23
N VAL B 28 6.53 32.19 -47.96
CA VAL B 28 7.42 31.46 -47.05
C VAL B 28 6.93 30.03 -46.83
N GLU B 29 5.62 29.87 -46.62
CA GLU B 29 5.06 28.54 -46.40
C GLU B 29 5.22 27.67 -47.64
N ARG B 30 5.05 28.24 -48.83
CA ARG B 30 5.29 27.49 -50.05
C ARG B 30 6.74 26.99 -50.10
N GLU B 31 7.69 27.87 -49.76
CA GLU B 31 9.09 27.46 -49.80
C GLU B 31 9.35 26.33 -48.80
N ALA B 32 8.79 26.44 -47.60
CA ALA B 32 9.01 25.41 -46.58
C ALA B 32 8.43 24.06 -47.01
N GLU B 33 7.23 24.08 -47.60
CA GLU B 33 6.62 22.83 -48.06
C GLU B 33 7.42 22.22 -49.21
N ILE B 34 7.95 23.05 -50.11
CA ILE B 34 8.78 22.52 -51.19
C ILE B 34 10.03 21.86 -50.60
N TYR B 35 10.60 22.48 -49.56
CA TYR B 35 11.73 21.85 -48.87
C TYR B 35 11.35 20.49 -48.29
N ARG B 36 10.17 20.41 -47.66
CA ARG B 36 9.74 19.14 -47.07
C ARG B 36 9.59 18.06 -48.15
N ILE B 37 8.98 18.42 -49.28
CA ILE B 37 8.79 17.47 -50.37
C ILE B 37 10.12 16.99 -50.91
N LYS B 38 11.06 17.93 -51.08
CA LYS B 38 12.38 17.58 -51.60
C LYS B 38 13.13 16.66 -50.64
N LYS B 39 12.99 16.90 -49.33
CA LYS B 39 13.66 16.06 -48.35
C LYS B 39 12.98 14.70 -48.14
N THR B 40 11.69 14.61 -48.42
CA THR B 40 10.95 13.37 -48.14
C THR B 40 10.83 12.43 -49.33
N GLN B 41 10.92 12.94 -50.57
CA GLN B 41 10.76 12.05 -51.72
C GLN B 41 11.80 10.93 -51.77
N PRO B 42 13.11 11.17 -51.58
CA PRO B 42 14.07 10.05 -51.62
C PRO B 42 13.79 8.99 -50.57
N MET B 43 13.28 9.37 -49.41
CA MET B 43 12.93 8.37 -48.42
C MET B 43 11.82 7.46 -48.94
N TYR B 44 10.85 8.03 -49.65
CA TYR B 44 9.80 7.20 -50.21
C TYR B 44 10.32 6.36 -51.37
N ALA B 45 11.36 6.82 -52.07
CA ALA B 45 12.01 5.99 -53.07
C ALA B 45 12.68 4.77 -52.43
N LYS B 46 13.40 4.98 -51.32
CA LYS B 46 13.97 3.85 -50.59
C LYS B 46 12.87 2.90 -50.10
N ARG B 47 11.76 3.47 -49.62
CA ARG B 47 10.65 2.62 -49.18
C ARG B 47 10.05 1.84 -50.33
N ARG B 48 9.96 2.44 -51.52
CA ARG B 48 9.48 1.68 -52.67
C ARG B 48 10.40 0.52 -52.98
N SER B 49 11.71 0.75 -52.95
CA SER B 49 12.65 -0.33 -53.20
C SER B 49 12.50 -1.45 -52.16
N ILE B 50 12.27 -1.08 -50.90
CA ILE B 50 12.07 -2.09 -49.86
C ILE B 50 10.74 -2.83 -50.06
N LEU B 51 9.68 -2.09 -50.40
CA LEU B 51 8.36 -2.69 -50.50
C LEU B 51 8.24 -3.60 -51.71
N LYS B 52 9.00 -3.33 -52.77
CA LYS B 52 9.01 -4.26 -53.89
C LYS B 52 9.49 -5.64 -53.47
N GLU B 53 10.24 -5.72 -52.36
CA GLU B 53 10.65 -7.01 -51.82
C GLU B 53 9.48 -7.75 -51.20
N ILE B 54 8.56 -7.04 -50.57
CA ILE B 54 7.45 -7.67 -49.85
C ILE B 54 6.38 -8.13 -50.85
N PRO B 55 5.97 -9.40 -50.83
CA PRO B 55 5.01 -9.90 -51.81
C PRO B 55 3.58 -9.54 -51.44
N LYS B 56 2.82 -9.04 -52.42
CA LYS B 56 1.41 -8.71 -52.28
C LYS B 56 1.16 -7.73 -51.13
N PHE B 57 2.12 -6.85 -50.90
CA PHE B 57 1.97 -5.83 -49.86
C PHE B 57 0.80 -4.90 -50.21
N TRP B 58 0.81 -4.36 -51.42
CA TRP B 58 -0.20 -3.39 -51.81
C TRP B 58 -1.58 -4.03 -51.94
N TYR B 59 -1.65 -5.31 -52.35
CA TYR B 59 -2.95 -5.98 -52.35
C TYR B 59 -3.54 -6.03 -50.95
N ILE B 60 -2.73 -6.37 -49.96
CA ILE B 60 -3.22 -6.43 -48.59
C ILE B 60 -3.69 -5.05 -48.14
N VAL B 61 -2.87 -4.02 -48.41
CA VAL B 61 -3.22 -2.67 -48.00
C VAL B 61 -4.52 -2.23 -48.64
N LEU B 62 -4.69 -2.50 -49.94
CA LEU B 62 -5.88 -2.03 -50.64
C LEU B 62 -7.12 -2.82 -50.25
N ALA B 63 -6.99 -4.14 -50.11
CA ALA B 63 -8.15 -4.97 -49.82
C ALA B 63 -8.68 -4.76 -48.41
N GLU B 64 -7.78 -4.57 -47.43
CA GLU B 64 -8.27 -4.40 -46.06
C GLU B 64 -8.96 -3.05 -45.88
N ASN B 65 -8.51 -2.02 -46.61
CA ASN B 65 -9.03 -0.68 -46.41
C ASN B 65 -10.47 -0.58 -46.91
N ASP B 66 -11.34 -0.04 -46.06
CA ASP B 66 -12.75 0.14 -46.41
C ASP B 66 -12.98 1.41 -47.19
N ASP B 67 -12.21 2.46 -46.91
CA ASP B 67 -12.33 3.72 -47.65
C ASP B 67 -12.09 3.51 -49.14
N PHE B 68 -11.06 2.74 -49.48
CA PHE B 68 -10.70 2.53 -50.87
C PHE B 68 -11.76 1.74 -51.64
N ALA B 69 -12.30 0.68 -51.03
CA ALA B 69 -13.28 -0.16 -51.71
C ALA B 69 -14.56 0.58 -52.08
N ASP B 70 -14.85 1.69 -51.39
CA ASP B 70 -16.05 2.47 -51.70
C ASP B 70 -15.97 3.14 -53.08
N TYR B 71 -14.77 3.54 -53.54
CA TYR B 71 -14.65 4.30 -54.77
C TYR B 71 -14.70 3.43 -56.03
N ILE B 72 -14.59 2.12 -55.90
CA ILE B 72 -14.44 1.22 -57.04
C ILE B 72 -15.55 0.19 -57.04
N SER B 73 -15.72 -0.46 -58.19
CA SER B 73 -16.59 -1.62 -58.25
C SER B 73 -15.94 -2.79 -57.52
N PRO B 74 -16.72 -3.64 -56.87
CA PRO B 74 -16.12 -4.78 -56.14
C PRO B 74 -15.34 -5.74 -57.01
N ASP B 75 -15.80 -6.00 -58.25
CA ASP B 75 -15.10 -6.98 -59.08
C ASP B 75 -13.68 -6.56 -59.39
N ASP B 76 -13.40 -5.25 -59.38
CA ASP B 76 -12.06 -4.77 -59.69
C ASP B 76 -11.07 -5.30 -58.66
N LEU B 77 -11.54 -5.53 -57.43
CA LEU B 77 -10.65 -5.97 -56.38
C LEU B 77 -9.93 -7.25 -56.76
N LYS B 78 -10.63 -8.14 -57.50
CA LYS B 78 -10.02 -9.40 -57.90
C LYS B 78 -8.68 -9.18 -58.59
N TYR B 79 -8.58 -8.15 -59.42
CA TYR B 79 -7.35 -7.91 -60.17
C TYR B 79 -6.31 -7.18 -59.34
N LEU B 80 -6.75 -6.40 -58.36
CA LEU B 80 -5.81 -5.66 -57.52
C LEU B 80 -4.93 -6.58 -56.70
N GLU B 81 -5.23 -7.89 -56.69
CA GLU B 81 -4.34 -8.86 -56.06
C GLU B 81 -2.94 -8.80 -56.64
N TYR B 82 -2.82 -8.39 -57.90
CA TYR B 82 -1.56 -8.48 -58.61
C TYR B 82 -0.88 -7.13 -58.79
N ILE B 83 -0.99 -6.28 -57.76
CA ILE B 83 -0.28 -5.00 -57.73
C ILE B 83 0.95 -5.18 -56.85
N ASP B 84 2.13 -4.95 -57.42
CA ASP B 84 3.38 -5.10 -56.66
C ASP B 84 4.00 -3.77 -56.25
N ASP B 85 3.59 -2.65 -56.83
CA ASP B 85 4.21 -1.38 -56.46
C ASP B 85 3.29 -0.22 -56.79
N ILE B 86 3.12 0.68 -55.81
CA ILE B 86 2.46 1.97 -55.97
C ILE B 86 3.42 3.06 -55.52
N TYR B 87 3.60 4.09 -56.34
CA TYR B 87 4.56 5.15 -56.06
C TYR B 87 3.93 6.51 -56.35
N VAL B 88 4.32 7.51 -55.55
CA VAL B 88 3.87 8.90 -55.73
C VAL B 88 5.10 9.79 -55.86
N TYR B 89 5.15 10.59 -56.94
CA TYR B 89 6.27 11.46 -57.23
C TYR B 89 5.77 12.90 -57.40
N TYR B 90 6.41 13.84 -56.72
CA TYR B 90 6.01 15.24 -56.83
C TYR B 90 6.98 16.00 -57.74
N PRO B 91 6.55 16.42 -58.94
CA PRO B 91 7.49 17.01 -59.91
C PRO B 91 8.03 18.38 -59.55
N ILE B 92 7.59 18.98 -58.44
CA ILE B 92 8.17 20.25 -58.03
C ILE B 92 9.63 20.10 -57.65
N VAL B 93 10.06 18.87 -57.38
CA VAL B 93 11.44 18.64 -56.95
C VAL B 93 12.44 19.04 -58.03
N ASP B 94 12.19 18.63 -59.27
CA ASP B 94 13.16 18.83 -60.33
C ASP B 94 12.95 20.08 -61.18
N ASP B 95 11.74 20.27 -61.72
CA ASP B 95 11.55 21.25 -62.77
C ASP B 95 10.76 22.49 -62.38
N GLU B 96 10.17 22.53 -61.19
CA GLU B 96 9.23 23.60 -60.84
C GLU B 96 8.20 23.71 -61.97
N ALA B 97 7.58 22.56 -62.29
CA ALA B 97 6.72 22.43 -63.45
C ALA B 97 5.55 23.39 -63.45
N GLY B 98 4.65 23.23 -62.49
CA GLY B 98 3.50 24.10 -62.41
C GLY B 98 3.30 24.55 -61.00
N HIS B 99 2.16 24.18 -60.45
CA HIS B 99 1.90 24.36 -59.04
C HIS B 99 2.65 23.29 -58.27
N PHE B 100 3.15 23.67 -57.09
CA PHE B 100 4.01 22.76 -56.33
C PHE B 100 3.27 21.54 -55.82
N LYS B 101 1.94 21.52 -55.90
CA LYS B 101 1.14 20.39 -55.45
C LYS B 101 0.91 19.34 -56.53
N ASP B 102 1.45 19.53 -57.74
CA ASP B 102 1.33 18.55 -58.80
C ASP B 102 1.92 17.22 -58.37
N PHE B 103 1.29 16.11 -58.78
CA PHE B 103 1.80 14.81 -58.35
C PHE B 103 1.44 13.73 -59.38
N ASN B 104 2.32 12.73 -59.48
CA ASN B 104 2.17 11.63 -60.41
C ASN B 104 2.10 10.32 -59.62
N ILE B 105 1.11 9.48 -59.94
CA ILE B 105 0.94 8.19 -59.29
C ILE B 105 1.27 7.09 -60.29
N THR B 106 2.16 6.18 -59.90
CA THR B 106 2.59 5.05 -60.73
C THR B 106 2.14 3.75 -60.08
N VAL B 107 1.39 2.95 -60.84
CA VAL B 107 0.92 1.63 -60.41
C VAL B 107 1.52 0.58 -61.33
N THR B 108 2.14 -0.44 -60.75
CA THR B 108 2.78 -1.51 -61.51
C THR B 108 2.04 -2.82 -61.24
N PHE B 109 1.72 -3.55 -62.31
CA PHE B 109 1.10 -4.87 -62.21
C PHE B 109 2.12 -5.99 -62.42
N GLY B 110 2.12 -6.94 -61.49
CA GLY B 110 3.02 -8.07 -61.52
C GLY B 110 2.54 -9.20 -62.42
N LYS B 111 3.22 -10.34 -62.30
CA LYS B 111 2.97 -11.49 -63.15
C LYS B 111 1.64 -12.15 -62.79
N ASN B 112 0.70 -12.18 -63.74
CA ASN B 112 -0.61 -12.75 -63.49
C ASN B 112 -1.27 -13.10 -64.81
N PRO B 113 -2.21 -14.05 -64.82
CA PRO B 113 -2.89 -14.42 -66.07
C PRO B 113 -4.03 -13.49 -66.48
N TYR B 114 -4.53 -12.62 -65.60
CA TYR B 114 -5.79 -11.92 -65.83
C TYR B 114 -5.64 -10.53 -66.43
N ILE B 115 -4.60 -9.78 -66.08
CA ILE B 115 -4.40 -8.45 -66.65
C ILE B 115 -2.94 -8.31 -67.06
N PRO B 116 -2.64 -7.79 -68.26
CA PRO B 116 -1.25 -7.75 -68.71
C PRO B 116 -0.38 -6.88 -67.80
N GLU B 117 0.87 -7.33 -67.62
CA GLU B 117 1.85 -6.58 -66.84
C GLU B 117 2.09 -5.21 -67.47
N GLN B 118 2.08 -4.18 -66.65
CA GLN B 118 2.24 -2.82 -67.15
C GLN B 118 2.62 -1.90 -65.99
N GLU B 119 3.02 -0.69 -66.34
CA GLU B 119 3.29 0.38 -65.39
C GLU B 119 2.57 1.62 -65.87
N ILE B 120 1.61 2.10 -65.09
CA ILE B 120 0.75 3.20 -65.48
C ILE B 120 1.06 4.38 -64.57
N THR B 121 1.46 5.50 -65.17
CA THR B 121 1.76 6.71 -64.43
C THR B 121 0.77 7.80 -64.85
N LYS B 122 -0.09 8.20 -63.92
CA LYS B 122 -1.08 9.24 -64.16
C LYS B 122 -0.67 10.51 -63.43
N LYS B 123 -0.68 11.63 -64.15
CA LYS B 123 -0.18 12.91 -63.65
C LYS B 123 -1.34 13.84 -63.35
N PHE B 124 -1.29 14.50 -62.19
CA PHE B 124 -2.31 15.42 -61.72
C PHE B 124 -1.70 16.80 -61.53
N LYS B 125 -2.39 17.83 -61.99
CA LYS B 125 -1.97 19.22 -61.89
C LYS B 125 -3.00 20.06 -61.14
N ILE B 126 -2.51 21.16 -60.56
CA ILE B 126 -3.33 22.10 -59.81
C ILE B 126 -3.53 23.37 -60.61
N VAL B 127 -4.79 23.81 -60.71
CA VAL B 127 -5.18 25.01 -61.44
C VAL B 127 -5.77 26.00 -60.44
N ILE B 128 -5.35 27.26 -60.53
CA ILE B 128 -5.84 28.30 -59.63
C ILE B 128 -7.19 28.78 -60.14
N GLN B 129 -8.24 28.49 -59.37
CA GLN B 129 -9.61 28.92 -59.70
C GLN B 129 -9.71 30.44 -59.67
N GLU B 130 -10.61 30.97 -60.50
CA GLU B 130 -10.76 32.42 -60.65
C GLU B 130 -11.04 33.12 -59.32
N ASP B 131 -11.71 32.45 -58.38
CA ASP B 131 -11.99 33.05 -57.09
C ASP B 131 -10.94 32.72 -56.03
N GLY B 132 -9.70 32.47 -56.44
CA GLY B 132 -8.61 32.24 -55.51
C GLY B 132 -8.30 30.78 -55.24
N ASP B 133 -9.21 29.86 -55.58
CA ASP B 133 -9.14 28.49 -55.11
C ASP B 133 -8.30 27.62 -56.04
N GLU B 134 -8.07 26.38 -55.60
CA GLU B 134 -7.30 25.41 -56.36
C GLU B 134 -8.19 24.24 -56.78
N ARG B 135 -7.93 23.72 -57.98
CA ARG B 135 -8.66 22.61 -58.58
C ARG B 135 -7.70 21.56 -59.10
N ILE B 136 -8.08 20.29 -58.95
CA ILE B 136 -7.28 19.17 -59.42
C ILE B 136 -7.76 18.73 -60.79
N VAL B 137 -6.82 18.61 -61.73
CA VAL B 137 -7.10 18.12 -63.08
C VAL B 137 -6.04 17.09 -63.45
N SER B 138 -6.30 16.35 -64.53
CA SER B 138 -5.37 15.34 -64.98
C SER B 138 -5.53 15.16 -66.48
N GLU B 139 -4.63 14.37 -67.06
CA GLU B 139 -4.68 13.99 -68.46
C GLU B 139 -5.03 12.51 -68.57
N SER B 140 -5.83 12.17 -69.58
CA SER B 140 -6.20 10.78 -69.80
C SER B 140 -4.97 9.95 -70.10
N VAL B 141 -4.90 8.76 -69.50
CA VAL B 141 -3.81 7.83 -69.72
C VAL B 141 -4.40 6.51 -70.21
N GLU B 142 -3.86 5.99 -71.30
CA GLU B 142 -4.37 4.74 -71.84
C GLU B 142 -3.93 3.59 -70.95
N VAL B 143 -4.83 2.62 -70.75
CA VAL B 143 -4.60 1.51 -69.84
C VAL B 143 -5.03 0.21 -70.49
N LYS B 144 -4.21 -0.82 -70.36
CA LYS B 144 -4.55 -2.16 -70.82
C LYS B 144 -5.47 -2.81 -69.79
N TRP B 145 -6.76 -2.87 -70.09
CA TRP B 145 -7.75 -3.39 -69.17
C TRP B 145 -7.56 -4.88 -68.98
N PRO B 146 -8.10 -5.44 -67.89
CA PRO B 146 -8.20 -6.89 -67.79
C PRO B 146 -9.05 -7.44 -68.93
N HIS B 147 -8.74 -8.66 -69.36
CA HIS B 147 -9.37 -9.21 -70.55
C HIS B 147 -10.87 -9.33 -70.39
N GLU B 148 -11.32 -9.80 -69.23
CA GLU B 148 -12.74 -10.05 -69.00
C GLU B 148 -13.61 -8.79 -69.09
N LEU B 149 -13.05 -7.61 -68.84
CA LEU B 149 -13.84 -6.39 -68.81
C LEU B 149 -13.82 -5.60 -70.12
N SER B 150 -13.15 -6.10 -71.15
CA SER B 150 -13.11 -5.39 -72.42
C SER B 150 -14.51 -5.19 -73.01
N LYS B 151 -15.47 -6.03 -72.61
CA LYS B 151 -16.84 -5.91 -73.11
C LYS B 151 -17.52 -4.65 -72.58
N ILE B 152 -17.09 -4.15 -71.42
CA ILE B 152 -17.72 -3.00 -70.78
C ILE B 152 -16.80 -1.79 -70.82
N ASN B 153 -15.68 -1.87 -71.52
CA ASN B 153 -14.76 -0.75 -71.60
C ASN B 153 -15.46 0.44 -72.26
N PRO B 154 -15.53 1.59 -71.60
CA PRO B 154 -16.20 2.75 -72.21
C PRO B 154 -15.58 3.22 -73.51
N SER B 155 -14.25 3.10 -73.65
CA SER B 155 -13.62 3.52 -74.90
C SER B 155 -14.03 2.62 -76.06
N VAL B 156 -14.11 1.31 -75.82
CA VAL B 156 -14.50 0.37 -76.87
C VAL B 156 -15.93 0.64 -77.33
N ILE B 157 -16.85 0.77 -76.38
CA ILE B 157 -18.24 1.04 -76.70
C ILE B 157 -18.41 2.42 -77.33
N LYS B 158 -17.60 3.40 -76.91
CA LYS B 158 -17.68 4.73 -77.51
C LYS B 158 -17.20 4.72 -78.95
N GLU B 159 -16.18 3.91 -79.26
CA GLU B 159 -15.72 3.80 -80.64
C GLU B 159 -16.68 2.99 -81.51
N LYS B 160 -17.36 2.00 -80.93
CA LYS B 160 -18.32 1.23 -81.73
C LYS B 160 -19.45 2.11 -82.25
N TYR B 161 -19.90 3.06 -81.43
CA TYR B 161 -21.06 3.90 -81.76
C TYR B 161 -20.64 5.32 -82.12
N LYS B 162 -19.50 5.47 -82.81
CA LYS B 162 -19.00 6.79 -83.21
C LYS B 162 -19.81 7.28 -84.41
N GLY B 163 -20.95 7.92 -84.12
CA GLY B 163 -21.82 8.44 -85.17
C GLY B 163 -22.12 9.92 -85.02
N ASP B 168 -27.76 6.67 -77.95
CA ASP B 168 -28.26 5.90 -79.09
C ASP B 168 -27.70 4.47 -79.05
N MET B 169 -27.31 4.02 -77.87
CA MET B 169 -26.74 2.69 -77.71
C MET B 169 -27.80 1.64 -77.44
N SER B 170 -27.42 0.38 -77.67
CA SER B 170 -28.24 -0.76 -77.30
C SER B 170 -28.27 -0.90 -75.78
N ALA B 171 -29.25 -1.66 -75.29
CA ALA B 171 -29.39 -1.84 -73.85
C ALA B 171 -28.17 -2.53 -73.26
N LYS B 172 -27.68 -3.58 -73.92
CA LYS B 172 -26.49 -4.27 -73.41
C LYS B 172 -25.28 -3.34 -73.41
N ASP B 173 -25.07 -2.60 -74.50
CA ASP B 173 -23.91 -1.72 -74.58
C ASP B 173 -24.03 -0.52 -73.66
N LYS B 174 -25.23 0.03 -73.50
CA LYS B 174 -25.41 1.13 -72.54
C LYS B 174 -25.21 0.66 -71.11
N LYS B 175 -25.75 -0.51 -70.76
CA LYS B 175 -25.54 -1.06 -69.42
C LYS B 175 -24.06 -1.33 -69.17
N ASN B 176 -23.35 -1.85 -70.17
CA ASN B 176 -21.91 -2.10 -70.01
C ASN B 176 -21.14 -0.80 -69.91
N TYR B 177 -21.59 0.25 -70.60
CA TYR B 177 -20.99 1.58 -70.44
C TYR B 177 -21.15 2.09 -69.02
N ARG B 178 -22.36 1.93 -68.46
CA ARG B 178 -22.59 2.32 -67.07
C ARG B 178 -21.71 1.52 -66.12
N LEU B 179 -21.61 0.20 -66.34
CA LEU B 179 -20.79 -0.65 -65.49
C LEU B 179 -19.31 -0.25 -65.56
N GLY B 180 -18.82 0.07 -66.77
CA GLY B 180 -17.42 0.41 -66.93
C GLY B 180 -17.05 1.79 -66.41
N MET B 181 -17.97 2.76 -66.50
CA MET B 181 -17.66 4.07 -65.93
C MET B 181 -17.56 4.02 -64.41
N LYS B 182 -18.25 3.08 -63.77
CA LYS B 182 -18.12 2.88 -62.34
C LYS B 182 -16.90 2.03 -61.97
N SER B 183 -16.24 1.43 -62.95
CA SER B 183 -15.10 0.58 -62.67
C SER B 183 -13.86 1.41 -62.35
N PHE B 184 -12.94 0.78 -61.62
CA PHE B 184 -11.70 1.44 -61.22
C PHE B 184 -10.85 1.82 -62.43
N PHE B 185 -10.85 0.97 -63.46
CA PHE B 185 -9.93 1.17 -64.57
C PHE B 185 -10.32 2.33 -65.48
N SER B 186 -11.53 2.87 -65.35
CA SER B 186 -11.86 4.10 -66.05
C SER B 186 -11.37 5.34 -65.31
N TRP B 187 -10.90 5.19 -64.07
CA TRP B 187 -10.35 6.32 -63.32
C TRP B 187 -9.14 6.92 -64.04
N PHE B 188 -8.40 6.11 -64.80
CA PHE B 188 -7.27 6.64 -65.53
C PHE B 188 -7.67 7.59 -66.64
N ASN B 189 -8.94 7.56 -67.05
CA ASN B 189 -9.45 8.46 -68.07
C ASN B 189 -10.04 9.75 -67.48
N TRP B 190 -9.85 9.97 -66.18
CA TRP B 190 -10.40 11.15 -65.52
C TRP B 190 -9.59 12.39 -65.86
N THR B 191 -10.29 13.47 -66.20
CA THR B 191 -9.65 14.75 -66.47
C THR B 191 -10.05 15.85 -65.49
N GLY B 192 -11.28 15.81 -64.95
CA GLY B 192 -11.76 16.82 -64.03
C GLY B 192 -12.44 18.02 -64.65
N GLU B 193 -12.47 18.11 -65.98
CA GLU B 193 -13.13 19.21 -66.67
C GLU B 193 -14.35 18.74 -67.47
N LYS B 194 -14.84 17.54 -67.22
CA LYS B 194 -16.04 17.00 -67.88
C LYS B 194 -16.99 16.46 -66.81
N PRO B 195 -17.64 17.35 -66.06
CA PRO B 195 -18.47 16.90 -64.95
C PRO B 195 -19.69 16.10 -65.39
N GLY B 196 -20.08 15.15 -64.54
CA GLY B 196 -21.23 14.30 -64.78
C GLY B 196 -21.04 13.26 -65.87
N LYS B 197 -20.02 13.44 -66.69
CA LYS B 197 -19.74 12.53 -67.79
C LYS B 197 -18.47 11.71 -67.59
N GLU B 198 -17.81 11.85 -66.43
CA GLU B 198 -16.55 11.16 -66.15
C GLU B 198 -16.69 10.32 -64.88
N PHE B 199 -15.60 9.63 -64.54
CA PHE B 199 -15.54 8.83 -63.32
C PHE B 199 -15.82 9.70 -62.10
N ARG B 200 -16.61 9.16 -61.17
CA ARG B 200 -17.05 9.93 -60.02
C ARG B 200 -15.94 10.11 -59.00
N ASN B 201 -15.76 11.36 -58.56
CA ASN B 201 -14.87 11.72 -57.47
C ASN B 201 -13.46 11.18 -57.71
N GLY B 202 -12.95 11.43 -58.92
CA GLY B 202 -11.60 10.98 -59.24
C GLY B 202 -10.54 11.70 -58.42
N GLU B 203 -10.76 12.99 -58.15
CA GLU B 203 -9.79 13.74 -57.35
C GLU B 203 -9.72 13.20 -55.94
N ASP B 204 -10.85 12.79 -55.39
CA ASP B 204 -10.87 12.22 -54.04
C ASP B 204 -10.10 10.90 -54.00
N LEU B 205 -10.27 10.05 -55.01
CA LEU B 205 -9.50 8.79 -55.06
C LEU B 205 -8.02 9.07 -55.26
N ALA B 206 -7.68 10.08 -56.07
CA ALA B 206 -6.28 10.44 -56.24
C ALA B 206 -5.66 10.88 -54.92
N THR B 207 -6.36 11.75 -54.19
CA THR B 207 -5.84 12.21 -52.90
C THR B 207 -5.76 11.07 -51.89
N LEU B 208 -6.74 10.16 -51.92
CA LEU B 208 -6.69 9.02 -51.00
C LEU B 208 -5.49 8.12 -51.30
N LEU B 209 -5.22 7.88 -52.59
CA LEU B 209 -4.08 7.04 -52.94
C LEU B 209 -2.75 7.75 -52.69
N SER B 210 -2.74 9.07 -52.74
CA SER B 210 -1.46 9.77 -52.63
C SER B 210 -1.09 10.19 -51.21
N GLU B 211 -2.08 10.39 -50.33
CA GLU B 211 -1.82 11.04 -49.05
C GLU B 211 -2.24 10.24 -47.82
N ASP B 212 -3.08 9.21 -47.96
CA ASP B 212 -3.50 8.42 -46.82
C ASP B 212 -3.02 6.98 -46.91
N LEU B 213 -3.38 6.28 -47.99
CA LEU B 213 -2.99 4.88 -48.12
C LEU B 213 -1.50 4.75 -48.40
N TYR B 214 -0.97 5.57 -49.31
CA TYR B 214 0.43 5.48 -49.67
C TYR B 214 1.33 5.85 -48.50
N LEU B 215 1.00 6.94 -47.79
CA LEU B 215 1.88 7.42 -46.73
C LEU B 215 1.85 6.49 -45.52
N ASN B 216 0.68 5.97 -45.19
CA ASN B 216 0.48 5.12 -44.02
C ASN B 216 0.33 3.65 -44.39
N ALA B 217 0.96 3.22 -45.49
CA ALA B 217 0.77 1.86 -45.99
C ALA B 217 1.22 0.82 -44.98
N LEU B 218 2.34 1.07 -44.28
CA LEU B 218 2.85 0.09 -43.33
C LEU B 218 1.85 -0.17 -42.21
N LYS B 219 1.22 0.89 -41.71
CA LYS B 219 0.27 0.76 -40.61
C LYS B 219 -0.95 -0.04 -41.05
N TYR B 220 -1.49 0.25 -42.23
CA TYR B 220 -2.64 -0.50 -42.73
C TYR B 220 -2.27 -1.96 -42.98
N TYR B 221 -1.04 -2.21 -43.44
CA TYR B 221 -0.58 -3.58 -43.63
C TYR B 221 -0.58 -4.36 -42.32
N ILE B 222 0.06 -3.80 -41.28
CA ILE B 222 0.13 -4.51 -40.01
C ILE B 222 -1.26 -4.71 -39.42
N ILE B 223 -2.15 -3.71 -39.56
CA ILE B 223 -3.52 -3.88 -39.12
C ILE B 223 -4.19 -5.01 -39.87
N ALA B 224 -3.95 -5.08 -41.18
CA ALA B 224 -4.55 -6.12 -42.02
C ALA B 224 -4.03 -7.50 -41.68
N LEU B 225 -2.90 -7.61 -40.99
CA LEU B 225 -2.37 -8.92 -40.60
C LEU B 225 -2.43 -9.14 -39.10
N SER B 226 -3.41 -8.51 -38.44
CA SER B 226 -3.67 -8.65 -37.03
C SER B 226 -5.13 -9.00 -36.80
N PRO B 227 -5.42 -9.74 -35.72
CA PRO B 227 -6.80 -9.98 -35.28
C PRO B 227 -7.54 -8.70 -34.94
N GLU C 7 -37.90 10.09 21.18
CA GLU C 7 -36.84 9.11 21.35
C GLU C 7 -35.75 9.31 20.29
N GLY C 8 -36.14 9.21 19.03
CA GLY C 8 -35.20 9.51 17.95
C GLY C 8 -34.72 10.94 17.98
N LYS C 9 -35.57 11.86 18.45
CA LYS C 9 -35.14 13.24 18.65
C LYS C 9 -34.06 13.34 19.72
N ARG C 10 -34.18 12.54 20.78
CA ARG C 10 -33.16 12.54 21.82
C ARG C 10 -31.84 12.02 21.28
N LEU C 11 -31.90 10.98 20.45
CA LEU C 11 -30.69 10.44 19.85
C LEU C 11 -30.04 11.45 18.91
N GLN C 12 -30.84 12.12 18.07
CA GLN C 12 -30.25 13.09 17.15
C GLN C 12 -29.63 14.26 17.90
N LEU C 13 -30.29 14.73 18.96
CA LEU C 13 -29.68 15.80 19.75
C LEU C 13 -28.35 15.33 20.36
N SER C 14 -28.34 14.12 20.91
CA SER C 14 -27.12 13.60 21.50
C SER C 14 -26.01 13.43 20.46
N LEU C 15 -26.37 12.97 19.26
CA LEU C 15 -25.37 12.78 18.21
C LEU C 15 -24.83 14.11 17.70
N ASP C 16 -25.69 15.13 17.57
CA ASP C 16 -25.22 16.45 17.16
C ASP C 16 -24.28 17.03 18.21
N LYS C 17 -24.63 16.88 19.48
CA LYS C 17 -23.73 17.30 20.55
C LYS C 17 -22.39 16.58 20.44
N LEU C 18 -22.43 15.27 20.12
CA LEU C 18 -21.21 14.50 19.98
C LEU C 18 -20.38 14.97 18.79
N GLY C 19 -21.03 15.35 17.69
CA GLY C 19 -20.28 15.86 16.54
C GLY C 19 -19.58 17.17 16.85
N ASP C 20 -20.30 18.11 17.48
CA ASP C 20 -19.66 19.34 17.89
C ASP C 20 -18.54 19.08 18.90
N TRP C 21 -18.77 18.13 19.81
CA TRP C 21 -17.72 17.75 20.76
C TRP C 21 -16.51 17.19 20.05
N GLU C 22 -16.71 16.37 19.02
CA GLU C 22 -15.59 15.79 18.29
C GLU C 22 -14.79 16.87 17.58
N LYS C 23 -15.47 17.88 17.03
CA LYS C 23 -14.76 18.98 16.39
C LYS C 23 -13.91 19.73 17.42
N GLU C 24 -14.51 20.10 18.56
CA GLU C 24 -13.74 20.83 19.57
C GLU C 24 -12.60 19.98 20.11
N MET C 25 -12.85 18.68 20.28
CA MET C 25 -11.82 17.77 20.78
C MET C 25 -10.66 17.69 19.80
N SER C 26 -10.97 17.66 18.51
CA SER C 26 -9.92 17.68 17.50
C SER C 26 -9.08 18.93 17.64
N GLN C 27 -9.73 20.08 17.84
CA GLN C 27 -8.99 21.33 18.03
C GLN C 27 -8.09 21.24 19.26
N VAL C 28 -8.61 20.71 20.36
CA VAL C 28 -7.85 20.63 21.61
C VAL C 28 -6.65 19.71 21.47
N GLU C 29 -6.85 18.54 20.86
CA GLU C 29 -5.76 17.59 20.68
C GLU C 29 -4.69 18.17 19.76
N ARG C 30 -5.11 18.88 18.71
CA ARG C 30 -4.15 19.55 17.84
C ARG C 30 -3.34 20.57 18.62
N GLU C 31 -4.00 21.34 19.48
CA GLU C 31 -3.28 22.33 20.29
C GLU C 31 -2.26 21.67 21.20
N ALA C 32 -2.64 20.55 21.83
CA ALA C 32 -1.71 19.85 22.72
C ALA C 32 -0.51 19.32 21.95
N GLU C 33 -0.74 18.77 20.75
CA GLU C 33 0.36 18.23 19.96
C GLU C 33 1.29 19.34 19.52
N ILE C 34 0.75 20.50 19.14
CA ILE C 34 1.59 21.63 18.75
C ILE C 34 2.43 22.11 19.92
N TYR C 35 1.84 22.13 21.13
CA TYR C 35 2.62 22.47 22.32
C TYR C 35 3.79 21.51 22.50
N ARG C 36 3.52 20.21 22.33
CA ARG C 36 4.60 19.22 22.48
C ARG C 36 5.71 19.44 21.46
N ILE C 37 5.35 19.69 20.20
CA ILE C 37 6.37 19.90 19.17
C ILE C 37 7.19 21.14 19.48
N LYS C 38 6.53 22.21 19.93
CA LYS C 38 7.24 23.46 20.26
C LYS C 38 8.22 23.24 21.41
N LYS C 39 7.82 22.45 22.41
CA LYS C 39 8.71 22.18 23.54
C LYS C 39 9.83 21.21 23.19
N THR C 40 9.64 20.35 22.19
CA THR C 40 10.63 19.32 21.88
C THR C 40 11.61 19.70 20.78
N GLN C 41 11.24 20.62 19.87
CA GLN C 41 12.13 20.98 18.77
C GLN C 41 13.47 21.54 19.24
N PRO C 42 13.54 22.49 20.19
CA PRO C 42 14.86 22.96 20.64
C PRO C 42 15.73 21.87 21.21
N MET C 43 15.12 20.88 21.89
CA MET C 43 15.89 19.77 22.43
C MET C 43 16.54 18.96 21.31
N TYR C 44 15.82 18.72 20.22
CA TYR C 44 16.42 18.00 19.11
C TYR C 44 17.42 18.85 18.36
N ALA C 45 17.27 20.19 18.38
CA ALA C 45 18.34 21.05 17.86
C ALA C 45 19.61 20.91 18.67
N LYS C 46 19.49 20.89 20.00
CA LYS C 46 20.64 20.65 20.86
C LYS C 46 21.25 19.27 20.59
N ARG C 47 20.40 18.26 20.39
CA ARG C 47 20.89 16.92 20.10
C ARG C 47 21.63 16.89 18.76
N ARG C 48 21.14 17.65 17.78
CA ARG C 48 21.83 17.75 16.50
C ARG C 48 23.22 18.35 16.69
N SER C 49 23.32 19.42 17.49
CA SER C 49 24.63 20.03 17.72
C SER C 49 25.56 19.06 18.42
N ILE C 50 25.04 18.27 19.36
CA ILE C 50 25.89 17.29 20.05
C ILE C 50 26.32 16.18 19.10
N LEU C 51 25.38 15.68 18.28
CA LEU C 51 25.67 14.54 17.41
C LEU C 51 26.63 14.89 16.29
N LYS C 52 26.65 16.16 15.88
CA LYS C 52 27.66 16.57 14.90
C LYS C 52 29.07 16.34 15.43
N GLU C 53 29.25 16.27 16.75
CA GLU C 53 30.54 15.96 17.34
C GLU C 53 30.92 14.50 17.11
N ILE C 54 29.95 13.61 17.12
CA ILE C 54 30.25 12.17 17.02
C ILE C 54 30.57 11.85 15.56
N PRO C 55 31.72 11.23 15.28
CA PRO C 55 32.12 10.97 13.90
C PRO C 55 31.41 9.75 13.33
N LYS C 56 30.86 9.89 12.14
CA LYS C 56 30.21 8.80 11.41
C LYS C 56 29.08 8.17 12.23
N PHE C 57 28.41 9.01 13.03
CA PHE C 57 27.30 8.54 13.85
C PHE C 57 26.15 8.03 12.99
N TRP C 58 25.72 8.86 12.04
CA TRP C 58 24.56 8.51 11.23
C TRP C 58 24.83 7.36 10.28
N TYR C 59 26.07 7.22 9.78
CA TYR C 59 26.39 6.05 8.97
C TYR C 59 26.22 4.77 9.77
N ILE C 60 26.67 4.76 11.02
CA ILE C 60 26.53 3.58 11.87
C ILE C 60 25.06 3.28 12.11
N VAL C 61 24.28 4.32 12.44
CA VAL C 61 22.86 4.12 12.72
C VAL C 61 22.14 3.58 11.48
N LEU C 62 22.46 4.12 10.31
CA LEU C 62 21.78 3.69 9.10
C LEU C 62 22.20 2.28 8.69
N ALA C 63 23.48 1.94 8.85
CA ALA C 63 23.95 0.63 8.44
C ALA C 63 23.39 -0.46 9.36
N GLU C 64 23.20 -0.17 10.65
CA GLU C 64 22.68 -1.21 11.55
C GLU C 64 21.23 -1.57 11.26
N ASN C 65 20.43 -0.61 10.83
CA ASN C 65 19.00 -0.84 10.65
C ASN C 65 18.76 -1.67 9.38
N ASP C 66 17.97 -2.74 9.51
CA ASP C 66 17.63 -3.57 8.36
C ASP C 66 16.43 -3.02 7.59
N ASP C 67 15.47 -2.42 8.31
CA ASP C 67 14.33 -1.80 7.64
C ASP C 67 14.78 -0.74 6.65
N PHE C 68 15.77 0.08 7.01
CA PHE C 68 16.25 1.11 6.10
C PHE C 68 16.92 0.49 4.87
N ALA C 69 17.78 -0.50 5.08
CA ALA C 69 18.45 -1.12 3.94
C ALA C 69 17.47 -1.82 3.02
N ASP C 70 16.28 -2.18 3.50
CA ASP C 70 15.29 -2.83 2.64
C ASP C 70 14.83 -1.91 1.52
N TYR C 71 14.76 -0.60 1.76
CA TYR C 71 14.19 0.35 0.79
C TYR C 71 15.17 0.79 -0.29
N ILE C 72 16.47 0.53 -0.14
CA ILE C 72 17.48 1.11 -1.01
C ILE C 72 18.28 0.03 -1.72
N SER C 73 18.96 0.44 -2.79
CA SER C 73 19.90 -0.45 -3.46
C SER C 73 21.12 -0.64 -2.58
N PRO C 74 21.74 -1.82 -2.61
CA PRO C 74 22.94 -2.04 -1.77
C PRO C 74 24.09 -1.11 -2.10
N ASP C 75 24.33 -0.82 -3.38
CA ASP C 75 25.45 0.01 -3.78
C ASP C 75 25.36 1.42 -3.21
N ASP C 76 24.15 1.87 -2.84
CA ASP C 76 23.98 3.20 -2.27
C ASP C 76 24.67 3.32 -0.91
N LEU C 77 24.72 2.22 -0.14
CA LEU C 77 25.16 2.31 1.25
C LEU C 77 26.54 2.94 1.38
N LYS C 78 27.45 2.63 0.44
CA LYS C 78 28.81 3.13 0.53
C LYS C 78 28.82 4.64 0.76
N TYR C 79 27.97 5.36 0.02
CA TYR C 79 28.06 6.81 0.02
C TYR C 79 27.47 7.39 1.30
N LEU C 80 26.54 6.67 1.93
CA LEU C 80 26.01 7.15 3.19
C LEU C 80 27.07 7.14 4.27
N GLU C 81 28.26 6.57 4.00
CA GLU C 81 29.36 6.68 4.96
C GLU C 81 29.66 8.15 5.26
N TYR C 82 29.38 9.05 4.34
CA TYR C 82 29.79 10.45 4.44
C TYR C 82 28.63 11.39 4.78
N ILE C 83 27.74 10.96 5.66
CA ILE C 83 26.64 11.78 6.17
C ILE C 83 27.03 12.33 7.54
N ASP C 84 26.99 13.65 7.69
CA ASP C 84 27.34 14.27 8.97
C ASP C 84 26.14 14.71 9.79
N ASP C 85 24.96 14.84 9.19
CA ASP C 85 23.81 15.31 9.95
C ASP C 85 22.51 14.92 9.26
N ILE C 86 21.58 14.39 10.03
CA ILE C 86 20.18 14.24 9.65
C ILE C 86 19.33 14.97 10.67
N TYR C 87 18.45 15.84 10.20
CA TYR C 87 17.64 16.65 11.09
C TYR C 87 16.21 16.64 10.61
N VAL C 88 15.28 16.69 11.57
CA VAL C 88 13.85 16.74 11.27
C VAL C 88 13.31 18.01 11.90
N TYR C 89 12.64 18.83 11.10
CA TYR C 89 12.14 20.13 11.54
C TYR C 89 10.64 20.19 11.27
N TYR C 90 9.87 20.54 12.29
CA TYR C 90 8.44 20.67 12.11
C TYR C 90 8.13 22.16 11.99
N PRO C 91 7.77 22.66 10.81
CA PRO C 91 7.62 24.11 10.63
C PRO C 91 6.43 24.71 11.34
N ILE C 92 5.61 23.90 12.02
CA ILE C 92 4.52 24.44 12.83
C ILE C 92 5.08 25.25 14.00
N VAL C 93 6.36 25.06 14.34
CA VAL C 93 6.98 25.83 15.41
C VAL C 93 6.97 27.32 15.06
N ASP C 94 7.16 27.63 13.79
CA ASP C 94 7.16 29.03 13.33
C ASP C 94 5.75 29.55 13.14
N ASP C 95 4.77 28.63 13.02
CA ASP C 95 3.36 28.95 12.76
C ASP C 95 3.17 29.53 11.36
N GLU C 96 3.66 28.81 10.36
CA GLU C 96 3.54 29.19 8.98
C GLU C 96 2.21 28.64 8.45
N ALA C 97 2.03 28.60 7.14
CA ALA C 97 0.75 28.19 6.54
C ALA C 97 0.90 26.73 6.11
N GLY C 98 0.63 25.83 7.06
CA GLY C 98 0.75 24.41 6.79
C GLY C 98 0.10 23.56 7.85
N HIS C 99 -0.17 22.31 7.48
CA HIS C 99 -0.61 21.29 8.43
C HIS C 99 0.43 21.12 9.53
N PHE C 100 -0.03 20.86 10.76
CA PHE C 100 0.90 20.79 11.87
C PHE C 100 1.78 19.54 11.81
N LYS C 101 1.42 18.54 11.01
CA LYS C 101 2.23 17.34 10.85
C LYS C 101 3.25 17.47 9.71
N ASP C 102 3.25 18.58 8.98
CA ASP C 102 4.25 18.81 7.96
C ASP C 102 5.65 18.79 8.57
N PHE C 103 6.61 18.24 7.84
CA PHE C 103 7.95 18.12 8.38
C PHE C 103 8.99 18.13 7.27
N ASN C 104 10.17 18.65 7.59
CA ASN C 104 11.28 18.76 6.64
C ASN C 104 12.44 17.92 7.15
N ILE C 105 13.02 17.12 6.25
CA ILE C 105 14.16 16.27 6.55
C ILE C 105 15.37 16.86 5.85
N THR C 106 16.43 17.13 6.62
CA THR C 106 17.65 17.70 6.11
C THR C 106 18.77 16.66 6.25
N VAL C 107 19.39 16.32 5.12
CA VAL C 107 20.51 15.39 5.05
C VAL C 107 21.72 16.17 4.55
N THR C 108 22.81 16.14 5.31
CA THR C 108 24.01 16.86 4.93
C THR C 108 25.15 15.89 4.63
N PHE C 109 25.76 16.04 3.46
CA PHE C 109 26.94 15.30 3.04
C PHE C 109 28.15 16.19 3.19
N GLY C 110 29.17 15.70 3.92
CA GLY C 110 30.39 16.44 4.10
C GLY C 110 31.33 16.25 2.92
N LYS C 111 32.53 16.81 3.05
CA LYS C 111 33.48 16.75 1.95
C LYS C 111 34.04 15.35 1.82
N ASN C 112 33.91 14.77 0.63
CA ASN C 112 34.37 13.42 0.34
C ASN C 112 34.58 13.32 -1.17
N PRO C 113 35.41 12.38 -1.63
CA PRO C 113 35.67 12.26 -3.08
C PRO C 113 34.56 11.62 -3.89
N TYR C 114 33.63 10.93 -3.23
CA TYR C 114 32.67 10.07 -3.90
C TYR C 114 31.33 10.75 -4.18
N ILE C 115 30.87 11.60 -3.28
CA ILE C 115 29.64 12.36 -3.49
C ILE C 115 29.88 13.80 -3.06
N PRO C 116 29.52 14.79 -3.88
CA PRO C 116 29.84 16.18 -3.54
C PRO C 116 29.16 16.66 -2.27
N GLU C 117 29.88 17.53 -1.55
CA GLU C 117 29.39 18.14 -0.33
C GLU C 117 28.09 18.91 -0.59
N GLN C 118 27.09 18.67 0.25
CA GLN C 118 25.82 19.33 0.02
C GLN C 118 24.94 19.24 1.27
N GLU C 119 23.87 20.04 1.25
CA GLU C 119 22.84 19.99 2.28
C GLU C 119 21.49 19.97 1.59
N ILE C 120 20.76 18.87 1.75
CA ILE C 120 19.50 18.63 1.04
C ILE C 120 18.38 18.66 2.05
N THR C 121 17.42 19.56 1.86
CA THR C 121 16.25 19.64 2.72
C THR C 121 15.02 19.33 1.88
N LYS C 122 14.38 18.22 2.18
CA LYS C 122 13.18 17.77 1.49
C LYS C 122 11.99 17.96 2.41
N LYS C 123 10.94 18.61 1.90
CA LYS C 123 9.80 19.00 2.70
C LYS C 123 8.62 18.08 2.39
N PHE C 124 7.96 17.60 3.45
CA PHE C 124 6.81 16.72 3.32
C PHE C 124 5.60 17.40 3.93
N LYS C 125 4.49 17.30 3.21
CA LYS C 125 3.22 17.87 3.57
C LYS C 125 2.18 16.77 3.72
N ILE C 126 1.16 17.05 4.52
CA ILE C 126 0.07 16.12 4.78
C ILE C 126 -1.16 16.60 4.02
N VAL C 127 -1.76 15.70 3.25
CA VAL C 127 -2.96 15.98 2.48
C VAL C 127 -4.06 15.09 3.01
N ILE C 128 -5.21 15.68 3.32
CA ILE C 128 -6.36 14.92 3.80
C ILE C 128 -7.13 14.42 2.58
N GLN C 129 -7.07 13.11 2.33
CA GLN C 129 -7.84 12.51 1.25
C GLN C 129 -9.32 12.56 1.56
N GLU C 130 -10.12 12.67 0.50
CA GLU C 130 -11.58 12.73 0.64
C GLU C 130 -12.14 11.55 1.40
N ASP C 131 -11.46 10.40 1.36
CA ASP C 131 -11.92 9.19 2.05
C ASP C 131 -11.38 9.08 3.47
N GLY C 132 -11.12 10.20 4.14
CA GLY C 132 -10.76 10.14 5.54
C GLY C 132 -9.28 10.19 5.89
N ASP C 133 -8.46 9.45 5.15
CA ASP C 133 -7.10 9.17 5.62
C ASP C 133 -6.16 10.32 5.30
N GLU C 134 -4.93 10.19 5.79
CA GLU C 134 -3.88 11.17 5.58
C GLU C 134 -2.88 10.62 4.57
N ARG C 135 -2.35 11.49 3.74
CA ARG C 135 -1.43 11.09 2.68
C ARG C 135 -0.20 11.99 2.76
N ILE C 136 0.96 11.42 2.54
CA ILE C 136 2.20 12.16 2.54
C ILE C 136 2.55 12.55 1.11
N VAL C 137 2.87 13.84 0.92
CA VAL C 137 3.31 14.34 -0.38
C VAL C 137 4.57 15.15 -0.15
N SER C 138 5.29 15.43 -1.22
CA SER C 138 6.52 16.18 -1.11
C SER C 138 6.79 16.92 -2.41
N GLU C 139 7.81 17.78 -2.36
CA GLU C 139 8.30 18.49 -3.52
C GLU C 139 9.64 17.89 -3.89
N SER C 140 9.89 17.74 -5.18
CA SER C 140 11.17 17.20 -5.60
C SER C 140 12.29 18.14 -5.20
N VAL C 141 13.37 17.58 -4.69
CA VAL C 141 14.56 18.35 -4.35
C VAL C 141 15.73 17.75 -5.11
N GLU C 142 16.43 18.58 -5.85
CA GLU C 142 17.55 18.11 -6.64
C GLU C 142 18.76 17.81 -5.75
N VAL C 143 19.49 16.77 -6.12
CA VAL C 143 20.61 16.27 -5.36
C VAL C 143 21.77 16.02 -6.31
N LYS C 144 22.96 16.42 -5.90
CA LYS C 144 24.17 16.11 -6.64
C LYS C 144 24.54 14.66 -6.32
N TRP C 145 24.30 13.79 -7.29
CA TRP C 145 24.50 12.36 -7.14
C TRP C 145 25.98 12.02 -6.98
N PRO C 146 26.28 10.83 -6.42
CA PRO C 146 27.66 10.36 -6.47
C PRO C 146 28.13 10.22 -7.91
N HIS C 147 29.42 10.47 -8.12
CA HIS C 147 29.95 10.47 -9.48
C HIS C 147 29.81 9.11 -10.13
N GLU C 148 30.14 8.04 -9.39
CA GLU C 148 30.07 6.70 -9.94
C GLU C 148 28.65 6.34 -10.37
N LEU C 149 27.65 7.00 -9.80
CA LEU C 149 26.25 6.70 -10.08
C LEU C 149 25.66 7.61 -11.14
N SER C 150 26.46 8.52 -11.72
CA SER C 150 25.95 9.41 -12.76
C SER C 150 25.43 8.64 -13.97
N LYS C 151 25.88 7.40 -14.16
CA LYS C 151 25.42 6.60 -15.29
C LYS C 151 23.94 6.22 -15.15
N ILE C 152 23.42 6.15 -13.92
CA ILE C 152 22.08 5.62 -13.68
C ILE C 152 21.10 6.71 -13.21
N ASN C 153 21.51 7.97 -13.22
CA ASN C 153 20.60 9.01 -12.78
C ASN C 153 19.38 9.04 -13.70
N PRO C 154 18.17 8.82 -13.18
CA PRO C 154 16.99 8.85 -14.04
C PRO C 154 16.75 10.20 -14.68
N SER C 155 17.09 11.29 -14.00
CA SER C 155 16.90 12.61 -14.59
C SER C 155 17.79 12.81 -15.81
N VAL C 156 19.04 12.33 -15.73
CA VAL C 156 19.96 12.46 -16.86
C VAL C 156 19.45 11.68 -18.06
N ILE C 157 19.05 10.42 -17.84
CA ILE C 157 18.56 9.58 -18.92
C ILE C 157 17.27 10.14 -19.49
N LYS C 158 16.43 10.73 -18.63
CA LYS C 158 15.21 11.35 -19.10
C LYS C 158 15.50 12.58 -19.94
N GLU C 159 16.58 13.30 -19.63
CA GLU C 159 16.98 14.44 -20.46
C GLU C 159 17.50 13.95 -21.80
N LYS C 160 18.13 12.78 -21.83
CA LYS C 160 18.57 12.20 -23.09
C LYS C 160 17.39 11.91 -24.00
N TYR C 161 16.28 11.46 -23.43
CA TYR C 161 15.09 11.06 -24.17
C TYR C 161 13.97 12.08 -24.04
N LYS C 162 14.30 13.37 -24.03
CA LYS C 162 13.28 14.41 -23.92
C LYS C 162 12.45 14.45 -25.20
N GLY C 163 11.13 14.35 -25.03
CA GLY C 163 10.24 14.32 -26.17
C GLY C 163 10.24 13.03 -26.95
N LYS C 164 10.69 11.93 -26.33
CA LYS C 164 10.77 10.63 -26.98
C LYS C 164 10.01 9.60 -26.14
N ASP C 165 9.67 8.49 -26.80
CA ASP C 165 8.92 7.42 -26.13
C ASP C 165 9.82 6.69 -25.14
N LYS C 166 9.29 6.45 -23.92
CA LYS C 166 10.04 5.71 -22.92
C LYS C 166 10.32 4.28 -23.38
N LYS C 167 9.39 3.68 -24.14
CA LYS C 167 9.60 2.34 -24.67
C LYS C 167 10.78 2.28 -25.63
N ASP C 168 11.16 3.41 -26.23
CA ASP C 168 12.14 3.45 -27.30
C ASP C 168 13.55 3.74 -26.82
N MET C 169 13.87 3.40 -25.56
CA MET C 169 15.21 3.63 -25.05
C MET C 169 16.09 2.44 -25.43
N SER C 170 17.40 2.64 -25.35
CA SER C 170 18.31 1.53 -25.53
C SER C 170 18.20 0.58 -24.35
N ALA C 171 18.69 -0.65 -24.55
CA ALA C 171 18.61 -1.63 -23.47
C ALA C 171 19.41 -1.16 -22.26
N LYS C 172 20.63 -0.64 -22.50
CA LYS C 172 21.43 -0.13 -21.40
C LYS C 172 20.75 1.03 -20.67
N ASP C 173 20.16 1.96 -21.42
CA ASP C 173 19.53 3.10 -20.76
C ASP C 173 18.31 2.67 -19.98
N LYS C 174 17.54 1.71 -20.49
CA LYS C 174 16.40 1.20 -19.72
C LYS C 174 16.85 0.49 -18.45
N LYS C 175 17.90 -0.33 -18.56
CA LYS C 175 18.42 -1.00 -17.36
C LYS C 175 18.91 0.01 -16.33
N ASN C 176 19.65 1.03 -16.78
CA ASN C 176 20.17 2.02 -15.86
C ASN C 176 19.08 2.90 -15.29
N TYR C 177 18.04 3.19 -16.06
CA TYR C 177 16.89 3.93 -15.53
C TYR C 177 16.22 3.14 -14.42
N ARG C 178 16.00 1.84 -14.64
CA ARG C 178 15.41 1.01 -13.59
C ARG C 178 16.32 0.96 -12.36
N LEU C 179 17.63 0.81 -12.57
CA LEU C 179 18.55 0.76 -11.44
C LEU C 179 18.55 2.06 -10.65
N GLY C 180 18.51 3.20 -11.34
CA GLY C 180 18.54 4.48 -10.66
C GLY C 180 17.24 4.80 -9.96
N MET C 181 16.11 4.37 -10.53
CA MET C 181 14.84 4.53 -9.84
C MET C 181 14.79 3.70 -8.57
N LYS C 182 15.54 2.60 -8.52
CA LYS C 182 15.66 1.83 -7.30
C LYS C 182 16.71 2.40 -6.35
N SER C 183 17.49 3.39 -6.79
CA SER C 183 18.52 3.96 -5.93
C SER C 183 17.92 4.88 -4.89
N PHE C 184 18.63 5.03 -3.78
CA PHE C 184 18.18 5.90 -2.69
C PHE C 184 18.10 7.34 -3.14
N PHE C 185 19.00 7.75 -4.04
CA PHE C 185 19.09 9.15 -4.44
C PHE C 185 17.93 9.59 -5.33
N SER C 186 17.12 8.66 -5.83
CA SER C 186 15.90 9.06 -6.51
C SER C 186 14.77 9.36 -5.54
N TRP C 187 14.94 9.00 -4.27
CA TRP C 187 13.92 9.30 -3.26
C TRP C 187 13.69 10.80 -3.13
N PHE C 188 14.72 11.60 -3.41
CA PHE C 188 14.57 13.04 -3.31
C PHE C 188 13.66 13.60 -4.39
N ASN C 189 13.43 12.87 -5.48
CA ASN C 189 12.50 13.30 -6.51
C ASN C 189 11.10 12.74 -6.29
N TRP C 190 10.87 12.08 -5.16
CA TRP C 190 9.57 11.51 -4.85
C TRP C 190 8.61 12.61 -4.45
N THR C 191 7.41 12.59 -5.03
CA THR C 191 6.36 13.53 -4.68
C THR C 191 5.14 12.88 -4.05
N GLY C 192 4.83 11.64 -4.40
CA GLY C 192 3.65 10.98 -3.89
C GLY C 192 2.40 11.20 -4.71
N GLU C 193 2.47 12.04 -5.73
CA GLU C 193 1.32 12.34 -6.59
C GLU C 193 1.50 11.79 -7.99
N LYS C 194 2.53 10.98 -8.22
CA LYS C 194 2.76 10.27 -9.48
C LYS C 194 3.09 8.81 -9.18
N PRO C 195 2.10 8.03 -8.74
CA PRO C 195 2.36 6.63 -8.37
C PRO C 195 2.78 5.77 -9.55
N GLY C 196 3.61 4.78 -9.26
CA GLY C 196 4.12 3.86 -10.26
C GLY C 196 5.20 4.42 -11.17
N LYS C 197 5.36 5.74 -11.19
CA LYS C 197 6.37 6.41 -12.00
C LYS C 197 7.47 7.03 -11.15
N GLU C 198 7.42 6.87 -9.83
CA GLU C 198 8.36 7.48 -8.90
C GLU C 198 9.01 6.39 -8.05
N PHE C 199 9.89 6.83 -7.15
CA PHE C 199 10.54 5.94 -6.21
C PHE C 199 9.49 5.18 -5.41
N ARG C 200 9.68 3.88 -5.29
CA ARG C 200 8.67 3.01 -4.72
C ARG C 200 8.68 3.13 -3.20
N ASN C 201 7.49 3.34 -2.63
CA ASN C 201 7.28 3.40 -1.18
C ASN C 201 8.15 4.48 -0.54
N GLY C 202 8.16 5.67 -1.16
CA GLY C 202 8.92 6.78 -0.61
C GLY C 202 8.35 7.29 0.70
N GLU C 203 7.02 7.28 0.83
CA GLU C 203 6.38 7.76 2.04
C GLU C 203 6.75 6.90 3.25
N ASP C 204 6.87 5.59 3.04
CA ASP C 204 7.29 4.71 4.13
C ASP C 204 8.72 5.04 4.57
N LEU C 205 9.60 5.32 3.61
CA LEU C 205 10.96 5.69 3.96
C LEU C 205 10.99 7.02 4.70
N ALA C 206 10.12 7.96 4.32
CA ALA C 206 10.05 9.24 5.02
C ALA C 206 9.64 9.05 6.47
N THR C 207 8.59 8.26 6.71
CA THR C 207 8.17 8.01 8.08
C THR C 207 9.23 7.24 8.86
N LEU C 208 9.94 6.33 8.19
CA LEU C 208 11.01 5.59 8.86
C LEU C 208 12.15 6.50 9.29
N LEU C 209 12.55 7.43 8.41
CA LEU C 209 13.65 8.34 8.72
C LEU C 209 13.24 9.39 9.75
N SER C 210 11.95 9.72 9.81
CA SER C 210 11.48 10.80 10.68
C SER C 210 11.01 10.33 12.05
N GLU C 211 10.55 9.08 12.19
CA GLU C 211 9.85 8.65 13.39
C GLU C 211 10.43 7.43 14.08
N ASP C 212 11.30 6.66 13.43
CA ASP C 212 11.92 5.51 14.07
C ASP C 212 13.42 5.68 14.23
N LEU C 213 14.16 5.86 13.14
CA LEU C 213 15.61 5.96 13.22
C LEU C 213 16.04 7.25 13.91
N TYR C 214 15.41 8.36 13.53
CA TYR C 214 15.80 9.65 14.09
C TYR C 214 15.53 9.72 15.59
N LEU C 215 14.38 9.20 16.04
CA LEU C 215 14.01 9.35 17.45
C LEU C 215 14.87 8.50 18.37
N ASN C 216 15.14 7.24 18.00
CA ASN C 216 15.93 6.36 18.86
C ASN C 216 17.34 6.15 18.29
N ALA C 217 17.87 7.18 17.61
CA ALA C 217 19.15 7.03 16.93
C ALA C 217 20.27 6.69 17.91
N LEU C 218 20.27 7.31 19.09
CA LEU C 218 21.29 7.02 20.08
C LEU C 218 21.25 5.57 20.51
N LYS C 219 20.05 5.03 20.72
CA LYS C 219 19.91 3.64 21.14
C LYS C 219 20.41 2.69 20.05
N TYR C 220 20.07 2.97 18.79
CA TYR C 220 20.54 2.13 17.69
C TYR C 220 22.06 2.20 17.56
N TYR C 221 22.64 3.39 17.80
CA TYR C 221 24.09 3.54 17.77
C TYR C 221 24.77 2.69 18.84
N ILE C 222 24.27 2.79 20.07
CA ILE C 222 24.86 2.02 21.18
C ILE C 222 24.71 0.52 20.92
N ILE C 223 23.56 0.11 20.38
CA ILE C 223 23.38 -1.30 20.02
C ILE C 223 24.39 -1.71 18.94
N ALA C 224 24.61 -0.83 17.96
CA ALA C 224 25.51 -1.14 16.85
C ALA C 224 26.97 -1.21 17.28
N LEU C 225 27.34 -0.67 18.44
CA LEU C 225 28.74 -0.73 18.86
C LEU C 225 28.96 -1.56 20.13
N SER C 226 28.11 -2.56 20.39
CA SER C 226 28.28 -3.46 21.52
C SER C 226 28.19 -4.90 21.06
N PRO C 227 28.65 -5.85 21.88
CA PRO C 227 28.34 -7.27 21.63
C PRO C 227 27.03 -7.72 22.27
N LEU C 228 26.15 -8.33 21.48
CA LEU C 228 24.85 -8.78 21.97
C LEU C 228 24.92 -10.19 22.53
N GLU D 7 42.14 12.47 20.76
CA GLU D 7 41.03 12.72 19.86
C GLU D 7 39.83 11.81 20.16
N GLY D 8 40.09 10.51 20.28
CA GLY D 8 39.03 9.56 20.53
C GLY D 8 38.42 9.65 21.91
N LYS D 9 39.06 10.38 22.83
CA LYS D 9 38.53 10.54 24.18
C LYS D 9 37.43 11.59 24.24
N ARG D 10 37.30 12.43 23.20
CA ARG D 10 36.21 13.39 23.14
C ARG D 10 34.87 12.69 23.04
N LEU D 11 34.87 11.47 22.50
CA LEU D 11 33.64 10.69 22.38
C LEU D 11 32.99 10.47 23.74
N GLN D 12 33.79 10.24 24.78
CA GLN D 12 33.21 10.07 26.12
C GLN D 12 32.50 11.34 26.56
N LEU D 13 33.08 12.50 26.27
CA LEU D 13 32.42 13.77 26.57
C LEU D 13 31.11 13.89 25.80
N SER D 14 31.12 13.53 24.51
CA SER D 14 29.91 13.62 23.71
C SER D 14 28.82 12.70 24.24
N LEU D 15 29.18 11.48 24.64
CA LEU D 15 28.20 10.54 25.17
C LEU D 15 27.65 11.00 26.52
N ASP D 16 28.49 11.59 27.37
CA ASP D 16 27.99 12.14 28.63
C ASP D 16 27.01 13.28 28.37
N LYS D 17 27.32 14.14 27.40
CA LYS D 17 26.36 15.18 27.00
C LYS D 17 25.06 14.56 26.52
N LEU D 18 25.15 13.46 25.75
CA LEU D 18 23.95 12.80 25.27
C LEU D 18 23.13 12.21 26.42
N GLY D 19 23.79 11.66 27.43
CA GLY D 19 23.06 11.14 28.58
C GLY D 19 22.34 12.24 29.35
N ASP D 20 23.04 13.35 29.59
CA ASP D 20 22.39 14.48 30.25
C ASP D 20 21.23 15.01 29.41
N TRP D 21 21.43 15.07 28.09
CA TRP D 21 20.36 15.48 27.19
C TRP D 21 19.18 14.53 27.28
N GLU D 22 19.45 13.22 27.38
CA GLU D 22 18.37 12.26 27.44
C GLU D 22 17.55 12.44 28.70
N LYS D 23 18.21 12.73 29.82
CA LYS D 23 17.47 12.99 31.07
C LYS D 23 16.62 14.26 30.95
N GLU D 24 17.21 15.34 30.45
CA GLU D 24 16.44 16.58 30.29
C GLU D 24 15.28 16.39 29.32
N MET D 25 15.52 15.63 28.25
CA MET D 25 14.49 15.34 27.27
C MET D 25 13.36 14.53 27.87
N SER D 26 13.69 13.57 28.74
CA SER D 26 12.66 12.82 29.43
C SER D 26 11.80 13.75 30.27
N GLN D 27 12.43 14.70 30.97
CA GLN D 27 11.65 15.67 31.74
C GLN D 27 10.72 16.49 30.85
N VAL D 28 11.22 16.94 29.70
CA VAL D 28 10.43 17.76 28.80
C VAL D 28 9.23 16.97 28.25
N GLU D 29 9.48 15.72 27.86
CA GLU D 29 8.41 14.89 27.33
C GLU D 29 7.34 14.63 28.39
N ARG D 30 7.77 14.37 29.62
CA ARG D 30 6.79 14.16 30.69
C ARG D 30 5.93 15.40 30.90
N GLU D 31 6.54 16.58 30.93
CA GLU D 31 5.78 17.80 31.11
C GLU D 31 4.77 18.01 29.98
N ALA D 32 5.20 17.75 28.73
CA ALA D 32 4.30 17.91 27.61
C ALA D 32 3.11 16.96 27.70
N GLU D 33 3.37 15.72 28.12
CA GLU D 33 2.26 14.79 28.26
C GLU D 33 1.30 15.21 29.37
N ILE D 34 1.84 15.74 30.48
CA ILE D 34 0.96 16.22 31.54
C ILE D 34 0.11 17.38 31.04
N TYR D 35 0.69 18.26 30.23
CA TYR D 35 -0.10 19.34 29.62
C TYR D 35 -1.23 18.77 28.78
N ARG D 36 -0.93 17.74 27.97
CA ARG D 36 -1.97 17.14 27.13
C ARG D 36 -3.09 16.54 27.96
N ILE D 37 -2.74 15.83 29.03
CA ILE D 37 -3.75 15.21 29.88
C ILE D 37 -4.62 16.27 30.54
N LYS D 38 -3.99 17.33 31.04
CA LYS D 38 -4.74 18.40 31.70
C LYS D 38 -5.68 19.08 30.72
N LYS D 39 -5.23 19.30 29.48
CA LYS D 39 -6.07 19.95 28.49
C LYS D 39 -7.18 19.05 27.97
N THR D 40 -7.01 17.72 28.03
CA THR D 40 -7.97 16.80 27.46
C THR D 40 -9.00 16.25 28.46
N GLN D 41 -8.69 16.25 29.76
CA GLN D 41 -9.62 15.69 30.75
C GLN D 41 -10.98 16.38 30.76
N PRO D 42 -11.09 17.73 30.77
CA PRO D 42 -12.42 18.34 30.76
C PRO D 42 -13.25 17.97 29.54
N MET D 43 -12.60 17.77 28.40
CA MET D 43 -13.32 17.38 27.20
C MET D 43 -13.98 16.02 27.37
N TYR D 44 -13.29 15.07 28.01
CA TYR D 44 -13.91 13.77 28.23
C TYR D 44 -14.98 13.86 29.31
N ALA D 45 -14.87 14.81 30.24
CA ALA D 45 -15.99 15.05 31.15
C ALA D 45 -17.22 15.52 30.40
N LYS D 46 -17.04 16.46 29.47
CA LYS D 46 -18.16 16.91 28.64
C LYS D 46 -18.72 15.76 27.81
N ARG D 47 -17.84 14.90 27.29
CA ARG D 47 -18.32 13.75 26.51
C ARG D 47 -19.12 12.80 27.39
N ARG D 48 -18.70 12.61 28.64
CA ARG D 48 -19.46 11.77 29.56
C ARG D 48 -20.85 12.34 29.84
N SER D 49 -20.92 13.65 30.08
CA SER D 49 -22.22 14.26 30.33
C SER D 49 -23.13 14.13 29.12
N ILE D 50 -22.57 14.25 27.91
CA ILE D 50 -23.37 14.07 26.69
C ILE D 50 -23.79 12.61 26.53
N LEU D 51 -22.87 11.67 26.79
CA LEU D 51 -23.11 10.25 26.54
C LEU D 51 -24.14 9.68 27.51
N LYS D 52 -24.27 10.25 28.70
CA LYS D 52 -25.32 9.77 29.59
C LYS D 52 -26.71 9.92 28.98
N GLU D 53 -26.88 10.81 27.98
CA GLU D 53 -28.17 10.93 27.29
C GLU D 53 -28.47 9.68 26.46
N ILE D 54 -27.44 9.09 25.85
CA ILE D 54 -27.64 7.97 24.94
C ILE D 54 -27.92 6.71 25.77
N PRO D 55 -29.01 6.00 25.50
CA PRO D 55 -29.35 4.82 26.30
C PRO D 55 -28.54 3.59 25.88
N LYS D 56 -28.01 2.88 26.89
CA LYS D 56 -27.27 1.63 26.70
C LYS D 56 -26.08 1.80 25.75
N PHE D 57 -25.44 2.95 25.80
CA PHE D 57 -24.29 3.22 24.93
C PHE D 57 -23.12 2.28 25.21
N TRP D 58 -22.72 2.19 26.48
CA TRP D 58 -21.53 1.42 26.82
C TRP D 58 -21.73 -0.09 26.63
N TYR D 59 -22.94 -0.60 26.88
CA TYR D 59 -23.18 -2.01 26.58
C TYR D 59 -23.01 -2.28 25.09
N ILE D 60 -23.49 -1.38 24.25
CA ILE D 60 -23.35 -1.54 22.81
C ILE D 60 -21.87 -1.54 22.42
N VAL D 61 -21.10 -0.61 22.98
CA VAL D 61 -19.68 -0.57 22.64
C VAL D 61 -18.97 -1.85 23.09
N LEU D 62 -19.29 -2.32 24.30
CA LEU D 62 -18.57 -3.46 24.87
C LEU D 62 -18.94 -4.79 24.20
N ALA D 63 -20.22 -5.01 23.89
CA ALA D 63 -20.65 -6.33 23.46
C ALA D 63 -20.05 -6.71 22.11
N GLU D 64 -19.91 -5.75 21.19
CA GLU D 64 -19.34 -6.06 19.89
C GLU D 64 -17.83 -6.29 19.96
N ASN D 65 -17.14 -5.68 20.91
CA ASN D 65 -15.68 -5.75 20.94
C ASN D 65 -15.22 -7.15 21.31
N ASP D 66 -14.31 -7.70 20.49
CA ASP D 66 -13.80 -9.05 20.73
C ASP D 66 -12.66 -9.04 21.75
N ASP D 67 -11.82 -8.00 21.71
CA ASP D 67 -10.76 -7.88 22.72
C ASP D 67 -11.36 -7.88 24.11
N PHE D 68 -12.44 -7.14 24.31
CA PHE D 68 -13.09 -7.11 25.62
C PHE D 68 -13.70 -8.46 25.95
N ALA D 69 -14.31 -9.11 24.96
CA ALA D 69 -14.93 -10.41 25.19
C ALA D 69 -13.91 -11.46 25.59
N ASP D 70 -12.64 -11.28 25.25
CA ASP D 70 -11.64 -12.24 25.73
C ASP D 70 -11.51 -12.20 27.25
N TYR D 71 -11.66 -11.03 27.87
CA TYR D 71 -11.38 -10.91 29.29
C TYR D 71 -12.55 -11.32 30.18
N ILE D 72 -13.75 -11.51 29.65
CA ILE D 72 -14.91 -11.78 30.50
C ILE D 72 -15.53 -13.11 30.11
N SER D 73 -16.31 -13.65 31.05
CA SER D 73 -17.14 -14.81 30.80
C SER D 73 -18.36 -14.38 30.00
N PRO D 74 -18.86 -15.23 29.11
CA PRO D 74 -20.08 -14.86 28.36
C PRO D 74 -21.27 -14.61 29.27
N ASP D 75 -21.41 -15.39 30.36
CA ASP D 75 -22.53 -15.19 31.27
C ASP D 75 -22.50 -13.81 31.92
N ASP D 76 -21.31 -13.20 32.02
CA ASP D 76 -21.22 -11.86 32.60
C ASP D 76 -21.91 -10.83 31.71
N LEU D 77 -21.92 -11.06 30.39
CA LEU D 77 -22.38 -10.03 29.46
C LEU D 77 -23.79 -9.58 29.79
N LYS D 78 -24.65 -10.52 30.22
CA LYS D 78 -26.03 -10.19 30.53
C LYS D 78 -26.13 -8.99 31.47
N TYR D 79 -25.26 -8.91 32.47
CA TYR D 79 -25.35 -7.84 33.44
C TYR D 79 -24.72 -6.54 32.94
N LEU D 80 -23.72 -6.64 32.06
CA LEU D 80 -23.10 -5.44 31.51
C LEU D 80 -24.08 -4.64 30.66
N GLU D 81 -25.26 -5.20 30.38
CA GLU D 81 -26.32 -4.47 29.71
C GLU D 81 -26.69 -3.20 30.48
N TYR D 82 -26.49 -3.19 31.80
CA TYR D 82 -26.99 -2.11 32.63
C TYR D 82 -25.88 -1.18 33.10
N ILE D 83 -24.92 -0.91 32.23
CA ILE D 83 -23.85 0.07 32.49
C ILE D 83 -24.24 1.37 31.80
N ASP D 84 -24.38 2.43 32.59
CA ASP D 84 -24.75 3.74 32.04
C ASP D 84 -23.57 4.71 31.95
N ASP D 85 -22.43 4.41 32.58
CA ASP D 85 -21.29 5.32 32.50
C ASP D 85 -19.99 4.59 32.76
N ILE D 86 -19.02 4.83 31.88
CA ILE D 86 -17.62 4.44 32.06
C ILE D 86 -16.77 5.69 31.91
N TYR D 87 -15.90 5.96 32.89
CA TYR D 87 -15.11 7.18 32.90
C TYR D 87 -13.69 6.87 33.34
N VAL D 88 -12.73 7.63 32.79
CA VAL D 88 -11.32 7.51 33.16
C VAL D 88 -10.81 8.86 33.63
N TYR D 89 -10.22 8.89 34.83
CA TYR D 89 -9.69 10.12 35.42
C TYR D 89 -8.23 9.91 35.81
N TYR D 90 -7.35 10.79 35.35
CA TYR D 90 -5.94 10.72 35.69
C TYR D 90 -5.63 11.74 36.77
N PRO D 91 -5.32 11.32 38.01
CA PRO D 91 -5.19 12.29 39.10
C PRO D 91 -4.00 13.23 38.99
N ILE D 92 -3.15 13.07 37.97
CA ILE D 92 -2.06 14.02 37.78
C ILE D 92 -2.60 15.40 37.45
N VAL D 93 -3.87 15.49 37.03
CA VAL D 93 -4.51 16.76 36.78
C VAL D 93 -4.55 17.58 38.07
N ASP D 94 -4.71 16.90 39.22
CA ASP D 94 -4.81 17.59 40.49
C ASP D 94 -3.44 17.90 41.11
N ASP D 95 -2.40 17.99 40.27
CA ASP D 95 -1.01 18.22 40.69
C ASP D 95 -0.58 17.31 41.83
N GLU D 96 -1.23 16.17 41.95
CA GLU D 96 -0.90 15.27 43.03
C GLU D 96 0.39 14.53 42.68
N ALA D 97 0.80 13.62 43.55
CA ALA D 97 2.03 12.87 43.37
C ALA D 97 1.72 11.48 42.84
N GLY D 98 2.72 10.61 42.87
CA GLY D 98 2.58 9.27 42.35
C GLY D 98 3.20 9.25 40.98
N HIS D 99 2.71 8.41 40.11
CA HIS D 99 3.13 8.42 38.71
C HIS D 99 2.07 9.15 37.90
N PHE D 100 2.51 9.91 36.89
CA PHE D 100 1.56 10.71 36.12
C PHE D 100 0.66 9.84 35.25
N LYS D 101 1.02 8.57 35.04
CA LYS D 101 0.21 7.65 34.27
C LYS D 101 -0.81 6.91 35.13
N ASP D 102 -0.84 7.18 36.44
CA ASP D 102 -1.86 6.60 37.30
C ASP D 102 -3.23 7.01 36.76
N PHE D 103 -4.18 6.09 36.87
CA PHE D 103 -5.50 6.36 36.31
C PHE D 103 -6.57 5.61 37.11
N ASN D 104 -7.75 6.21 37.18
CA ASN D 104 -8.88 5.62 37.89
C ASN D 104 -10.01 5.41 36.89
N ILE D 105 -10.59 4.21 36.93
CA ILE D 105 -11.70 3.83 36.05
C ILE D 105 -12.95 3.75 36.91
N THR D 106 -13.98 4.46 36.50
CA THR D 106 -15.25 4.47 37.22
C THR D 106 -16.30 3.83 36.32
N VAL D 107 -16.94 2.77 36.83
CA VAL D 107 -18.01 2.06 36.16
C VAL D 107 -19.27 2.23 37.00
N THR D 108 -20.35 2.70 36.37
CA THR D 108 -21.61 2.89 37.08
C THR D 108 -22.66 1.95 36.53
N PHE D 109 -23.31 1.21 37.43
CA PHE D 109 -24.43 0.35 37.12
C PHE D 109 -25.71 1.06 37.56
N GLY D 110 -26.68 1.15 36.66
CA GLY D 110 -27.94 1.79 36.98
C GLY D 110 -28.86 0.85 37.74
N LYS D 111 -30.09 1.33 37.98
CA LYS D 111 -31.03 0.57 38.78
C LYS D 111 -31.56 -0.58 37.93
N ASN D 112 -31.40 -1.81 38.42
CA ASN D 112 -31.74 -2.99 37.64
C ASN D 112 -32.03 -4.14 38.61
N PRO D 113 -32.86 -5.11 38.22
CA PRO D 113 -33.19 -6.21 39.15
C PRO D 113 -32.11 -7.26 39.28
N TYR D 114 -31.15 -7.32 38.37
CA TYR D 114 -30.19 -8.41 38.35
C TYR D 114 -28.94 -8.07 39.14
N ILE D 115 -28.49 -6.81 39.07
CA ILE D 115 -27.34 -6.32 39.81
C ILE D 115 -27.68 -4.96 40.40
N PRO D 116 -27.41 -4.75 41.70
CA PRO D 116 -27.80 -3.47 42.33
C PRO D 116 -27.07 -2.28 41.73
N GLU D 117 -27.79 -1.16 41.66
CA GLU D 117 -27.19 0.08 41.18
C GLU D 117 -26.03 0.51 42.07
N GLN D 118 -24.92 0.91 41.46
CA GLN D 118 -23.72 1.27 42.21
C GLN D 118 -22.79 2.08 41.31
N GLU D 119 -21.78 2.68 41.94
CA GLU D 119 -20.72 3.39 41.24
C GLU D 119 -19.39 2.95 41.81
N ILE D 120 -18.56 2.32 40.98
CA ILE D 120 -17.31 1.71 41.40
C ILE D 120 -16.16 2.48 40.76
N THR D 121 -15.25 2.99 41.58
CA THR D 121 -14.06 3.68 41.11
C THR D 121 -12.85 2.87 41.55
N LYS D 122 -12.15 2.28 40.59
CA LYS D 122 -10.97 1.47 40.82
C LYS D 122 -9.74 2.23 40.36
N LYS D 123 -8.74 2.32 41.23
CA LYS D 123 -7.56 3.14 41.01
C LYS D 123 -6.37 2.28 40.66
N PHE D 124 -5.63 2.68 39.62
CA PHE D 124 -4.45 2.01 39.15
C PHE D 124 -3.27 2.95 39.27
N LYS D 125 -2.17 2.43 39.79
CA LYS D 125 -0.94 3.16 39.96
C LYS D 125 0.16 2.46 39.16
N ILE D 126 1.17 3.25 38.79
CA ILE D 126 2.31 2.75 38.04
C ILE D 126 3.47 2.68 39.02
N VAL D 127 4.11 1.52 39.08
CA VAL D 127 5.26 1.29 39.95
C VAL D 127 6.43 0.92 39.06
N ILE D 128 7.55 1.62 39.23
CA ILE D 128 8.72 1.34 38.42
C ILE D 128 9.49 0.18 39.04
N GLN D 129 9.44 -0.98 38.40
CA GLN D 129 10.24 -2.11 38.85
C GLN D 129 11.71 -1.80 38.56
N GLU D 130 12.55 -1.79 39.60
CA GLU D 130 13.98 -1.53 39.40
C GLU D 130 14.56 -2.53 38.42
N ASP D 131 13.95 -3.72 38.35
CA ASP D 131 14.38 -4.81 37.48
C ASP D 131 13.70 -4.63 36.13
N GLY D 132 14.07 -3.54 35.46
CA GLY D 132 13.60 -3.25 34.12
C GLY D 132 12.46 -2.27 34.01
N ASP D 133 11.32 -2.76 33.56
CA ASP D 133 10.21 -1.94 33.09
C ASP D 133 9.29 -1.57 34.25
N GLU D 134 8.17 -0.94 33.90
CA GLU D 134 7.16 -0.44 34.83
C GLU D 134 5.96 -1.38 34.85
N ARG D 135 5.30 -1.46 36.01
CA ARG D 135 4.21 -2.38 36.26
C ARG D 135 2.98 -1.63 36.76
N ILE D 136 1.81 -2.10 36.34
CA ILE D 136 0.53 -1.53 36.77
C ILE D 136 0.05 -2.32 37.97
N VAL D 137 -0.33 -1.63 39.04
CA VAL D 137 -0.87 -2.24 40.23
C VAL D 137 -2.13 -1.50 40.65
N SER D 138 -2.90 -2.12 41.55
CA SER D 138 -4.15 -1.53 42.01
C SER D 138 -4.46 -2.02 43.42
N GLU D 139 -5.50 -1.43 43.99
CA GLU D 139 -6.04 -1.85 45.27
C GLU D 139 -7.44 -2.44 45.05
N SER D 140 -7.77 -3.46 45.83
CA SER D 140 -9.07 -4.09 45.72
C SER D 140 -10.18 -3.10 46.04
N VAL D 141 -11.23 -3.14 45.23
CA VAL D 141 -12.43 -2.35 45.42
C VAL D 141 -13.61 -3.31 45.50
N GLU D 142 -14.40 -3.20 46.57
CA GLU D 142 -15.54 -4.10 46.74
C GLU D 142 -16.67 -3.74 45.78
N VAL D 143 -17.35 -4.75 45.28
CA VAL D 143 -18.43 -4.61 44.30
C VAL D 143 -19.60 -5.48 44.75
N LYS D 144 -20.80 -4.92 44.65
CA LYS D 144 -22.03 -5.66 44.93
C LYS D 144 -22.33 -6.52 43.70
N TRP D 145 -22.07 -7.82 43.83
CA TRP D 145 -22.22 -8.74 42.71
C TRP D 145 -23.69 -8.89 42.34
N PRO D 146 -23.98 -9.34 41.12
CA PRO D 146 -25.35 -9.71 40.77
C PRO D 146 -25.83 -10.83 41.66
N HIS D 147 -27.15 -10.82 41.91
CA HIS D 147 -27.72 -11.80 42.82
C HIS D 147 -27.54 -13.22 42.28
N GLU D 148 -27.77 -13.41 40.98
CA GLU D 148 -27.66 -14.75 40.40
C GLU D 148 -26.24 -15.31 40.51
N LEU D 149 -25.24 -14.44 40.60
CA LEU D 149 -23.84 -14.85 40.71
C LEU D 149 -23.33 -14.85 42.14
N SER D 150 -24.19 -14.58 43.12
CA SER D 150 -23.76 -14.58 44.51
C SER D 150 -23.18 -15.93 44.94
N LYS D 151 -23.57 -17.01 44.27
CA LYS D 151 -23.05 -18.33 44.60
C LYS D 151 -21.58 -18.52 44.22
N ILE D 152 -21.08 -17.75 43.26
CA ILE D 152 -19.75 -17.94 42.72
C ILE D 152 -18.79 -16.83 43.13
N ASN D 153 -19.21 -15.93 44.02
CA ASN D 153 -18.32 -14.87 44.46
C ASN D 153 -17.12 -15.48 45.18
N PRO D 154 -15.89 -15.24 44.69
CA PRO D 154 -14.71 -15.80 45.38
C PRO D 154 -14.54 -15.29 46.79
N SER D 155 -14.95 -14.06 47.06
CA SER D 155 -14.78 -13.49 48.41
C SER D 155 -15.62 -14.24 49.43
N VAL D 156 -16.85 -14.62 49.09
CA VAL D 156 -17.70 -15.36 50.02
C VAL D 156 -17.09 -16.72 50.34
N ILE D 157 -16.67 -17.45 49.30
CA ILE D 157 -16.11 -18.78 49.50
C ILE D 157 -14.79 -18.71 50.26
N LYS D 158 -13.98 -17.69 50.01
CA LYS D 158 -12.74 -17.52 50.76
C LYS D 158 -13.01 -17.11 52.20
N GLU D 159 -14.09 -16.36 52.45
CA GLU D 159 -14.44 -15.98 53.81
C GLU D 159 -14.94 -17.17 54.62
N LYS D 160 -15.64 -18.12 53.98
CA LYS D 160 -16.07 -19.30 54.71
C LYS D 160 -14.85 -20.13 55.15
N TYR D 161 -13.81 -20.18 54.32
CA TYR D 161 -12.64 -21.01 54.57
C TYR D 161 -11.53 -20.10 55.11
N LYS D 162 -11.38 -20.07 56.42
CA LYS D 162 -10.45 -19.16 57.07
C LYS D 162 -9.13 -19.86 57.39
N LYS D 167 -6.05 -25.92 48.48
CA LYS D 167 -6.53 -27.21 47.98
C LYS D 167 -7.49 -27.88 48.95
N ASP D 168 -7.79 -27.20 50.07
CA ASP D 168 -8.63 -27.78 51.11
C ASP D 168 -10.11 -27.50 50.89
N MET D 169 -10.52 -27.18 49.67
CA MET D 169 -11.92 -26.91 49.39
C MET D 169 -12.67 -28.15 48.93
N SER D 170 -13.99 -28.09 49.04
CA SER D 170 -14.83 -29.10 48.44
C SER D 170 -14.83 -28.95 46.92
N ALA D 171 -15.22 -30.02 46.23
CA ALA D 171 -15.25 -29.96 44.77
C ALA D 171 -16.23 -28.89 44.29
N LYS D 172 -17.39 -28.81 44.94
CA LYS D 172 -18.39 -27.80 44.59
C LYS D 172 -17.81 -26.39 44.76
N ASP D 173 -17.12 -26.16 45.89
CA ASP D 173 -16.55 -24.86 46.16
C ASP D 173 -15.38 -24.57 45.22
N LYS D 174 -14.60 -25.59 44.85
CA LYS D 174 -13.53 -25.36 43.89
C LYS D 174 -14.09 -24.92 42.54
N LYS D 175 -15.16 -25.59 42.08
CA LYS D 175 -15.78 -25.21 40.82
C LYS D 175 -16.34 -23.80 40.88
N ASN D 176 -17.03 -23.46 41.97
CA ASN D 176 -17.61 -22.11 42.05
C ASN D 176 -16.54 -21.04 42.20
N TYR D 177 -15.45 -21.33 42.92
CA TYR D 177 -14.35 -20.38 43.03
C TYR D 177 -13.70 -20.11 41.68
N ARG D 178 -13.45 -21.17 40.91
CA ARG D 178 -12.89 -20.97 39.56
C ARG D 178 -13.86 -20.17 38.68
N LEU D 179 -15.15 -20.49 38.74
CA LEU D 179 -16.14 -19.77 37.94
C LEU D 179 -16.17 -18.29 38.30
N GLY D 180 -16.08 -17.98 39.60
CA GLY D 180 -16.11 -16.58 40.00
C GLY D 180 -14.83 -15.82 39.69
N MET D 181 -13.68 -16.49 39.79
CA MET D 181 -12.43 -15.84 39.40
C MET D 181 -12.37 -15.57 37.92
N LYS D 182 -13.06 -16.37 37.10
CA LYS D 182 -13.14 -16.04 35.68
C LYS D 182 -14.16 -14.95 35.38
N SER D 183 -14.99 -14.57 36.34
CA SER D 183 -15.99 -13.55 36.08
C SER D 183 -15.36 -12.16 36.02
N PHE D 184 -16.04 -11.26 35.33
CA PHE D 184 -15.58 -9.89 35.19
C PHE D 184 -15.53 -9.19 36.54
N PHE D 185 -16.46 -9.54 37.45
CA PHE D 185 -16.60 -8.82 38.70
C PHE D 185 -15.49 -9.10 39.70
N SER D 186 -14.67 -10.11 39.48
CA SER D 186 -13.47 -10.26 40.32
C SER D 186 -12.33 -9.38 39.86
N TRP D 187 -12.44 -8.77 38.67
CA TRP D 187 -11.41 -7.84 38.21
C TRP D 187 -11.26 -6.68 39.18
N PHE D 188 -12.34 -6.33 39.89
CA PHE D 188 -12.27 -5.25 40.85
C PHE D 188 -11.42 -5.59 42.06
N ASN D 189 -11.17 -6.87 42.32
CA ASN D 189 -10.30 -7.26 43.41
C ASN D 189 -8.84 -7.42 42.97
N TRP D 190 -8.53 -7.09 41.73
CA TRP D 190 -7.19 -7.26 41.18
C TRP D 190 -6.25 -6.21 41.75
N THR D 191 -5.08 -6.65 42.22
CA THR D 191 -4.05 -5.76 42.73
C THR D 191 -2.76 -5.80 41.94
N GLY D 192 -2.40 -6.94 41.36
CA GLY D 192 -1.15 -7.09 40.64
C GLY D 192 0.03 -7.49 41.49
N GLU D 193 -0.15 -7.58 42.80
CA GLU D 193 0.91 -7.99 43.72
C GLU D 193 0.62 -9.36 44.32
N LYS D 194 -0.37 -10.07 43.75
CA LYS D 194 -0.70 -11.45 44.11
C LYS D 194 -0.85 -12.24 42.82
N PRO D 195 0.26 -12.50 42.12
CA PRO D 195 0.15 -13.19 40.82
C PRO D 195 -0.35 -14.62 40.96
N GLY D 196 -1.09 -15.07 39.95
CA GLY D 196 -1.65 -16.40 39.92
C GLY D 196 -2.86 -16.60 40.82
N LYS D 197 -3.11 -15.69 41.76
CA LYS D 197 -4.23 -15.77 42.68
C LYS D 197 -5.30 -14.72 42.40
N GLU D 198 -5.18 -13.94 41.33
CA GLU D 198 -6.09 -12.84 41.04
C GLU D 198 -6.71 -13.01 39.66
N PHE D 199 -7.60 -12.08 39.32
CA PHE D 199 -8.21 -12.03 38.00
C PHE D 199 -7.11 -11.95 36.94
N ARG D 200 -7.29 -12.71 35.87
CA ARG D 200 -6.22 -12.87 34.89
C ARG D 200 -6.08 -11.64 34.01
N ASN D 201 -4.84 -11.16 33.89
CA ASN D 201 -4.49 -10.04 33.01
C ASN D 201 -5.34 -8.81 33.33
N GLY D 202 -5.42 -8.47 34.62
CA GLY D 202 -6.19 -7.31 35.01
C GLY D 202 -5.60 -6.02 34.48
N GLU D 203 -4.27 -5.94 34.43
CA GLU D 203 -3.65 -4.74 33.89
C GLU D 203 -3.97 -4.58 32.41
N ASP D 204 -4.04 -5.69 31.68
CA ASP D 204 -4.38 -5.63 30.26
C ASP D 204 -5.81 -5.15 30.05
N LEU D 205 -6.74 -5.63 30.88
CA LEU D 205 -8.12 -5.15 30.79
C LEU D 205 -8.21 -3.69 31.17
N ALA D 206 -7.42 -3.25 32.16
CA ALA D 206 -7.40 -1.84 32.53
C ALA D 206 -6.92 -0.97 31.37
N THR D 207 -5.83 -1.37 30.73
CA THR D 207 -5.34 -0.58 29.59
C THR D 207 -6.32 -0.63 28.44
N LEU D 208 -6.99 -1.76 28.24
CA LEU D 208 -7.98 -1.86 27.17
C LEU D 208 -9.14 -0.91 27.42
N LEU D 209 -9.59 -0.84 28.67
CA LEU D 209 -10.71 0.04 29.02
C LEU D 209 -10.28 1.50 29.02
N SER D 210 -9.01 1.78 29.27
CA SER D 210 -8.58 3.16 29.42
C SER D 210 -8.09 3.78 28.12
N GLU D 211 -7.61 2.96 27.18
CA GLU D 211 -6.91 3.50 26.02
C GLU D 211 -7.50 3.09 24.68
N ASP D 212 -8.34 2.07 24.62
CA ASP D 212 -8.91 1.66 23.35
C ASP D 212 -10.43 1.84 23.30
N LEU D 213 -11.17 1.22 24.21
CA LEU D 213 -12.62 1.32 24.19
C LEU D 213 -13.09 2.71 24.60
N TYR D 214 -12.51 3.26 25.66
CA TYR D 214 -12.94 4.56 26.15
C TYR D 214 -12.63 5.66 25.14
N LEU D 215 -11.42 5.66 24.58
CA LEU D 215 -11.00 6.73 23.69
C LEU D 215 -11.72 6.65 22.34
N ASN D 216 -11.93 5.43 21.83
CA ASN D 216 -12.53 5.23 20.51
C ASN D 216 -13.97 4.76 20.61
N ALA D 217 -14.67 5.17 21.68
CA ALA D 217 -16.03 4.68 21.90
C ALA D 217 -16.97 5.10 20.79
N LEU D 218 -16.83 6.33 20.29
CA LEU D 218 -17.70 6.78 19.20
C LEU D 218 -17.50 5.94 17.94
N LYS D 219 -16.24 5.65 17.59
CA LYS D 219 -15.99 4.88 16.38
C LYS D 219 -16.58 3.48 16.49
N TYR D 220 -16.38 2.83 17.65
CA TYR D 220 -16.93 1.49 17.86
C TYR D 220 -18.45 1.52 17.90
N TYR D 221 -19.04 2.58 18.46
CA TYR D 221 -20.49 2.72 18.50
C TYR D 221 -21.07 2.85 17.09
N ILE D 222 -20.47 3.74 16.29
CA ILE D 222 -20.94 3.95 14.91
C ILE D 222 -20.77 2.67 14.09
N ILE D 223 -19.66 1.97 14.27
CA ILE D 223 -19.44 0.71 13.56
C ILE D 223 -20.52 -0.30 13.92
N ALA D 224 -20.92 -0.33 15.19
CA ALA D 224 -21.93 -1.26 15.66
C ALA D 224 -23.31 -1.00 15.06
N LEU D 225 -23.55 0.18 14.48
CA LEU D 225 -24.86 0.48 13.90
C LEU D 225 -24.81 0.76 12.40
N SER D 226 -23.83 0.21 11.69
CA SER D 226 -23.79 0.39 10.23
C SER D 226 -23.64 -0.94 9.50
N GLY E 8 44.38 1.84 27.55
CA GLY E 8 43.76 2.72 26.59
C GLY E 8 43.20 2.01 25.36
N LYS E 9 44.10 1.45 24.56
CA LYS E 9 43.69 0.73 23.36
C LYS E 9 43.54 -0.76 23.60
N ARG E 10 44.08 -1.28 24.70
CA ARG E 10 43.92 -2.70 25.05
C ARG E 10 42.46 -3.05 25.31
N LEU E 11 41.67 -2.07 25.77
CA LEU E 11 40.27 -2.34 26.06
C LEU E 11 39.52 -2.78 24.81
N GLN E 12 39.77 -2.12 23.67
CA GLN E 12 39.07 -2.50 22.45
C GLN E 12 39.44 -3.91 22.00
N LEU E 13 40.73 -4.26 22.09
CA LEU E 13 41.15 -5.62 21.75
C LEU E 13 40.50 -6.65 22.67
N SER E 14 40.48 -6.36 23.98
CA SER E 14 39.87 -7.30 24.91
C SER E 14 38.37 -7.44 24.65
N LEU E 15 37.69 -6.35 24.31
CA LEU E 15 36.25 -6.43 24.03
C LEU E 15 35.96 -7.20 22.76
N ASP E 16 36.80 -7.03 21.72
CA ASP E 16 36.62 -7.82 20.51
C ASP E 16 36.84 -9.30 20.78
N LYS E 17 37.87 -9.62 21.58
CA LYS E 17 38.07 -11.01 22.01
C LYS E 17 36.84 -11.53 22.74
N LEU E 18 36.25 -10.71 23.61
CA LEU E 18 35.07 -11.14 24.35
C LEU E 18 33.86 -11.33 23.45
N GLY E 19 33.71 -10.50 22.42
CA GLY E 19 32.61 -10.68 21.48
C GLY E 19 32.72 -11.98 20.71
N ASP E 20 33.93 -12.26 20.21
CA ASP E 20 34.14 -13.55 19.55
C ASP E 20 33.89 -14.70 20.52
N TRP E 21 34.32 -14.54 21.77
CA TRP E 21 34.06 -15.54 22.79
C TRP E 21 32.58 -15.75 23.00
N GLU E 22 31.81 -14.66 23.01
CA GLU E 22 30.37 -14.76 23.22
C GLU E 22 29.69 -15.51 22.08
N LYS E 23 30.11 -15.24 20.84
CA LYS E 23 29.53 -15.95 19.70
C LYS E 23 29.86 -17.44 19.76
N GLU E 24 31.13 -17.78 19.99
CA GLU E 24 31.51 -19.18 20.09
C GLU E 24 30.80 -19.87 21.24
N MET E 25 30.66 -19.17 22.38
CA MET E 25 29.97 -19.72 23.53
C MET E 25 28.51 -19.97 23.26
N SER E 26 27.85 -19.06 22.54
CA SER E 26 26.46 -19.28 22.16
C SER E 26 26.31 -20.54 21.32
N GLN E 27 27.21 -20.73 20.35
CA GLN E 27 27.14 -21.97 19.58
C GLN E 27 27.37 -23.20 20.45
N VAL E 28 28.32 -23.13 21.39
CA VAL E 28 28.61 -24.28 22.24
C VAL E 28 27.42 -24.63 23.12
N GLU E 29 26.78 -23.61 23.71
CA GLU E 29 25.62 -23.86 24.55
C GLU E 29 24.46 -24.42 23.73
N ARG E 30 24.28 -23.91 22.51
CA ARG E 30 23.28 -24.48 21.61
C ARG E 30 23.56 -25.95 21.35
N GLU E 31 24.82 -26.28 21.10
CA GLU E 31 25.20 -27.68 20.88
C GLU E 31 24.90 -28.54 22.10
N ALA E 32 25.22 -28.04 23.30
CA ALA E 32 24.99 -28.81 24.51
C ALA E 32 23.50 -29.05 24.73
N GLU E 33 22.67 -28.04 24.50
CA GLU E 33 21.23 -28.21 24.66
C GLU E 33 20.66 -29.19 23.63
N ILE E 34 21.15 -29.13 22.38
CA ILE E 34 20.70 -30.07 21.37
C ILE E 34 21.11 -31.50 21.74
N TYR E 35 22.32 -31.65 22.28
CA TYR E 35 22.75 -32.96 22.77
C TYR E 35 21.81 -33.47 23.85
N ARG E 36 21.44 -32.59 24.78
CA ARG E 36 20.53 -32.99 25.85
C ARG E 36 19.18 -33.43 25.29
N ILE E 37 18.64 -32.66 24.33
CA ILE E 37 17.34 -33.00 23.76
C ILE E 37 17.40 -34.34 23.04
N LYS E 38 18.45 -34.56 22.25
CA LYS E 38 18.58 -35.83 21.53
C LYS E 38 18.74 -37.00 22.49
N LYS E 39 19.48 -36.79 23.59
CA LYS E 39 19.67 -37.86 24.55
C LYS E 39 18.42 -38.13 25.39
N THR E 40 17.54 -37.13 25.53
CA THR E 40 16.37 -37.27 26.39
C THR E 40 15.07 -37.65 25.66
N GLN E 41 14.95 -37.34 24.37
CA GLN E 41 13.70 -37.64 23.65
C GLN E 41 13.35 -39.12 23.65
N PRO E 42 14.27 -40.06 23.38
CA PRO E 42 13.90 -41.49 23.43
C PRO E 42 13.40 -41.92 24.79
N MET E 43 13.90 -41.31 25.87
CA MET E 43 13.41 -41.64 27.20
C MET E 43 11.92 -41.31 27.32
N TYR E 44 11.50 -40.16 26.78
CA TYR E 44 10.10 -39.80 26.83
C TYR E 44 9.27 -40.64 25.88
N ALA E 45 9.86 -41.13 24.78
CA ALA E 45 9.13 -42.09 23.94
C ALA E 45 8.86 -43.38 24.72
N LYS E 46 9.87 -43.88 25.43
CA LYS E 46 9.67 -45.06 26.28
C LYS E 46 8.64 -44.77 27.37
N ARG E 47 8.68 -43.58 27.95
CA ARG E 47 7.69 -43.23 28.97
C ARG E 47 6.28 -43.20 28.37
N ARG E 48 6.15 -42.72 27.13
CA ARG E 48 4.86 -42.76 26.46
C ARG E 48 4.36 -44.18 26.33
N SER E 49 5.25 -45.09 25.92
CA SER E 49 4.86 -46.49 25.79
C SER E 49 4.44 -47.08 27.14
N ILE E 50 5.14 -46.71 28.22
CA ILE E 50 4.77 -47.22 29.55
C ILE E 50 3.44 -46.63 30.00
N LEU E 51 3.24 -45.33 29.79
CA LEU E 51 2.06 -44.63 30.30
C LEU E 51 0.79 -45.05 29.59
N LYS E 52 0.88 -45.45 28.31
CA LYS E 52 -0.31 -45.95 27.65
C LYS E 52 -0.90 -47.16 28.36
N GLU E 53 -0.10 -47.85 29.18
CA GLU E 53 -0.63 -48.96 29.97
C GLU E 53 -1.54 -48.48 31.10
N ILE E 54 -1.24 -47.32 31.68
CA ILE E 54 -1.99 -46.83 32.84
C ILE E 54 -3.33 -46.27 32.38
N PRO E 55 -4.46 -46.69 32.98
CA PRO E 55 -5.77 -46.24 32.51
C PRO E 55 -6.08 -44.84 32.98
N LYS E 56 -6.51 -43.98 32.05
CA LYS E 56 -6.93 -42.61 32.35
C LYS E 56 -5.82 -41.83 33.07
N PHE E 57 -4.57 -42.11 32.73
CA PHE E 57 -3.46 -41.42 33.37
C PHE E 57 -3.50 -39.93 33.08
N TRP E 58 -3.59 -39.56 31.81
CA TRP E 58 -3.56 -38.15 31.45
C TRP E 58 -4.81 -37.43 31.91
N TYR E 59 -5.97 -38.10 31.93
CA TYR E 59 -7.16 -37.46 32.49
C TYR E 59 -6.97 -37.11 33.95
N ILE E 60 -6.39 -38.02 34.73
CA ILE E 60 -6.17 -37.75 36.15
C ILE E 60 -5.18 -36.60 36.32
N VAL E 61 -4.08 -36.64 35.56
CA VAL E 61 -3.07 -35.59 35.68
C VAL E 61 -3.65 -34.23 35.32
N LEU E 62 -4.43 -34.17 34.24
CA LEU E 62 -4.98 -32.90 33.79
C LEU E 62 -6.05 -32.40 34.75
N ALA E 63 -6.91 -33.29 35.25
CA ALA E 63 -7.99 -32.87 36.13
C ALA E 63 -7.45 -32.40 37.48
N GLU E 64 -6.36 -33.00 37.97
CA GLU E 64 -5.82 -32.55 39.24
C GLU E 64 -5.19 -31.17 39.15
N ASN E 65 -4.59 -30.84 38.01
CA ASN E 65 -3.86 -29.59 37.87
C ASN E 65 -4.82 -28.41 37.80
N ASP E 66 -4.54 -27.38 38.60
CA ASP E 66 -5.38 -26.20 38.62
C ASP E 66 -5.00 -25.21 37.52
N ASP E 67 -3.71 -25.11 37.20
CA ASP E 67 -3.28 -24.22 36.13
C ASP E 67 -3.97 -24.58 34.81
N PHE E 68 -4.05 -25.88 34.51
CA PHE E 68 -4.70 -26.31 33.27
C PHE E 68 -6.19 -26.01 33.29
N ALA E 69 -6.87 -26.28 34.40
CA ALA E 69 -8.29 -26.01 34.48
C ALA E 69 -8.58 -24.52 34.35
N ASP E 70 -7.60 -23.68 34.65
CA ASP E 70 -7.78 -22.24 34.48
C ASP E 70 -7.95 -21.86 33.00
N TYR E 71 -7.30 -22.58 32.07
CA TYR E 71 -7.31 -22.22 30.65
C TYR E 71 -8.52 -22.76 29.89
N ILE E 72 -9.31 -23.68 30.45
CA ILE E 72 -10.35 -24.36 29.69
C ILE E 72 -11.73 -24.11 30.31
N SER E 73 -12.75 -24.33 29.48
CA SER E 73 -14.13 -24.27 29.91
C SER E 73 -14.48 -25.49 30.76
N PRO E 74 -15.40 -25.34 31.72
CA PRO E 74 -15.80 -26.51 32.52
C PRO E 74 -16.36 -27.64 31.67
N ASP E 75 -17.09 -27.29 30.60
CA ASP E 75 -17.66 -28.30 29.73
C ASP E 75 -16.60 -29.15 29.05
N ASP E 76 -15.38 -28.63 28.90
CA ASP E 76 -14.33 -29.38 28.22
C ASP E 76 -13.85 -30.60 28.99
N LEU E 77 -13.84 -30.55 30.33
CA LEU E 77 -13.26 -31.64 31.10
C LEU E 77 -13.98 -32.96 30.84
N LYS E 78 -15.30 -32.91 30.67
CA LYS E 78 -16.07 -34.10 30.38
C LYS E 78 -15.49 -34.86 29.19
N TYR E 79 -15.09 -34.12 28.15
CA TYR E 79 -14.55 -34.75 26.95
C TYR E 79 -13.07 -35.07 27.11
N LEU E 80 -12.36 -34.30 27.93
CA LEU E 80 -10.96 -34.61 28.22
C LEU E 80 -10.82 -35.89 29.03
N GLU E 81 -11.93 -36.40 29.56
CA GLU E 81 -11.90 -37.69 30.23
C GLU E 81 -11.34 -38.80 29.32
N TYR E 82 -11.46 -38.64 28.01
CA TYR E 82 -11.11 -39.68 27.04
C TYR E 82 -9.79 -39.41 26.32
N ILE E 83 -8.79 -38.88 27.02
CA ILE E 83 -7.46 -38.65 26.46
C ILE E 83 -6.60 -39.83 26.86
N ASP E 84 -5.99 -40.48 25.87
CA ASP E 84 -5.15 -41.63 26.18
C ASP E 84 -3.66 -41.34 26.12
N ASP E 85 -3.25 -40.25 25.46
CA ASP E 85 -1.81 -39.98 25.38
C ASP E 85 -1.57 -38.52 25.02
N ILE E 86 -0.64 -37.89 25.74
CA ILE E 86 -0.07 -36.59 25.38
C ILE E 86 1.43 -36.78 25.27
N TYR E 87 2.00 -36.34 24.15
CA TYR E 87 3.41 -36.54 23.87
C TYR E 87 3.99 -35.25 23.31
N VAL E 88 5.26 -35.01 23.63
CA VAL E 88 6.00 -33.85 23.16
C VAL E 88 7.22 -34.32 22.40
N TYR E 89 7.37 -33.84 21.16
CA TYR E 89 8.47 -34.23 20.29
C TYR E 89 9.22 -33.00 19.82
N TYR E 90 10.54 -33.00 19.98
CA TYR E 90 11.38 -31.90 19.52
C TYR E 90 12.07 -32.30 18.22
N PRO E 91 11.71 -31.72 17.08
CA PRO E 91 12.26 -32.20 15.79
C PRO E 91 13.73 -31.92 15.59
N ILE E 92 14.40 -31.25 16.53
CA ILE E 92 15.83 -31.02 16.43
C ILE E 92 16.58 -32.35 16.47
N VAL E 93 15.92 -33.42 16.94
CA VAL E 93 16.51 -34.75 16.94
C VAL E 93 16.82 -35.17 15.51
N ASP E 94 15.94 -34.81 14.58
CA ASP E 94 16.07 -35.16 13.18
C ASP E 94 16.87 -34.13 12.39
N ASP E 95 17.05 -32.93 12.95
CA ASP E 95 17.69 -31.73 12.38
C ASP E 95 16.72 -30.94 11.51
N GLU E 96 15.51 -31.42 11.28
CA GLU E 96 14.58 -30.70 10.41
C GLU E 96 13.88 -29.58 11.16
N ALA E 97 14.64 -28.74 11.85
CA ALA E 97 14.12 -27.65 12.66
C ALA E 97 14.39 -26.31 11.98
N GLY E 98 13.91 -25.25 12.61
CA GLY E 98 14.10 -23.88 12.15
C GLY E 98 14.58 -23.11 13.36
N HIS E 99 14.34 -23.72 14.51
CA HIS E 99 14.84 -23.32 15.82
C HIS E 99 14.89 -24.59 16.65
N PHE E 100 15.93 -24.73 17.48
CA PHE E 100 16.08 -25.98 18.21
C PHE E 100 15.04 -26.17 19.31
N LYS E 101 14.34 -25.10 19.69
CA LYS E 101 13.29 -25.18 20.70
C LYS E 101 11.91 -25.49 20.10
N ASP E 102 11.80 -25.60 18.78
CA ASP E 102 10.52 -25.97 18.19
C ASP E 102 10.08 -27.33 18.71
N PHE E 103 8.77 -27.48 18.92
CA PHE E 103 8.26 -28.72 19.50
C PHE E 103 6.82 -28.97 19.03
N ASN E 104 6.45 -30.23 18.95
CA ASN E 104 5.12 -30.64 18.53
C ASN E 104 4.45 -31.41 19.66
N ILE E 105 3.19 -31.05 19.94
CA ILE E 105 2.40 -31.69 20.98
C ILE E 105 1.35 -32.55 20.29
N THR E 106 1.31 -33.82 20.67
CA THR E 106 0.37 -34.78 20.10
C THR E 106 -0.59 -35.20 21.21
N VAL E 107 -1.88 -35.01 20.95
CA VAL E 107 -2.96 -35.39 21.84
C VAL E 107 -3.78 -36.46 21.13
N THR E 108 -3.98 -37.60 21.79
CA THR E 108 -4.74 -38.68 21.20
C THR E 108 -6.03 -38.90 21.98
N PHE E 109 -7.15 -38.89 21.26
CA PHE E 109 -8.45 -39.22 21.81
C PHE E 109 -8.85 -40.61 21.38
N GLY E 110 -9.21 -41.45 22.34
CA GLY E 110 -9.62 -42.80 22.05
C GLY E 110 -11.06 -42.88 21.61
N LYS E 111 -11.52 -44.12 21.38
CA LYS E 111 -12.86 -44.35 20.85
C LYS E 111 -13.89 -44.14 21.94
N ASN E 112 -14.85 -43.24 21.69
CA ASN E 112 -15.90 -42.91 22.64
C ASN E 112 -17.06 -42.31 21.86
N PRO E 113 -18.27 -42.33 22.42
CA PRO E 113 -19.41 -41.74 21.71
C PRO E 113 -19.42 -40.21 21.72
N TYR E 114 -18.60 -39.57 22.55
CA TYR E 114 -18.71 -38.13 22.73
C TYR E 114 -17.78 -37.34 21.82
N ILE E 115 -16.56 -37.82 21.60
CA ILE E 115 -15.65 -37.21 20.64
C ILE E 115 -14.95 -38.28 19.82
N PRO E 116 -14.91 -38.17 18.49
CA PRO E 116 -14.34 -39.24 17.67
C PRO E 116 -12.87 -39.48 17.94
N GLU E 117 -12.47 -40.75 17.81
CA GLU E 117 -11.07 -41.13 17.98
C GLU E 117 -10.19 -40.40 16.98
N GLN E 118 -9.08 -39.85 17.45
CA GLN E 118 -8.21 -39.07 16.58
C GLN E 118 -6.85 -38.93 17.23
N GLU E 119 -5.89 -38.49 16.41
CA GLU E 119 -4.54 -38.15 16.86
C GLU E 119 -4.20 -36.79 16.28
N ILE E 120 -4.02 -35.81 17.16
CA ILE E 120 -3.85 -34.41 16.75
C ILE E 120 -2.43 -33.99 17.10
N THR E 121 -1.67 -33.56 16.10
CA THR E 121 -0.32 -33.07 16.31
C THR E 121 -0.26 -31.60 15.93
N LYS E 122 -0.04 -30.76 16.93
CA LYS E 122 0.05 -29.31 16.74
C LYS E 122 1.51 -28.90 16.89
N LYS E 123 2.00 -28.12 15.94
CA LYS E 123 3.42 -27.78 15.86
C LYS E 123 3.62 -26.34 16.32
N PHE E 124 4.58 -26.14 17.23
CA PHE E 124 4.90 -24.84 17.77
C PHE E 124 6.34 -24.48 17.43
N LYS E 125 6.52 -23.24 16.97
CA LYS E 125 7.81 -22.71 16.59
C LYS E 125 8.13 -21.46 17.38
N ILE E 126 9.43 -21.17 17.47
CA ILE E 126 9.96 -20.02 18.19
C ILE E 126 10.38 -18.95 17.20
N VAL E 127 9.94 -17.72 17.43
CA VAL E 127 10.23 -16.57 16.60
C VAL E 127 11.04 -15.59 17.43
N ILE E 128 12.14 -15.12 16.86
CA ILE E 128 13.01 -14.16 17.54
C ILE E 128 12.42 -12.77 17.35
N GLN E 129 11.87 -12.21 18.42
CA GLN E 129 11.38 -10.84 18.39
C GLN E 129 12.55 -9.86 18.25
N GLU E 130 12.28 -8.75 17.56
CA GLU E 130 13.32 -7.74 17.38
C GLU E 130 13.88 -7.25 18.71
N ASP E 131 13.09 -7.34 19.79
CA ASP E 131 13.49 -6.88 21.10
C ASP E 131 14.22 -7.98 21.89
N GLY E 132 14.84 -8.92 21.19
CA GLY E 132 15.66 -9.88 21.88
C GLY E 132 14.99 -11.19 22.24
N ASP E 133 13.75 -11.11 22.73
CA ASP E 133 13.13 -12.23 23.41
C ASP E 133 12.48 -13.20 22.43
N GLU E 134 11.95 -14.30 22.96
CA GLU E 134 11.37 -15.38 22.17
C GLU E 134 9.85 -15.35 22.22
N ARG E 135 9.25 -15.75 21.11
CA ARG E 135 7.81 -15.79 20.95
C ARG E 135 7.40 -17.16 20.44
N ILE E 136 6.29 -17.69 20.96
CA ILE E 136 5.76 -18.96 20.49
C ILE E 136 4.65 -18.69 19.49
N VAL E 137 4.73 -19.34 18.32
CA VAL E 137 3.69 -19.25 17.30
C VAL E 137 3.39 -20.67 16.83
N SER E 138 2.28 -20.82 16.12
CA SER E 138 1.89 -22.15 15.68
C SER E 138 1.06 -22.05 14.41
N GLU E 139 0.78 -23.21 13.82
CA GLU E 139 -0.10 -23.34 12.67
C GLU E 139 -1.36 -24.10 13.08
N SER E 140 -2.49 -23.71 12.50
CA SER E 140 -3.76 -24.36 12.79
C SER E 140 -3.73 -25.85 12.42
N VAL E 141 -4.29 -26.67 13.31
CA VAL E 141 -4.42 -28.11 13.10
C VAL E 141 -5.89 -28.47 13.24
N GLU E 142 -6.41 -29.24 12.28
CA GLU E 142 -7.83 -29.60 12.29
C GLU E 142 -8.13 -30.57 13.44
N VAL E 143 -9.30 -30.38 14.06
CA VAL E 143 -9.72 -31.18 15.20
C VAL E 143 -11.16 -31.61 15.02
N LYS E 144 -11.42 -32.88 15.26
CA LYS E 144 -12.79 -33.40 15.27
C LYS E 144 -13.37 -33.10 16.64
N TRP E 145 -14.22 -32.08 16.71
CA TRP E 145 -14.79 -31.63 17.97
C TRP E 145 -15.75 -32.65 18.55
N PRO E 146 -16.00 -32.58 19.86
CA PRO E 146 -17.11 -33.34 20.43
C PRO E 146 -18.42 -32.93 19.78
N HIS E 147 -19.33 -33.90 19.64
CA HIS E 147 -20.55 -33.63 18.90
C HIS E 147 -21.39 -32.57 19.59
N GLU E 148 -21.56 -32.69 20.91
CA GLU E 148 -22.37 -31.73 21.63
C GLU E 148 -21.84 -30.31 21.50
N LEU E 149 -20.55 -30.16 21.21
CA LEU E 149 -19.92 -28.86 21.10
C LEU E 149 -19.82 -28.35 19.67
N SER E 150 -20.24 -29.14 18.67
CA SER E 150 -20.15 -28.65 17.29
C SER E 150 -20.99 -27.40 17.05
N LYS E 151 -22.02 -27.17 17.88
CA LYS E 151 -22.83 -25.97 17.72
C LYS E 151 -22.05 -24.70 18.04
N ILE E 152 -20.98 -24.80 18.82
CA ILE E 152 -20.25 -23.62 19.28
C ILE E 152 -18.88 -23.52 18.64
N ASN E 153 -18.56 -24.37 17.67
CA ASN E 153 -17.27 -24.27 16.99
C ASN E 153 -17.16 -22.92 16.27
N PRO E 154 -16.18 -22.09 16.61
CA PRO E 154 -16.06 -20.80 15.92
C PRO E 154 -15.81 -20.93 14.42
N SER E 155 -15.10 -21.97 13.98
CA SER E 155 -14.84 -22.13 12.55
C SER E 155 -16.13 -22.44 11.79
N VAL E 156 -16.99 -23.30 12.36
CA VAL E 156 -18.27 -23.62 11.73
C VAL E 156 -19.15 -22.38 11.66
N ILE E 157 -19.22 -21.62 12.76
CA ILE E 157 -20.04 -20.42 12.77
C ILE E 157 -19.51 -19.37 11.80
N LYS E 158 -18.19 -19.28 11.64
CA LYS E 158 -17.61 -18.34 10.68
C LYS E 158 -17.92 -18.75 9.24
N GLU E 159 -17.93 -20.05 8.97
CA GLU E 159 -18.30 -20.53 7.64
C GLU E 159 -19.80 -20.43 7.37
N LYS E 160 -20.62 -20.49 8.41
CA LYS E 160 -22.07 -20.36 8.26
C LYS E 160 -22.45 -19.02 7.67
N TYR E 161 -21.74 -17.96 8.06
CA TYR E 161 -22.01 -16.60 7.61
C TYR E 161 -20.93 -16.25 6.58
N LYS E 162 -21.17 -16.63 5.34
CA LYS E 162 -20.16 -16.50 4.28
C LYS E 162 -20.05 -15.05 3.79
N GLY E 163 -21.16 -14.51 3.29
CA GLY E 163 -21.13 -13.17 2.74
C GLY E 163 -21.65 -12.09 3.69
N LYS E 164 -22.26 -12.51 4.80
CA LYS E 164 -22.87 -11.53 5.70
C LYS E 164 -21.80 -10.83 6.54
N ASP E 165 -22.21 -9.73 7.17
CA ASP E 165 -21.29 -8.93 7.96
C ASP E 165 -20.75 -9.72 9.15
N LYS E 166 -19.59 -9.28 9.65
CA LYS E 166 -18.95 -9.98 10.75
C LYS E 166 -19.82 -9.99 12.01
N LYS E 167 -20.45 -8.86 12.31
CA LYS E 167 -21.28 -8.71 13.50
C LYS E 167 -22.76 -8.58 13.15
N ASP E 168 -23.20 -9.35 12.14
CA ASP E 168 -24.60 -9.35 11.71
C ASP E 168 -25.25 -10.72 11.90
N MET E 169 -24.73 -11.52 12.83
CA MET E 169 -25.26 -12.85 13.11
C MET E 169 -26.38 -12.79 14.14
N SER E 170 -27.12 -13.89 14.23
CA SER E 170 -28.16 -14.02 15.25
C SER E 170 -27.55 -14.10 16.64
N ALA E 171 -28.39 -13.86 17.65
CA ALA E 171 -27.92 -13.87 19.03
C ALA E 171 -27.38 -15.24 19.42
N LYS E 172 -28.06 -16.31 18.99
CA LYS E 172 -27.61 -17.65 19.33
C LYS E 172 -26.20 -17.90 18.80
N ASP E 173 -25.94 -17.52 17.56
CA ASP E 173 -24.63 -17.79 16.99
C ASP E 173 -23.54 -16.92 17.62
N LYS E 174 -23.84 -15.67 17.98
CA LYS E 174 -22.83 -14.87 18.66
C LYS E 174 -22.49 -15.43 20.05
N LYS E 175 -23.53 -15.81 20.82
CA LYS E 175 -23.29 -16.38 22.14
C LYS E 175 -22.49 -17.68 22.03
N ASN E 176 -22.83 -18.52 21.05
CA ASN E 176 -22.09 -19.76 20.85
C ASN E 176 -20.68 -19.50 20.34
N TYR E 177 -20.47 -18.44 19.55
CA TYR E 177 -19.12 -18.11 19.11
C TYR E 177 -18.24 -17.74 20.30
N ARG E 178 -18.77 -16.93 21.22
CA ARG E 178 -18.00 -16.65 22.44
C ARG E 178 -17.73 -17.91 23.24
N LEU E 179 -18.77 -18.76 23.39
CA LEU E 179 -18.63 -20.00 24.15
C LEU E 179 -17.55 -20.89 23.54
N GLY E 180 -17.52 -20.99 22.21
CA GLY E 180 -16.53 -21.81 21.54
C GLY E 180 -15.14 -21.23 21.56
N MET E 181 -15.03 -19.90 21.54
CA MET E 181 -13.72 -19.27 21.69
C MET E 181 -13.15 -19.50 23.07
N LYS E 182 -14.00 -19.68 24.08
CA LYS E 182 -13.50 -20.04 25.40
C LYS E 182 -13.19 -21.53 25.53
N SER E 183 -13.60 -22.37 24.57
CA SER E 183 -13.41 -23.81 24.68
C SER E 183 -11.97 -24.22 24.40
N PHE E 184 -11.60 -25.37 24.95
CA PHE E 184 -10.25 -25.91 24.75
C PHE E 184 -10.01 -26.26 23.30
N PHE E 185 -11.04 -26.75 22.61
CA PHE E 185 -10.85 -27.29 21.27
C PHE E 185 -10.60 -26.22 20.22
N SER E 186 -10.85 -24.93 20.52
CA SER E 186 -10.43 -23.89 19.60
C SER E 186 -8.97 -23.52 19.77
N TRP E 187 -8.32 -24.01 20.84
CA TRP E 187 -6.89 -23.79 21.03
C TRP E 187 -6.09 -24.40 19.88
N PHE E 188 -6.64 -25.43 19.24
CA PHE E 188 -5.95 -26.04 18.11
C PHE E 188 -5.90 -25.12 16.89
N ASN E 189 -6.76 -24.10 16.82
CA ASN E 189 -6.68 -23.10 15.75
C ASN E 189 -5.83 -21.90 16.15
N TRP E 190 -5.17 -21.96 17.30
CA TRP E 190 -4.37 -20.86 17.77
C TRP E 190 -3.06 -20.80 17.00
N THR E 191 -2.73 -19.62 16.52
CA THR E 191 -1.47 -19.35 15.83
C THR E 191 -0.58 -18.38 16.58
N GLY E 192 -1.16 -17.47 17.37
CA GLY E 192 -0.40 -16.46 18.07
C GLY E 192 -0.23 -15.18 17.31
N GLU E 193 -0.71 -15.11 16.06
CA GLU E 193 -0.58 -13.95 15.22
C GLU E 193 -1.93 -13.25 14.97
N LYS E 194 -2.98 -13.65 15.67
CA LYS E 194 -4.29 -13.02 15.56
C LYS E 194 -4.88 -12.77 16.94
N PRO E 195 -4.31 -11.83 17.70
CA PRO E 195 -4.83 -11.58 19.06
C PRO E 195 -6.24 -11.03 19.02
N GLY E 196 -7.02 -11.35 20.04
CA GLY E 196 -8.40 -10.95 20.10
C GLY E 196 -9.33 -11.71 19.20
N LYS E 197 -8.79 -12.41 18.20
CA LYS E 197 -9.57 -13.27 17.32
C LYS E 197 -9.23 -14.74 17.52
N GLU E 198 -8.35 -15.06 18.47
CA GLU E 198 -7.88 -16.40 18.74
C GLU E 198 -8.12 -16.78 20.21
N PHE E 199 -7.79 -18.03 20.51
CA PHE E 199 -7.82 -18.55 21.87
C PHE E 199 -6.86 -17.75 22.75
N ARG E 200 -7.29 -17.48 23.98
CA ARG E 200 -6.50 -16.62 24.85
C ARG E 200 -5.29 -17.35 25.43
N ASN E 201 -4.13 -16.68 25.33
CA ASN E 201 -2.90 -17.13 25.98
C ASN E 201 -2.55 -18.57 25.58
N GLY E 202 -2.58 -18.81 24.27
CA GLY E 202 -2.24 -20.13 23.76
C GLY E 202 -0.82 -20.52 24.01
N GLU E 203 0.10 -19.56 23.98
CA GLU E 203 1.50 -19.88 24.25
C GLU E 203 1.68 -20.37 25.68
N ASP E 204 0.91 -19.80 26.62
CA ASP E 204 0.99 -20.23 28.01
C ASP E 204 0.52 -21.68 28.17
N LEU E 205 -0.58 -22.04 27.50
CA LEU E 205 -1.04 -23.43 27.55
C LEU E 205 -0.05 -24.35 26.86
N ALA E 206 0.57 -23.90 25.76
CA ALA E 206 1.58 -24.70 25.10
C ALA E 206 2.75 -24.99 26.02
N THR E 207 3.25 -23.95 26.69
CA THR E 207 4.35 -24.15 27.62
C THR E 207 3.95 -25.03 28.80
N LEU E 208 2.71 -24.88 29.28
CA LEU E 208 2.26 -25.73 30.38
C LEU E 208 2.20 -27.20 29.99
N LEU E 209 1.68 -27.48 28.79
CA LEU E 209 1.58 -28.86 28.33
C LEU E 209 2.93 -29.44 27.97
N SER E 210 3.90 -28.60 27.61
CA SER E 210 5.19 -29.10 27.18
C SER E 210 6.21 -29.19 28.31
N GLU E 211 6.06 -28.40 29.36
CA GLU E 211 7.15 -28.23 30.32
C GLU E 211 6.81 -28.52 31.78
N ASP E 212 5.55 -28.54 32.19
CA ASP E 212 5.23 -28.79 33.59
C ASP E 212 4.45 -30.08 33.80
N LEU E 213 3.30 -30.22 33.17
CA LEU E 213 2.53 -31.45 33.32
C LEU E 213 3.20 -32.60 32.60
N TYR E 214 3.70 -32.36 31.39
CA TYR E 214 4.31 -33.43 30.62
C TYR E 214 5.55 -33.97 31.32
N LEU E 215 6.40 -33.08 31.81
CA LEU E 215 7.65 -33.53 32.43
C LEU E 215 7.39 -34.18 33.78
N ASN E 216 6.47 -33.61 34.56
CA ASN E 216 6.20 -34.06 35.92
C ASN E 216 4.88 -34.82 36.04
N ALA E 217 4.46 -35.51 34.97
CA ALA E 217 3.15 -36.14 34.97
C ALA E 217 3.03 -37.17 36.07
N LEU E 218 4.09 -37.93 36.30
CA LEU E 218 4.06 -38.95 37.34
C LEU E 218 3.83 -38.33 38.71
N LYS E 219 4.49 -37.21 38.98
CA LYS E 219 4.35 -36.55 40.28
C LYS E 219 2.93 -36.05 40.52
N TYR E 220 2.33 -35.41 39.50
CA TYR E 220 0.96 -34.95 39.63
C TYR E 220 -0.01 -36.14 39.76
N TYR E 221 0.26 -37.24 39.06
CA TYR E 221 -0.58 -38.43 39.19
C TYR E 221 -0.56 -38.94 40.63
N ILE E 222 0.63 -39.08 41.20
CA ILE E 222 0.74 -39.58 42.58
C ILE E 222 0.07 -38.62 43.55
N ILE E 223 0.23 -37.31 43.35
CA ILE E 223 -0.46 -36.35 44.21
C ILE E 223 -1.97 -36.51 44.10
N ALA E 224 -2.46 -36.71 42.88
CA ALA E 224 -3.88 -36.89 42.66
C ALA E 224 -4.39 -38.18 43.26
N LEU E 225 -3.51 -39.13 43.56
CA LEU E 225 -3.93 -40.40 44.15
C LEU E 225 -3.36 -40.63 45.54
N SER E 226 -3.03 -39.55 46.26
CA SER E 226 -2.51 -39.65 47.63
C SER E 226 -3.34 -38.76 48.54
N PRO E 227 -4.05 -39.32 49.53
CA PRO E 227 -4.79 -38.57 50.55
C PRO E 227 -3.89 -37.70 51.42
N THR F 3 -4.67 -55.32 50.14
CA THR F 3 -4.59 -54.41 48.99
C THR F 3 -5.60 -54.78 47.91
N GLU F 4 -5.37 -54.28 46.71
CA GLU F 4 -6.11 -54.68 45.53
C GLU F 4 -5.36 -55.84 44.90
N LYS F 5 -5.78 -57.05 45.25
CA LYS F 5 -5.01 -58.25 44.93
C LYS F 5 -5.20 -58.73 43.49
N ASP F 6 -6.27 -58.30 42.81
CA ASP F 6 -6.61 -58.90 41.53
C ASP F 6 -6.00 -58.14 40.35
N GLU F 7 -6.40 -56.89 40.15
CA GLU F 7 -5.95 -56.10 39.02
C GLU F 7 -5.32 -54.78 39.41
N GLY F 8 -5.27 -54.46 40.71
CA GLY F 8 -4.40 -53.37 41.15
C GLY F 8 -2.93 -53.72 41.04
N LYS F 9 -2.60 -55.01 41.00
CA LYS F 9 -1.20 -55.38 40.84
C LYS F 9 -0.71 -55.14 39.42
N ARG F 10 -1.61 -55.05 38.43
CA ARG F 10 -1.17 -54.63 37.10
C ARG F 10 -0.72 -53.18 37.15
N LEU F 11 -1.44 -52.36 37.92
CA LEU F 11 -1.04 -50.99 38.16
C LEU F 11 0.28 -50.96 38.90
N GLN F 12 0.47 -51.86 39.86
CA GLN F 12 1.71 -51.91 40.63
C GLN F 12 2.89 -52.24 39.71
N LEU F 13 2.69 -53.18 38.78
CA LEU F 13 3.74 -53.51 37.82
C LEU F 13 4.08 -52.30 36.95
N SER F 14 3.05 -51.61 36.45
CA SER F 14 3.29 -50.43 35.62
C SER F 14 4.01 -49.34 36.40
N LEU F 15 3.64 -49.15 37.67
CA LEU F 15 4.29 -48.13 38.49
C LEU F 15 5.73 -48.49 38.78
N ASP F 16 6.03 -49.78 38.99
CA ASP F 16 7.42 -50.18 39.15
C ASP F 16 8.21 -49.91 37.87
N LYS F 17 7.61 -50.18 36.72
CA LYS F 17 8.25 -49.83 35.45
C LYS F 17 8.54 -48.34 35.38
N LEU F 18 7.57 -47.52 35.83
CA LEU F 18 7.76 -46.07 35.83
C LEU F 18 8.87 -45.65 36.80
N GLY F 19 8.97 -46.32 37.94
CA GLY F 19 10.04 -46.01 38.88
C GLY F 19 11.41 -46.31 38.31
N ASP F 20 11.56 -47.47 37.66
CA ASP F 20 12.82 -47.76 36.99
C ASP F 20 13.10 -46.73 35.91
N TRP F 21 12.06 -46.33 35.18
CA TRP F 21 12.24 -45.30 34.16
C TRP F 21 12.69 -43.98 34.77
N GLU F 22 12.13 -43.61 35.93
CA GLU F 22 12.50 -42.36 36.57
C GLU F 22 13.95 -42.38 37.04
N LYS F 23 14.40 -43.50 37.60
CA LYS F 23 15.79 -43.60 38.03
C LYS F 23 16.73 -43.48 36.82
N GLU F 24 16.41 -44.21 35.75
CA GLU F 24 17.22 -44.14 34.54
C GLU F 24 17.23 -42.74 33.96
N MET F 25 16.07 -42.07 33.96
CA MET F 25 15.97 -40.72 33.44
C MET F 25 16.76 -39.73 34.29
N SER F 26 16.73 -39.86 35.61
CA SER F 26 17.54 -39.00 36.47
C SER F 26 19.01 -39.16 36.17
N GLN F 27 19.46 -40.41 36.01
CA GLN F 27 20.85 -40.66 35.67
C GLN F 27 21.21 -40.07 34.30
N VAL F 28 20.32 -40.21 33.31
CA VAL F 28 20.57 -39.66 31.97
C VAL F 28 20.66 -38.14 32.02
N GLU F 29 19.75 -37.51 32.76
CA GLU F 29 19.78 -36.06 32.88
C GLU F 29 21.05 -35.59 33.55
N ARG F 30 21.50 -36.33 34.58
CA ARG F 30 22.78 -36.02 35.21
C ARG F 30 23.93 -36.14 34.22
N GLU F 31 23.91 -37.19 33.38
CA GLU F 31 24.96 -37.36 32.37
C GLU F 31 24.97 -36.20 31.38
N ALA F 32 23.79 -35.75 30.93
CA ALA F 32 23.73 -34.64 30.00
C ALA F 32 24.27 -33.37 30.63
N GLU F 33 23.96 -33.14 31.92
CA GLU F 33 24.48 -31.96 32.59
C GLU F 33 25.99 -32.02 32.73
N ILE F 34 26.54 -33.20 33.02
CA ILE F 34 27.99 -33.34 33.11
C ILE F 34 28.63 -33.07 31.75
N TYR F 35 27.99 -33.54 30.67
CA TYR F 35 28.47 -33.21 29.32
C TYR F 35 28.50 -31.70 29.10
N ARG F 36 27.44 -31.01 29.53
CA ARG F 36 27.39 -29.56 29.37
C ARG F 36 28.52 -28.88 30.13
N ILE F 37 28.77 -29.31 31.37
CA ILE F 37 29.83 -28.72 32.18
C ILE F 37 31.18 -28.94 31.51
N LYS F 38 31.44 -30.16 31.03
CA LYS F 38 32.72 -30.47 30.41
C LYS F 38 32.93 -29.68 29.13
N LYS F 39 31.88 -29.50 28.33
CA LYS F 39 32.01 -28.72 27.10
C LYS F 39 32.08 -27.21 27.36
N THR F 40 31.57 -26.73 28.49
CA THR F 40 31.53 -25.29 28.75
C THR F 40 32.69 -24.79 29.61
N GLN F 41 33.32 -25.64 30.41
CA GLN F 41 34.40 -25.18 31.29
C GLN F 41 35.57 -24.55 30.53
N PRO F 42 36.09 -25.16 29.45
CA PRO F 42 37.21 -24.50 28.74
C PRO F 42 36.87 -23.13 28.19
N MET F 43 35.62 -22.90 27.77
CA MET F 43 35.24 -21.58 27.30
C MET F 43 35.35 -20.55 28.41
N TYR F 44 34.94 -20.92 29.63
CA TYR F 44 35.06 -19.97 30.73
C TYR F 44 36.51 -19.79 31.15
N ALA F 45 37.35 -20.80 30.94
CA ALA F 45 38.79 -20.60 31.14
C ALA F 45 39.34 -19.56 30.14
N LYS F 46 38.95 -19.68 28.88
CA LYS F 46 39.34 -18.69 27.88
C LYS F 46 38.84 -17.30 28.28
N ARG F 47 37.60 -17.23 28.78
CA ARG F 47 37.06 -15.95 29.19
C ARG F 47 37.83 -15.36 30.36
N ARG F 48 38.26 -16.19 31.32
CA ARG F 48 39.07 -15.68 32.40
C ARG F 48 40.39 -15.12 31.89
N SER F 49 41.03 -15.83 30.96
CA SER F 49 42.28 -15.32 30.39
C SER F 49 42.06 -13.98 29.69
N ILE F 50 40.92 -13.83 29.01
CA ILE F 50 40.63 -12.56 28.35
C ILE F 50 40.34 -11.46 29.38
N LEU F 51 39.59 -11.80 30.42
CA LEU F 51 39.16 -10.80 31.41
C LEU F 51 40.31 -10.32 32.26
N LYS F 52 41.35 -11.13 32.44
CA LYS F 52 42.52 -10.67 33.18
C LYS F 52 43.18 -9.45 32.54
N GLU F 53 42.95 -9.22 31.25
CA GLU F 53 43.44 -8.00 30.60
C GLU F 53 42.68 -6.78 31.08
N ILE F 54 41.39 -6.92 31.35
CA ILE F 54 40.54 -5.77 31.66
C ILE F 54 40.84 -5.30 33.07
N PRO F 55 41.16 -4.02 33.27
CA PRO F 55 41.49 -3.54 34.62
C PRO F 55 40.24 -3.26 35.44
N LYS F 56 40.22 -3.78 36.68
CA LYS F 56 39.13 -3.56 37.63
C LYS F 56 37.77 -3.98 37.04
N PHE F 57 37.78 -5.04 36.23
CA PHE F 57 36.54 -5.56 35.66
C PHE F 57 35.60 -6.03 36.76
N TRP F 58 36.11 -6.86 37.66
CA TRP F 58 35.27 -7.42 38.70
C TRP F 58 34.83 -6.37 39.70
N TYR F 59 35.66 -5.35 39.95
CA TYR F 59 35.24 -4.26 40.83
C TYR F 59 34.01 -3.55 40.26
N ILE F 60 34.01 -3.25 38.97
CA ILE F 60 32.86 -2.59 38.37
C ILE F 60 31.63 -3.49 38.44
N VAL F 61 31.81 -4.77 38.09
CA VAL F 61 30.68 -5.69 38.09
C VAL F 61 30.08 -5.80 39.49
N LEU F 62 30.94 -5.90 40.51
CA LEU F 62 30.46 -6.08 41.88
C LEU F 62 29.83 -4.80 42.42
N ALA F 63 30.43 -3.64 42.13
CA ALA F 63 29.91 -2.39 42.67
C ALA F 63 28.57 -2.06 42.06
N GLU F 64 28.37 -2.34 40.76
CA GLU F 64 27.09 -2.02 40.15
C GLU F 64 25.98 -2.96 40.65
N ASN F 65 26.32 -4.21 40.95
CA ASN F 65 25.29 -5.17 41.32
C ASN F 65 24.75 -4.86 42.72
N ASP F 66 23.42 -4.78 42.81
CA ASP F 66 22.75 -4.45 44.05
C ASP F 66 22.50 -5.69 44.93
N ASP F 67 22.20 -6.83 44.30
CA ASP F 67 22.00 -8.07 45.07
C ASP F 67 23.23 -8.44 45.86
N PHE F 68 24.42 -8.26 45.27
CA PHE F 68 25.66 -8.64 45.94
C PHE F 68 25.92 -7.82 47.20
N ALA F 69 25.67 -6.50 47.14
CA ALA F 69 25.91 -5.66 48.30
C ALA F 69 25.05 -6.02 49.50
N ASP F 70 23.93 -6.72 49.28
CA ASP F 70 23.08 -7.12 50.38
C ASP F 70 23.79 -8.08 51.33
N TYR F 71 24.65 -8.93 50.81
CA TYR F 71 25.28 -9.99 51.61
C TYR F 71 26.48 -9.50 52.42
N ILE F 72 27.00 -8.31 52.13
CA ILE F 72 28.26 -7.85 52.71
C ILE F 72 28.05 -6.51 53.41
N SER F 73 29.03 -6.16 54.27
CA SER F 73 29.07 -4.85 54.86
C SER F 73 29.53 -3.81 53.84
N PRO F 74 29.03 -2.58 53.92
CA PRO F 74 29.47 -1.55 52.96
C PRO F 74 30.95 -1.24 53.01
N ASP F 75 31.56 -1.26 54.20
CA ASP F 75 32.98 -0.94 54.32
C ASP F 75 33.84 -1.92 53.54
N ASP F 76 33.33 -3.11 53.26
CA ASP F 76 34.08 -4.11 52.50
C ASP F 76 34.30 -3.67 51.06
N LEU F 77 33.38 -2.88 50.49
CA LEU F 77 33.46 -2.57 49.06
C LEU F 77 34.79 -1.94 48.69
N LYS F 78 35.34 -1.12 49.58
CA LYS F 78 36.61 -0.45 49.30
C LYS F 78 37.68 -1.44 48.86
N TYR F 79 37.71 -2.61 49.48
CA TYR F 79 38.77 -3.58 49.16
C TYR F 79 38.48 -4.31 47.86
N LEU F 80 37.20 -4.45 47.50
CA LEU F 80 36.85 -5.13 46.27
C LEU F 80 37.31 -4.39 45.02
N GLU F 81 37.76 -3.14 45.16
CA GLU F 81 38.38 -2.46 44.04
C GLU F 81 39.57 -3.25 43.51
N TYR F 82 40.20 -4.04 44.37
CA TYR F 82 41.48 -4.68 44.06
C TYR F 82 41.31 -6.18 43.81
N ILE F 83 40.22 -6.57 43.17
CA ILE F 83 40.00 -7.95 42.75
C ILE F 83 40.36 -8.04 41.27
N ASP F 84 41.30 -8.92 40.94
CA ASP F 84 41.75 -9.06 39.57
C ASP F 84 41.17 -10.27 38.86
N ASP F 85 40.63 -11.25 39.60
CA ASP F 85 40.10 -12.44 38.96
C ASP F 85 39.14 -13.18 39.88
N ILE F 86 37.99 -13.56 39.32
CA ILE F 86 37.06 -14.50 39.94
C ILE F 86 36.81 -15.65 38.97
N TYR F 87 36.97 -16.89 39.44
CA TYR F 87 36.85 -18.07 38.59
C TYR F 87 36.07 -19.15 39.31
N VAL F 88 35.32 -19.94 38.54
CA VAL F 88 34.54 -21.07 39.06
C VAL F 88 34.97 -22.33 38.32
N TYR F 89 35.35 -23.36 39.07
CA TYR F 89 35.80 -24.63 38.51
C TYR F 89 34.96 -25.76 39.07
N TYR F 90 34.43 -26.60 38.19
CA TYR F 90 33.62 -27.73 38.65
C TYR F 90 34.48 -29.00 38.60
N PRO F 91 34.87 -29.58 39.73
CA PRO F 91 35.81 -30.71 39.71
C PRO F 91 35.22 -31.99 39.14
N ILE F 92 33.94 -31.99 38.75
CA ILE F 92 33.36 -33.15 38.10
C ILE F 92 34.00 -33.39 36.73
N VAL F 93 34.68 -32.38 36.18
CA VAL F 93 35.38 -32.56 34.91
C VAL F 93 36.48 -33.59 35.06
N ASP F 94 37.17 -33.59 36.20
CA ASP F 94 38.27 -34.50 36.47
C ASP F 94 37.81 -35.81 37.09
N ASP F 95 36.51 -35.99 37.32
CA ASP F 95 35.89 -37.11 38.01
C ASP F 95 36.20 -37.11 39.51
N GLU F 96 37.04 -36.19 39.98
CA GLU F 96 37.48 -36.13 41.36
C GLU F 96 36.42 -35.53 42.30
N ALA F 97 35.18 -35.37 41.85
CA ALA F 97 34.13 -34.73 42.64
C ALA F 97 33.18 -35.75 43.25
N GLY F 98 32.70 -35.44 44.45
CA GLY F 98 31.77 -36.33 45.14
C GLY F 98 30.39 -36.24 44.53
N HIS F 99 29.79 -35.05 44.59
CA HIS F 99 28.56 -34.74 43.87
C HIS F 99 28.93 -33.92 42.63
N PHE F 100 28.20 -34.15 41.54
CA PHE F 100 28.59 -33.51 40.28
C PHE F 100 28.36 -32.00 40.29
N LYS F 101 27.61 -31.48 41.26
CA LYS F 101 27.36 -30.05 41.39
C LYS F 101 28.41 -29.33 42.23
N ASP F 102 29.39 -30.07 42.76
CA ASP F 102 30.45 -29.45 43.54
C ASP F 102 31.21 -28.43 42.69
N PHE F 103 31.62 -27.33 43.32
CA PHE F 103 32.28 -26.26 42.59
C PHE F 103 33.24 -25.50 43.50
N ASN F 104 34.30 -24.97 42.91
CA ASN F 104 35.33 -24.23 43.62
C ASN F 104 35.37 -22.81 43.08
N ILE F 105 35.38 -21.84 43.99
CA ILE F 105 35.45 -20.42 43.64
C ILE F 105 36.83 -19.90 44.02
N THR F 106 37.50 -19.30 43.04
CA THR F 106 38.83 -18.74 43.22
C THR F 106 38.74 -17.23 43.08
N VAL F 107 39.18 -16.52 44.11
CA VAL F 107 39.23 -15.06 44.15
C VAL F 107 40.68 -14.64 44.28
N THR F 108 41.12 -13.75 43.40
CA THR F 108 42.50 -13.26 43.44
C THR F 108 42.50 -11.78 43.78
N PHE F 109 43.27 -11.44 44.81
CA PHE F 109 43.50 -10.04 45.18
C PHE F 109 44.86 -9.62 44.65
N GLY F 110 44.89 -8.51 43.92
CA GLY F 110 46.10 -7.99 43.34
C GLY F 110 46.92 -7.18 44.33
N LYS F 111 47.98 -6.57 43.79
CA LYS F 111 48.92 -5.83 44.60
C LYS F 111 48.30 -4.50 45.00
N ASN F 112 48.16 -4.26 46.30
CA ASN F 112 47.50 -3.06 46.81
C ASN F 112 47.95 -2.84 48.25
N PRO F 113 47.83 -1.61 48.76
CA PRO F 113 48.25 -1.35 50.15
C PRO F 113 47.27 -1.83 51.21
N TYR F 114 46.02 -2.16 50.85
CA TYR F 114 44.99 -2.45 51.84
C TYR F 114 44.83 -3.93 52.14
N ILE F 115 44.93 -4.80 51.14
CA ILE F 115 44.86 -6.24 51.37
C ILE F 115 45.95 -6.93 50.55
N PRO F 116 46.73 -7.82 51.17
CA PRO F 116 47.86 -8.43 50.46
C PRO F 116 47.42 -9.25 49.27
N GLU F 117 48.25 -9.25 48.23
CA GLU F 117 47.99 -10.05 47.03
C GLU F 117 47.89 -11.52 47.42
N GLN F 118 46.87 -12.19 46.91
CA GLN F 118 46.65 -13.59 47.29
C GLN F 118 45.72 -14.25 46.28
N GLU F 119 45.67 -15.57 46.35
CA GLU F 119 44.74 -16.38 45.57
C GLU F 119 44.06 -17.37 46.49
N ILE F 120 42.74 -17.24 46.65
CA ILE F 120 41.96 -18.04 47.57
C ILE F 120 41.00 -18.90 46.76
N THR F 121 41.09 -20.22 46.90
CA THR F 121 40.17 -21.13 46.24
C THR F 121 39.40 -21.87 47.33
N LYS F 122 38.11 -21.60 47.41
CA LYS F 122 37.21 -22.22 48.38
C LYS F 122 36.33 -23.23 47.67
N LYS F 123 36.26 -24.44 48.21
CA LYS F 123 35.59 -25.55 47.56
C LYS F 123 34.28 -25.85 48.26
N PHE F 124 33.20 -25.99 47.47
CA PHE F 124 31.87 -26.25 47.98
C PHE F 124 31.39 -27.59 47.43
N LYS F 125 30.82 -28.39 48.31
CA LYS F 125 30.33 -29.71 47.98
C LYS F 125 28.84 -29.82 48.28
N ILE F 126 28.17 -30.73 47.59
CA ILE F 126 26.75 -30.99 47.76
C ILE F 126 26.60 -32.30 48.51
N VAL F 127 25.82 -32.27 49.59
CA VAL F 127 25.57 -33.45 50.40
C VAL F 127 24.07 -33.73 50.41
N ILE F 128 23.69 -34.99 50.19
CA ILE F 128 22.29 -35.38 50.17
C ILE F 128 21.81 -35.56 51.61
N GLN F 129 20.93 -34.66 52.06
CA GLN F 129 20.36 -34.72 53.41
C GLN F 129 19.50 -35.96 53.60
N GLU F 130 19.46 -36.44 54.86
CA GLU F 130 18.62 -37.58 55.20
C GLU F 130 17.16 -37.33 54.83
N ASP F 131 16.76 -36.05 54.78
CA ASP F 131 15.39 -35.66 54.47
C ASP F 131 15.20 -35.46 52.95
N GLY F 132 15.99 -36.14 52.14
CA GLY F 132 15.78 -36.12 50.70
C GLY F 132 16.60 -35.11 49.94
N ASP F 133 16.68 -33.89 50.47
CA ASP F 133 17.17 -32.76 49.69
C ASP F 133 18.69 -32.67 49.75
N GLU F 134 19.23 -31.74 48.98
CA GLU F 134 20.67 -31.51 48.90
C GLU F 134 21.01 -30.19 49.59
N ARG F 135 22.17 -30.17 50.25
CA ARG F 135 22.64 -29.04 51.03
C ARG F 135 24.05 -28.70 50.57
N ILE F 136 24.37 -27.41 50.53
CA ILE F 136 25.70 -26.94 50.15
C ILE F 136 26.52 -26.78 51.42
N VAL F 137 27.71 -27.37 51.44
CA VAL F 137 28.64 -27.22 52.55
C VAL F 137 30.02 -26.92 51.99
N SER F 138 30.92 -26.49 52.86
CA SER F 138 32.28 -26.16 52.46
C SER F 138 33.21 -26.33 53.64
N GLU F 139 34.51 -26.20 53.36
CA GLU F 139 35.52 -26.18 54.39
C GLU F 139 36.14 -24.78 54.43
N SER F 140 36.47 -24.33 55.64
CA SER F 140 37.06 -23.00 55.81
C SER F 140 38.40 -22.92 55.08
N VAL F 141 38.61 -21.79 54.42
CA VAL F 141 39.83 -21.51 53.69
C VAL F 141 40.45 -20.25 54.27
N GLU F 142 41.75 -20.30 54.56
CA GLU F 142 42.40 -19.17 55.21
C GLU F 142 42.51 -18.00 54.23
N VAL F 143 42.31 -16.80 54.75
CA VAL F 143 42.31 -15.57 53.97
C VAL F 143 43.11 -14.52 54.71
N LYS F 144 43.97 -13.82 53.97
CA LYS F 144 44.73 -12.70 54.53
C LYS F 144 43.81 -11.50 54.61
N TRP F 145 43.35 -11.17 55.81
CA TRP F 145 42.40 -10.10 55.98
C TRP F 145 43.00 -8.73 55.67
N PRO F 146 42.18 -7.75 55.37
CA PRO F 146 42.66 -6.37 55.30
C PRO F 146 43.24 -5.93 56.63
N HIS F 147 44.27 -5.08 56.56
CA HIS F 147 44.97 -4.68 57.77
C HIS F 147 44.05 -3.93 58.72
N GLU F 148 43.22 -3.04 58.17
CA GLU F 148 42.34 -2.21 58.99
C GLU F 148 41.32 -3.03 59.78
N LEU F 149 40.98 -4.23 59.31
CA LEU F 149 39.96 -5.05 59.94
C LEU F 149 40.51 -6.12 60.88
N SER F 150 41.82 -6.18 61.10
CA SER F 150 42.36 -7.17 62.03
C SER F 150 41.78 -7.00 63.43
N LYS F 151 41.30 -5.80 63.77
CA LYS F 151 40.70 -5.57 65.07
C LYS F 151 39.35 -6.28 65.21
N ILE F 152 38.66 -6.51 64.09
CA ILE F 152 37.32 -7.10 64.12
C ILE F 152 37.32 -8.49 63.50
N ASN F 153 38.49 -9.03 63.16
CA ASN F 153 38.56 -10.36 62.60
C ASN F 153 38.04 -11.36 63.63
N PRO F 154 36.99 -12.12 63.32
CA PRO F 154 36.47 -13.09 64.30
C PRO F 154 37.47 -14.15 64.70
N SER F 155 38.35 -14.57 63.79
CA SER F 155 39.34 -15.58 64.14
C SER F 155 40.33 -15.07 65.17
N VAL F 156 40.79 -13.82 65.03
CA VAL F 156 41.73 -13.25 65.98
C VAL F 156 41.08 -13.13 67.37
N ILE F 157 39.87 -12.57 67.41
CA ILE F 157 39.19 -12.34 68.68
C ILE F 157 38.84 -13.67 69.35
N LYS F 158 38.46 -14.67 68.55
CA LYS F 158 38.18 -15.99 69.13
C LYS F 158 39.44 -16.68 69.61
N GLU F 159 40.58 -16.45 68.93
CA GLU F 159 41.85 -17.03 69.37
C GLU F 159 42.37 -16.39 70.65
N LYS F 160 42.07 -15.10 70.88
CA LYS F 160 42.51 -14.46 72.11
C LYS F 160 41.93 -15.15 73.35
N TYR F 161 40.73 -15.69 73.25
CA TYR F 161 40.07 -16.27 74.41
C TYR F 161 40.15 -17.79 74.37
N ASP F 168 31.23 -14.87 77.18
CA ASP F 168 31.96 -14.40 78.35
C ASP F 168 33.03 -13.38 77.96
N MET F 169 32.84 -12.75 76.81
CA MET F 169 33.78 -11.77 76.27
C MET F 169 33.47 -10.36 76.76
N SER F 170 34.45 -9.48 76.58
CA SER F 170 34.26 -8.06 76.84
C SER F 170 33.32 -7.44 75.81
N ALA F 171 32.76 -6.28 76.16
CA ALA F 171 31.80 -5.61 75.27
C ALA F 171 32.45 -5.19 73.96
N LYS F 172 33.66 -4.62 74.03
CA LYS F 172 34.34 -4.20 72.80
C LYS F 172 34.62 -5.39 71.89
N ASP F 173 35.06 -6.51 72.46
CA ASP F 173 35.36 -7.68 71.65
C ASP F 173 34.09 -8.27 71.05
N LYS F 174 32.98 -8.22 71.80
CA LYS F 174 31.70 -8.68 71.23
C LYS F 174 31.25 -7.77 70.08
N LYS F 175 31.39 -6.45 70.23
CA LYS F 175 31.04 -5.54 69.15
C LYS F 175 31.88 -5.82 67.91
N ASN F 176 33.19 -6.01 68.09
CA ASN F 176 34.04 -6.27 66.95
C ASN F 176 33.76 -7.64 66.34
N TYR F 177 33.41 -8.64 67.16
CA TYR F 177 33.07 -9.96 66.64
C TYR F 177 31.80 -9.90 65.78
N ARG F 178 30.79 -9.19 66.28
CA ARG F 178 29.55 -9.04 65.50
C ARG F 178 29.82 -8.27 64.20
N LEU F 179 30.60 -7.20 64.27
CA LEU F 179 30.91 -6.43 63.07
C LEU F 179 31.69 -7.26 62.06
N GLY F 180 32.61 -8.10 62.54
CA GLY F 180 33.41 -8.92 61.66
C GLY F 180 32.64 -10.08 61.04
N MET F 181 31.66 -10.64 61.75
CA MET F 181 30.84 -11.68 61.15
C MET F 181 30.01 -11.15 59.98
N LYS F 182 29.69 -9.85 59.98
CA LYS F 182 29.02 -9.24 58.83
C LYS F 182 29.98 -8.93 57.68
N SER F 183 31.28 -9.04 57.90
CA SER F 183 32.22 -8.70 56.83
C SER F 183 32.25 -9.79 55.77
N PHE F 184 32.63 -9.40 54.57
CA PHE F 184 32.70 -10.35 53.45
C PHE F 184 33.74 -11.44 53.72
N PHE F 185 34.83 -11.08 54.38
CA PHE F 185 35.98 -11.98 54.51
C PHE F 185 35.73 -13.13 55.49
N SER F 186 34.69 -13.07 56.30
CA SER F 186 34.32 -14.22 57.11
C SER F 186 33.51 -15.23 56.32
N TRP F 187 33.07 -14.88 55.11
CA TRP F 187 32.41 -15.83 54.22
C TRP F 187 33.32 -17.00 53.90
N PHE F 188 34.64 -16.76 53.86
CA PHE F 188 35.60 -17.83 53.59
C PHE F 188 35.70 -18.82 54.73
N ASN F 189 35.25 -18.43 55.92
CA ASN F 189 35.23 -19.32 57.08
C ASN F 189 33.92 -20.06 57.21
N TRP F 190 33.02 -19.93 56.23
CA TRP F 190 31.72 -20.58 56.28
C TRP F 190 31.85 -22.06 55.92
N THR F 191 31.24 -22.92 56.72
CA THR F 191 31.21 -24.35 56.48
C THR F 191 29.81 -24.89 56.23
N GLY F 192 28.78 -24.27 56.80
CA GLY F 192 27.41 -24.72 56.63
C GLY F 192 26.94 -25.74 57.64
N GLU F 193 27.81 -26.21 58.53
CA GLU F 193 27.43 -27.21 59.53
C GLU F 193 27.42 -26.65 60.94
N LYS F 194 27.53 -25.33 61.11
CA LYS F 194 27.41 -24.67 62.40
C LYS F 194 26.52 -23.45 62.24
N PRO F 195 25.21 -23.66 62.06
CA PRO F 195 24.30 -22.53 61.80
C PRO F 195 24.20 -21.59 62.98
N GLY F 196 23.95 -20.32 62.67
CA GLY F 196 23.87 -19.26 63.66
C GLY F 196 25.20 -18.80 64.18
N LYS F 197 26.27 -19.57 63.97
CA LYS F 197 27.61 -19.19 64.40
C LYS F 197 28.53 -18.88 63.23
N GLU F 198 28.03 -18.92 62.00
CA GLU F 198 28.84 -18.69 60.82
C GLU F 198 28.25 -17.54 60.01
N PHE F 199 28.94 -17.21 58.91
CA PHE F 199 28.49 -16.17 58.00
C PHE F 199 27.07 -16.48 57.54
N ARG F 200 26.21 -15.47 57.57
CA ARG F 200 24.79 -15.67 57.32
C ARG F 200 24.50 -15.83 55.83
N ASN F 201 23.72 -16.87 55.50
CA ASN F 201 23.29 -17.13 54.13
C ASN F 201 24.49 -17.22 53.19
N GLY F 202 25.51 -17.99 53.62
CA GLY F 202 26.69 -18.17 52.82
C GLY F 202 26.44 -18.95 51.54
N GLU F 203 25.54 -19.94 51.61
CA GLU F 203 25.24 -20.73 50.43
C GLU F 203 24.58 -19.88 49.34
N ASP F 204 23.72 -18.94 49.73
CA ASP F 204 23.10 -18.07 48.74
C ASP F 204 24.13 -17.16 48.08
N LEU F 205 25.08 -16.64 48.86
CA LEU F 205 26.15 -15.83 48.27
C LEU F 205 27.04 -16.68 47.35
N ALA F 206 27.30 -17.92 47.72
CA ALA F 206 28.08 -18.81 46.85
C ALA F 206 27.36 -19.03 45.52
N THR F 207 26.06 -19.32 45.58
CA THR F 207 25.30 -19.51 44.35
C THR F 207 25.25 -18.22 43.53
N LEU F 208 25.14 -17.07 44.21
CA LEU F 208 25.12 -15.79 43.49
C LEU F 208 26.44 -15.54 42.77
N LEU F 209 27.56 -15.81 43.42
CA LEU F 209 28.85 -15.58 42.79
C LEU F 209 29.15 -16.60 41.70
N SER F 210 28.59 -17.81 41.81
CA SER F 210 28.95 -18.85 40.85
C SER F 210 28.02 -18.92 39.65
N GLU F 211 26.77 -18.48 39.81
CA GLU F 211 25.76 -18.76 38.80
C GLU F 211 25.02 -17.53 38.27
N ASP F 212 25.13 -16.36 38.90
CA ASP F 212 24.48 -15.16 38.40
C ASP F 212 25.49 -14.10 37.96
N LEU F 213 26.38 -13.67 38.86
CA LEU F 213 27.37 -12.66 38.50
C LEU F 213 28.43 -13.23 37.55
N TYR F 214 28.92 -14.43 37.84
CA TYR F 214 29.99 -15.02 37.05
C TYR F 214 29.55 -15.28 35.61
N LEU F 215 28.34 -15.80 35.42
CA LEU F 215 27.89 -16.15 34.07
C LEU F 215 27.57 -14.91 33.24
N ASN F 216 26.93 -13.91 33.85
CA ASN F 216 26.48 -12.72 33.13
C ASN F 216 27.35 -11.51 33.41
N ALA F 217 28.64 -11.72 33.68
CA ALA F 217 29.51 -10.62 34.08
C ALA F 217 29.61 -9.56 32.99
N LEU F 218 29.60 -9.99 31.72
CA LEU F 218 29.70 -9.03 30.63
C LEU F 218 28.53 -8.07 30.61
N LYS F 219 27.31 -8.56 30.80
CA LYS F 219 26.14 -7.69 30.77
C LYS F 219 26.14 -6.71 31.94
N TYR F 220 26.46 -7.19 33.15
CA TYR F 220 26.50 -6.29 34.30
C TYR F 220 27.60 -5.24 34.14
N TYR F 221 28.73 -5.63 33.54
CA TYR F 221 29.80 -4.68 33.27
C TYR F 221 29.35 -3.60 32.30
N ILE F 222 28.74 -4.01 31.18
CA ILE F 222 28.29 -3.04 30.18
C ILE F 222 27.23 -2.11 30.74
N ILE F 223 26.34 -2.64 31.57
CA ILE F 223 25.26 -1.83 32.13
C ILE F 223 25.81 -0.67 32.97
N ALA F 224 26.89 -0.89 33.73
CA ALA F 224 27.36 0.17 34.63
C ALA F 224 27.85 1.41 33.90
N LEU F 225 28.22 1.31 32.62
CA LEU F 225 28.66 2.47 31.83
C LEU F 225 27.85 2.57 30.53
N SER F 226 26.68 3.22 30.59
CA SER F 226 25.90 3.45 29.38
C SER F 226 24.78 4.46 29.61
N PRO F 227 25.09 5.74 29.83
CA PRO F 227 24.04 6.74 29.97
C PRO F 227 23.46 7.17 28.62
N LYS G 9 -41.75 10.55 11.68
CA LYS G 9 -40.64 9.61 11.56
C LYS G 9 -41.04 8.45 10.64
N ARG G 10 -41.91 8.76 9.67
CA ARG G 10 -42.33 7.82 8.63
C ARG G 10 -41.19 7.40 7.71
N LEU G 11 -40.12 8.20 7.65
CA LEU G 11 -38.95 7.90 6.82
C LEU G 11 -38.37 6.53 7.11
N GLN G 12 -38.43 6.08 8.37
CA GLN G 12 -37.84 4.79 8.72
C GLN G 12 -38.41 3.65 7.90
N LEU G 13 -39.69 3.70 7.53
CA LEU G 13 -40.27 2.66 6.67
C LEU G 13 -39.55 2.62 5.33
N SER G 14 -39.36 3.79 4.71
CA SER G 14 -38.65 3.86 3.44
C SER G 14 -37.21 3.40 3.59
N LEU G 15 -36.58 3.75 4.71
CA LEU G 15 -35.18 3.37 4.94
C LEU G 15 -35.03 1.86 5.10
N ASP G 16 -35.97 1.22 5.80
CA ASP G 16 -35.94 -0.23 5.92
C ASP G 16 -36.16 -0.90 4.57
N LYS G 17 -37.10 -0.36 3.78
CA LYS G 17 -37.29 -0.87 2.42
C LYS G 17 -35.99 -0.75 1.62
N LEU G 18 -35.28 0.37 1.78
CA LEU G 18 -34.02 0.57 1.07
C LEU G 18 -32.96 -0.42 1.54
N GLY G 19 -32.93 -0.74 2.83
CA GLY G 19 -31.97 -1.72 3.31
C GLY G 19 -32.21 -3.10 2.74
N ASP G 20 -33.48 -3.54 2.75
CA ASP G 20 -33.82 -4.82 2.13
C ASP G 20 -33.53 -4.81 0.64
N TRP G 21 -33.81 -3.70 -0.03
CA TRP G 21 -33.53 -3.58 -1.46
C TRP G 21 -32.03 -3.71 -1.73
N GLU G 22 -31.21 -3.08 -0.88
CA GLU G 22 -29.76 -3.14 -1.05
C GLU G 22 -29.24 -4.57 -0.85
N LYS G 23 -29.80 -5.29 0.13
CA LYS G 23 -29.38 -6.67 0.34
C LYS G 23 -29.73 -7.54 -0.88
N GLU G 24 -30.96 -7.41 -1.39
CA GLU G 24 -31.34 -8.16 -2.58
C GLU G 24 -30.47 -7.76 -3.78
N MET G 25 -30.14 -6.47 -3.90
CA MET G 25 -29.30 -6.00 -4.99
C MET G 25 -27.90 -6.61 -4.89
N SER G 26 -27.38 -6.73 -3.67
CA SER G 26 -26.08 -7.38 -3.48
C SER G 26 -26.12 -8.82 -3.97
N GLN G 27 -27.20 -9.56 -3.64
CA GLN G 27 -27.32 -10.92 -4.15
C GLN G 27 -27.39 -10.93 -5.68
N VAL G 28 -28.14 -10.00 -6.27
CA VAL G 28 -28.29 -9.97 -7.72
C VAL G 28 -26.95 -9.70 -8.41
N GLU G 29 -26.19 -8.73 -7.89
CA GLU G 29 -24.89 -8.42 -8.48
C GLU G 29 -23.92 -9.58 -8.34
N ARG G 30 -23.94 -10.26 -7.18
CA ARG G 30 -23.08 -11.45 -7.03
C ARG G 30 -23.44 -12.51 -8.06
N GLU G 31 -24.75 -12.76 -8.26
CA GLU G 31 -25.15 -13.77 -9.24
C GLU G 31 -24.73 -13.37 -10.64
N ALA G 32 -24.89 -12.09 -11.00
CA ALA G 32 -24.52 -11.65 -12.34
C ALA G 32 -23.03 -11.81 -12.59
N GLU G 33 -22.20 -11.45 -11.60
CA GLU G 33 -20.76 -11.58 -11.79
C GLU G 33 -20.36 -13.06 -11.88
N ILE G 34 -20.99 -13.92 -11.08
CA ILE G 34 -20.69 -15.35 -11.16
C ILE G 34 -21.10 -15.90 -12.53
N TYR G 35 -22.22 -15.42 -13.06
CA TYR G 35 -22.65 -15.80 -14.42
C TYR G 35 -21.59 -15.39 -15.44
N ARG G 36 -21.07 -14.17 -15.33
CA ARG G 36 -20.03 -13.72 -16.26
C ARG G 36 -18.79 -14.62 -16.17
N ILE G 37 -18.39 -14.96 -14.94
CA ILE G 37 -17.21 -15.81 -14.77
C ILE G 37 -17.43 -17.18 -15.41
N LYS G 38 -18.61 -17.77 -15.20
CA LYS G 38 -18.91 -19.08 -15.78
C LYS G 38 -18.95 -19.02 -17.31
N LYS G 39 -19.51 -17.93 -17.88
CA LYS G 39 -19.55 -17.83 -19.33
C LYS G 39 -18.19 -17.51 -19.95
N THR G 40 -17.27 -16.92 -19.18
CA THR G 40 -15.99 -16.50 -19.73
C THR G 40 -14.86 -17.49 -19.48
N GLN G 41 -14.94 -18.32 -18.44
CA GLN G 41 -13.85 -19.24 -18.12
C GLN G 41 -13.53 -20.24 -19.22
N PRO G 42 -14.50 -20.91 -19.86
CA PRO G 42 -14.14 -21.83 -20.96
C PRO G 42 -13.44 -21.13 -22.11
N MET G 43 -13.79 -19.87 -22.37
CA MET G 43 -13.11 -19.12 -23.41
C MET G 43 -11.62 -18.96 -23.10
N TYR G 44 -11.29 -18.66 -21.84
CA TYR G 44 -9.89 -18.53 -21.47
C TYR G 44 -9.20 -19.88 -21.40
N ALA G 45 -9.93 -20.96 -21.11
CA ALA G 45 -9.33 -22.29 -21.21
C ALA G 45 -8.94 -22.61 -22.67
N LYS G 46 -9.85 -22.32 -23.61
CA LYS G 46 -9.52 -22.50 -25.02
C LYS G 46 -8.35 -21.61 -25.42
N ARG G 47 -8.31 -20.37 -24.93
CA ARG G 47 -7.20 -19.49 -25.24
C ARG G 47 -5.90 -20.04 -24.68
N ARG G 48 -5.94 -20.65 -23.49
CA ARG G 48 -4.75 -21.30 -22.94
C ARG G 48 -4.26 -22.39 -23.86
N SER G 49 -5.19 -23.22 -24.36
CA SER G 49 -4.82 -24.29 -25.27
C SER G 49 -4.20 -23.74 -26.56
N ILE G 50 -4.73 -22.63 -27.07
CA ILE G 50 -4.19 -22.02 -28.28
C ILE G 50 -2.81 -21.43 -28.01
N LEU G 51 -2.66 -20.74 -26.88
CA LEU G 51 -1.41 -20.02 -26.59
C LEU G 51 -0.28 -20.97 -26.29
N LYS G 52 -0.57 -22.15 -25.74
CA LYS G 52 0.48 -23.15 -25.57
C LYS G 52 1.11 -23.55 -26.90
N GLU G 53 0.41 -23.34 -28.01
CA GLU G 53 1.03 -23.61 -29.32
C GLU G 53 2.12 -22.61 -29.62
N ILE G 54 1.95 -21.36 -29.23
CA ILE G 54 2.92 -20.32 -29.56
C ILE G 54 4.13 -20.46 -28.65
N PRO G 55 5.34 -20.54 -29.20
CA PRO G 55 6.54 -20.77 -28.37
C PRO G 55 7.00 -19.49 -27.69
N LYS G 56 7.28 -19.61 -26.39
CA LYS G 56 7.80 -18.51 -25.58
C LYS G 56 6.91 -17.28 -25.65
N PHE G 57 5.60 -17.52 -25.72
CA PHE G 57 4.61 -16.43 -25.75
C PHE G 57 4.64 -15.61 -24.47
N TRP G 58 4.56 -16.29 -23.32
CA TRP G 58 4.49 -15.57 -22.06
C TRP G 58 5.79 -14.86 -21.74
N TYR G 59 6.93 -15.42 -22.15
CA TYR G 59 8.18 -14.70 -21.97
C TYR G 59 8.16 -13.39 -22.73
N ILE G 60 7.65 -13.39 -23.97
CA ILE G 60 7.60 -12.16 -24.75
C ILE G 60 6.68 -11.15 -24.08
N VAL G 61 5.49 -11.61 -23.67
CA VAL G 61 4.54 -10.68 -23.04
C VAL G 61 5.11 -10.09 -21.77
N LEU G 62 5.78 -10.91 -20.96
CA LEU G 62 6.33 -10.43 -19.69
C LEU G 62 7.53 -9.51 -19.92
N ALA G 63 8.40 -9.86 -20.86
CA ALA G 63 9.60 -9.07 -21.11
C ALA G 63 9.26 -7.71 -21.70
N GLU G 64 8.20 -7.64 -22.51
CA GLU G 64 7.84 -6.34 -23.07
C GLU G 64 7.24 -5.42 -22.01
N ASN G 65 6.52 -5.98 -21.04
CA ASN G 65 5.84 -5.16 -20.03
C ASN G 65 6.82 -4.59 -19.02
N ASP G 66 6.74 -3.28 -18.80
CA ASP G 66 7.60 -2.58 -17.83
C ASP G 66 7.04 -2.58 -16.41
N ASP G 67 5.71 -2.52 -16.24
CA ASP G 67 5.13 -2.57 -14.90
C ASP G 67 5.55 -3.85 -14.19
N PHE G 68 5.53 -4.98 -14.90
CA PHE G 68 5.94 -6.25 -14.30
C PHE G 68 7.42 -6.24 -13.95
N ALA G 69 8.26 -5.71 -14.84
CA ALA G 69 9.69 -5.68 -14.57
C ALA G 69 10.02 -4.82 -13.37
N ASP G 70 9.15 -3.86 -13.02
CA ASP G 70 9.39 -3.05 -11.83
C ASP G 70 9.31 -3.88 -10.55
N TYR G 71 8.45 -4.90 -10.50
CA TYR G 71 8.22 -5.64 -9.27
C TYR G 71 9.28 -6.70 -8.99
N ILE G 72 10.12 -7.04 -9.97
CA ILE G 72 11.06 -8.15 -9.87
C ILE G 72 12.48 -7.65 -10.11
N SER G 73 13.44 -8.46 -9.68
CA SER G 73 14.84 -8.19 -9.94
C SER G 73 15.16 -8.42 -11.42
N PRO G 74 16.11 -7.66 -11.97
CA PRO G 74 16.49 -7.88 -13.38
C PRO G 74 17.03 -9.28 -13.66
N ASP G 75 17.82 -9.84 -12.75
CA ASP G 75 18.42 -11.16 -12.98
C ASP G 75 17.36 -12.25 -13.13
N ASP G 76 16.16 -12.03 -12.60
CA ASP G 76 15.11 -13.03 -12.73
C ASP G 76 14.67 -13.18 -14.17
N LEU G 77 14.76 -12.11 -14.96
CA LEU G 77 14.14 -12.10 -16.28
C LEU G 77 14.64 -13.24 -17.16
N LYS G 78 15.94 -13.57 -17.05
CA LYS G 78 16.50 -14.65 -17.86
C LYS G 78 15.68 -15.93 -17.74
N TYR G 79 15.25 -16.27 -16.52
CA TYR G 79 14.56 -17.53 -16.32
C TYR G 79 13.14 -17.47 -16.83
N LEU G 80 12.56 -16.27 -16.88
CA LEU G 80 11.23 -16.16 -17.47
C LEU G 80 11.26 -16.50 -18.95
N GLU G 81 12.45 -16.67 -19.54
CA GLU G 81 12.55 -17.14 -20.91
C GLU G 81 11.85 -18.48 -21.08
N TYR G 82 11.75 -19.28 -20.03
CA TYR G 82 11.24 -20.64 -20.15
C TYR G 82 9.84 -20.83 -19.57
N ILE G 83 8.97 -19.84 -19.72
CA ILE G 83 7.58 -19.98 -19.31
C ILE G 83 6.74 -20.26 -20.55
N ASP G 84 6.04 -21.40 -20.54
CA ASP G 84 5.20 -21.77 -21.66
C ASP G 84 3.71 -21.55 -21.39
N ASP G 85 3.31 -21.35 -20.13
CA ASP G 85 1.89 -21.12 -19.86
C ASP G 85 1.71 -20.40 -18.52
N ILE G 86 0.89 -19.36 -18.56
CA ILE G 86 0.36 -18.68 -17.38
C ILE G 86 -1.16 -18.70 -17.48
N TYR G 87 -1.81 -19.17 -16.42
CA TYR G 87 -3.25 -19.37 -16.45
C TYR G 87 -3.87 -18.86 -15.16
N VAL G 88 -5.09 -18.35 -15.27
CA VAL G 88 -5.86 -17.84 -14.14
C VAL G 88 -7.16 -18.63 -14.05
N TYR G 89 -7.43 -19.20 -12.87
CA TYR G 89 -8.61 -20.03 -12.64
C TYR G 89 -9.41 -19.50 -11.46
N TYR G 90 -10.72 -19.32 -11.65
CA TYR G 90 -11.59 -18.89 -10.56
C TYR G 90 -12.38 -20.09 -10.05
N PRO G 91 -12.09 -20.59 -8.85
CA PRO G 91 -12.73 -21.84 -8.38
C PRO G 91 -14.21 -21.71 -8.05
N ILE G 92 -14.81 -20.53 -8.19
CA ILE G 92 -16.24 -20.37 -7.91
C ILE G 92 -17.11 -21.20 -8.85
N VAL G 93 -16.57 -21.64 -9.99
CA VAL G 93 -17.37 -22.42 -10.93
C VAL G 93 -17.77 -23.76 -10.30
N ASP G 94 -16.80 -24.45 -9.69
CA ASP G 94 -17.05 -25.76 -9.10
C ASP G 94 -17.36 -25.72 -7.62
N ASP G 95 -16.90 -24.71 -6.89
CA ASP G 95 -16.98 -24.70 -5.43
C ASP G 95 -18.30 -24.12 -4.91
N GLU G 96 -18.60 -22.86 -5.24
CA GLU G 96 -19.74 -22.12 -4.73
C GLU G 96 -19.67 -21.94 -3.21
N ALA G 97 -18.50 -22.17 -2.60
CA ALA G 97 -18.36 -22.18 -1.15
C ALA G 97 -17.72 -20.91 -0.59
N GLY G 98 -16.54 -20.53 -1.08
CA GLY G 98 -15.88 -19.40 -0.47
C GLY G 98 -16.25 -18.03 -0.99
N HIS G 99 -15.25 -17.26 -1.44
CA HIS G 99 -15.48 -15.97 -2.07
C HIS G 99 -15.34 -16.10 -3.58
N PHE G 100 -16.20 -15.41 -4.31
CA PHE G 100 -16.23 -15.57 -5.76
C PHE G 100 -15.05 -14.90 -6.47
N LYS G 101 -14.35 -13.98 -5.81
CA LYS G 101 -13.19 -13.34 -6.41
C LYS G 101 -11.88 -14.09 -6.13
N ASP G 102 -11.92 -15.18 -5.37
CA ASP G 102 -10.72 -15.97 -5.17
C ASP G 102 -10.22 -16.47 -6.53
N PHE G 103 -8.91 -16.50 -6.70
CA PHE G 103 -8.36 -16.90 -7.99
C PHE G 103 -7.00 -17.53 -7.80
N ASN G 104 -6.67 -18.46 -8.68
CA ASN G 104 -5.41 -19.20 -8.65
C ASN G 104 -4.63 -18.90 -9.91
N ILE G 105 -3.35 -18.60 -9.74
CA ILE G 105 -2.44 -18.32 -10.84
C ILE G 105 -1.50 -19.50 -10.98
N THR G 106 -1.44 -20.08 -12.17
CA THR G 106 -0.57 -21.21 -12.44
C THR G 106 0.48 -20.78 -13.45
N VAL G 107 1.74 -20.94 -13.07
CA VAL G 107 2.89 -20.65 -13.91
C VAL G 107 3.61 -21.97 -14.17
N THR G 108 3.84 -22.28 -15.44
CA THR G 108 4.50 -23.53 -15.81
C THR G 108 5.85 -23.21 -16.42
N PHE G 109 6.89 -23.83 -15.87
CA PHE G 109 8.24 -23.73 -16.41
C PHE G 109 8.58 -25.01 -17.17
N GLY G 110 9.00 -24.84 -18.42
CA GLY G 110 9.33 -25.95 -19.29
C GLY G 110 10.73 -26.49 -19.10
N LYS G 111 11.11 -27.36 -20.02
CA LYS G 111 12.41 -28.04 -19.96
C LYS G 111 13.54 -27.09 -20.32
N ASN G 112 14.48 -26.91 -19.39
CA ASN G 112 15.62 -26.02 -19.59
C ASN G 112 16.72 -26.42 -18.60
N PRO G 113 17.97 -26.08 -18.88
CA PRO G 113 19.05 -26.41 -17.95
C PRO G 113 19.15 -25.49 -16.73
N TYR G 114 18.49 -24.33 -16.75
CA TYR G 114 18.73 -23.30 -15.74
C TYR G 114 17.74 -23.38 -14.56
N ILE G 115 16.49 -23.71 -14.81
CA ILE G 115 15.52 -23.87 -13.72
C ILE G 115 14.72 -25.15 -13.96
N PRO G 116 14.59 -26.02 -12.95
CA PRO G 116 13.92 -27.31 -13.19
C PRO G 116 12.47 -27.10 -13.62
N GLU G 117 12.04 -27.96 -14.54
CA GLU G 117 10.68 -27.92 -15.06
C GLU G 117 9.68 -28.15 -13.94
N GLN G 118 8.63 -27.33 -13.89
CA GLN G 118 7.67 -27.43 -12.80
C GLN G 118 6.37 -26.77 -13.18
N GLU G 119 5.36 -27.00 -12.35
CA GLU G 119 4.06 -26.36 -12.45
C GLU G 119 3.70 -25.83 -11.08
N ILE G 120 3.60 -24.51 -10.94
CA ILE G 120 3.36 -23.87 -9.65
C ILE G 120 2.00 -23.19 -9.73
N THR G 121 1.10 -23.59 -8.84
CA THR G 121 -0.22 -22.97 -8.73
C THR G 121 -0.32 -22.32 -7.36
N LYS G 122 -0.40 -21.00 -7.36
CA LYS G 122 -0.51 -20.21 -6.14
C LYS G 122 -1.93 -19.67 -6.05
N LYS G 123 -2.55 -19.87 -4.90
CA LYS G 123 -3.96 -19.55 -4.70
C LYS G 123 -4.09 -18.28 -3.89
N PHE G 124 -4.95 -17.36 -4.34
CA PHE G 124 -5.21 -16.10 -3.68
C PHE G 124 -6.69 -16.06 -3.31
N LYS G 125 -6.95 -15.66 -2.07
CA LYS G 125 -8.31 -15.53 -1.57
C LYS G 125 -8.55 -14.12 -1.06
N ILE G 126 -9.83 -13.74 -1.02
CA ILE G 126 -10.26 -12.42 -0.59
C ILE G 126 -10.82 -12.53 0.82
N VAL G 127 -10.35 -11.66 1.71
CA VAL G 127 -10.74 -11.60 3.10
C VAL G 127 -11.41 -10.27 3.36
N ILE G 128 -12.54 -10.32 4.08
CA ILE G 128 -13.30 -9.12 4.41
C ILE G 128 -12.60 -8.43 5.58
N GLN G 129 -12.00 -7.27 5.31
CA GLN G 129 -11.34 -6.51 6.35
C GLN G 129 -12.34 -6.03 7.39
N GLU G 130 -11.89 -5.95 8.64
CA GLU G 130 -12.77 -5.52 9.73
C GLU G 130 -13.40 -4.16 9.44
N ASP G 131 -12.70 -3.30 8.69
CA ASP G 131 -13.22 -1.99 8.33
C ASP G 131 -13.96 -1.97 6.99
N GLY G 132 -14.60 -3.07 6.61
CA GLY G 132 -15.40 -3.04 5.41
C GLY G 132 -14.77 -3.57 4.13
N ASP G 133 -13.51 -3.23 3.90
CA ASP G 133 -12.89 -3.38 2.58
C ASP G 133 -12.38 -4.81 2.38
N GLU G 134 -11.83 -5.06 1.19
CA GLU G 134 -11.34 -6.36 0.79
C GLU G 134 -9.81 -6.40 0.81
N ARG G 135 -9.26 -7.55 1.19
CA ARG G 135 -7.82 -7.75 1.27
C ARG G 135 -7.46 -9.05 0.57
N ILE G 136 -6.34 -9.06 -0.14
CA ILE G 136 -5.85 -10.24 -0.86
C ILE G 136 -4.84 -10.96 0.01
N VAL G 137 -5.01 -12.28 0.19
CA VAL G 137 -4.05 -13.10 0.91
C VAL G 137 -3.80 -14.38 0.12
N SER G 138 -2.74 -15.09 0.50
CA SER G 138 -2.34 -16.33 -0.18
C SER G 138 -1.62 -17.26 0.78
N GLU G 139 -1.32 -18.46 0.29
CA GLU G 139 -0.54 -19.45 0.99
C GLU G 139 0.82 -19.62 0.34
N SER G 140 1.83 -19.88 1.15
CA SER G 140 3.17 -20.11 0.62
C SER G 140 3.14 -21.33 -0.29
N VAL G 141 3.81 -21.22 -1.43
CA VAL G 141 3.92 -22.32 -2.37
C VAL G 141 5.40 -22.60 -2.62
N GLU G 142 5.79 -23.85 -2.50
CA GLU G 142 7.19 -24.20 -2.72
C GLU G 142 7.50 -24.13 -4.20
N VAL G 143 8.69 -23.64 -4.53
CA VAL G 143 9.11 -23.46 -5.90
C VAL G 143 10.53 -23.99 -6.02
N LYS G 144 10.78 -24.75 -7.09
CA LYS G 144 12.13 -25.20 -7.39
C LYS G 144 12.87 -24.04 -8.04
N TRP G 145 13.73 -23.40 -7.26
CA TRP G 145 14.43 -22.21 -7.71
C TRP G 145 15.45 -22.54 -8.79
N PRO G 146 15.85 -21.55 -9.58
CA PRO G 146 17.01 -21.73 -10.46
C PRO G 146 18.26 -22.09 -9.66
N HIS G 147 19.12 -22.90 -10.27
CA HIS G 147 20.26 -23.46 -9.56
C HIS G 147 21.24 -22.35 -9.12
N GLU G 148 21.55 -21.43 -10.03
CA GLU G 148 22.47 -20.34 -9.70
C GLU G 148 21.89 -19.41 -8.64
N LEU G 149 20.58 -19.40 -8.45
CA LEU G 149 19.94 -18.49 -7.50
C LEU G 149 19.75 -19.12 -6.13
N SER G 150 20.19 -20.37 -5.94
CA SER G 150 20.11 -20.99 -4.63
C SER G 150 20.91 -20.22 -3.59
N LYS G 151 21.87 -19.42 -4.04
CA LYS G 151 22.68 -18.63 -3.12
C LYS G 151 21.85 -17.59 -2.39
N ILE G 152 20.77 -17.11 -3.00
CA ILE G 152 19.96 -16.05 -2.43
C ILE G 152 18.58 -16.54 -2.01
N ASN G 153 18.33 -17.84 -2.09
CA ASN G 153 17.05 -18.36 -1.66
C ASN G 153 16.90 -18.10 -0.17
N PRO G 154 15.87 -17.38 0.27
CA PRO G 154 15.72 -17.13 1.71
C PRO G 154 15.57 -18.39 2.53
N SER G 155 14.96 -19.44 1.97
CA SER G 155 14.82 -20.69 2.70
C SER G 155 16.17 -21.32 2.98
N VAL G 156 17.09 -21.28 2.01
CA VAL G 156 18.42 -21.84 2.20
C VAL G 156 19.18 -21.10 3.30
N ILE G 157 19.14 -19.77 3.25
CA ILE G 157 19.84 -18.97 4.24
C ILE G 157 19.25 -19.19 5.63
N LYS G 158 17.93 -19.36 5.72
CA LYS G 158 17.33 -19.67 7.00
C LYS G 158 17.74 -21.07 7.46
N GLU G 159 17.95 -21.99 6.53
CA GLU G 159 18.39 -23.33 6.87
C GLU G 159 19.82 -23.32 7.41
N LYS G 160 20.65 -22.40 6.92
CA LYS G 160 22.01 -22.28 7.44
C LYS G 160 22.02 -21.86 8.91
N TYR G 161 21.10 -20.97 9.30
CA TYR G 161 21.02 -20.44 10.66
C TYR G 161 19.81 -21.06 11.35
N LYS G 162 20.01 -22.20 12.00
CA LYS G 162 18.94 -22.87 12.74
C LYS G 162 19.10 -22.50 14.22
N GLY G 163 18.42 -21.42 14.62
CA GLY G 163 18.48 -20.96 16.00
C GLY G 163 18.89 -19.50 16.11
N LYS G 164 19.67 -19.04 15.15
CA LYS G 164 20.15 -17.66 15.16
C LYS G 164 19.18 -16.74 14.43
N ASP G 165 19.29 -15.45 14.74
CA ASP G 165 18.32 -14.46 14.32
C ASP G 165 18.74 -13.80 13.01
N LYS G 166 18.00 -12.78 12.58
CA LYS G 166 18.32 -12.02 11.38
C LYS G 166 19.27 -10.86 11.66
N LYS G 167 19.61 -10.60 12.93
CA LYS G 167 20.63 -9.63 13.29
C LYS G 167 21.95 -10.27 13.69
N ASP G 168 22.03 -11.61 13.66
CA ASP G 168 23.26 -12.33 13.96
C ASP G 168 23.77 -13.11 12.76
N MET G 169 23.36 -12.74 11.55
CA MET G 169 23.86 -13.41 10.36
C MET G 169 25.14 -12.72 9.89
N SER G 170 25.87 -13.41 9.03
CA SER G 170 27.00 -12.75 8.40
C SER G 170 26.48 -11.68 7.44
N ALA G 171 27.36 -10.74 7.10
CA ALA G 171 26.95 -9.66 6.21
C ALA G 171 26.58 -10.20 4.83
N LYS G 172 27.36 -11.15 4.32
CA LYS G 172 27.06 -11.73 3.01
C LYS G 172 25.70 -12.41 3.00
N ASP G 173 25.39 -13.18 4.05
CA ASP G 173 24.12 -13.89 4.08
C ASP G 173 22.95 -12.93 4.23
N LYS G 174 23.14 -11.86 5.00
CA LYS G 174 22.08 -10.85 5.14
C LYS G 174 21.83 -10.15 3.80
N LYS G 175 22.91 -9.81 3.09
CA LYS G 175 22.78 -9.19 1.77
C LYS G 175 22.09 -10.12 0.79
N ASN G 176 22.46 -11.40 0.81
CA ASN G 176 21.84 -12.36 -0.10
C ASN G 176 20.39 -12.62 0.26
N TYR G 177 20.05 -12.59 1.55
CA TYR G 177 18.66 -12.69 1.96
C TYR G 177 17.84 -11.51 1.43
N ARG G 178 18.39 -10.30 1.52
CA ARG G 178 17.72 -9.14 0.97
C ARG G 178 17.53 -9.28 -0.54
N LEU G 179 18.58 -9.72 -1.24
CA LEU G 179 18.50 -9.89 -2.69
C LEU G 179 17.46 -10.93 -3.08
N GLY G 180 17.40 -12.04 -2.34
CA GLY G 180 16.45 -13.09 -2.66
C GLY G 180 15.03 -12.68 -2.34
N MET G 181 14.84 -11.89 -1.30
CA MET G 181 13.51 -11.35 -1.04
C MET G 181 13.08 -10.39 -2.12
N LYS G 182 14.04 -9.73 -2.78
CA LYS G 182 13.70 -8.90 -3.92
C LYS G 182 13.47 -9.69 -5.19
N SER G 183 13.77 -10.99 -5.18
CA SER G 183 13.62 -11.84 -6.35
C SER G 183 12.17 -12.21 -6.59
N PHE G 184 11.87 -12.53 -7.86
CA PHE G 184 10.52 -12.92 -8.24
C PHE G 184 10.11 -14.22 -7.56
N PHE G 185 11.06 -15.14 -7.38
CA PHE G 185 10.72 -16.46 -6.90
C PHE G 185 10.34 -16.49 -5.43
N SER G 186 10.61 -15.43 -4.68
CA SER G 186 10.09 -15.36 -3.32
C SER G 186 8.65 -14.86 -3.29
N TRP G 187 8.12 -14.38 -4.42
CA TRP G 187 6.72 -13.98 -4.49
C TRP G 187 5.79 -15.16 -4.22
N PHE G 188 6.21 -16.39 -4.57
CA PHE G 188 5.38 -17.56 -4.34
C PHE G 188 5.23 -17.90 -2.86
N ASN G 189 6.11 -17.39 -2.00
CA ASN G 189 6.00 -17.58 -0.57
C ASN G 189 5.23 -16.45 0.10
N TRP G 190 4.64 -15.55 -0.70
CA TRP G 190 3.92 -14.41 -0.17
C TRP G 190 2.55 -14.84 0.35
N THR G 191 2.21 -14.40 1.55
CA THR G 191 0.91 -14.66 2.16
C THR G 191 0.09 -13.41 2.41
N GLY G 192 0.71 -12.27 2.68
CA GLY G 192 -0.02 -11.06 2.97
C GLY G 192 -0.35 -10.84 4.43
N GLU G 193 -0.01 -11.78 5.31
CA GLU G 193 -0.29 -11.65 6.74
C GLU G 193 0.97 -11.46 7.58
N LYS G 194 2.11 -11.23 6.94
CA LYS G 194 3.36 -10.88 7.63
C LYS G 194 4.02 -9.72 6.89
N PRO G 195 3.43 -8.53 6.99
CA PRO G 195 3.96 -7.38 6.23
C PRO G 195 5.35 -6.97 6.66
N GLY G 196 6.12 -6.43 5.70
CA GLY G 196 7.48 -6.02 5.92
C GLY G 196 8.49 -7.16 5.97
N LYS G 197 8.03 -8.39 6.15
CA LYS G 197 8.89 -9.57 6.17
C LYS G 197 8.66 -10.47 4.96
N GLU G 198 7.83 -10.03 4.01
CA GLU G 198 7.45 -10.81 2.84
C GLU G 198 7.85 -10.06 1.57
N PHE G 199 7.58 -10.70 0.42
CA PHE G 199 7.81 -10.08 -0.87
C PHE G 199 7.04 -8.77 -0.97
N ARG G 200 7.69 -7.74 -1.50
CA ARG G 200 7.11 -6.41 -1.49
C ARG G 200 6.00 -6.30 -2.53
N ASN G 201 4.85 -5.78 -2.11
CA ASN G 201 3.71 -5.51 -2.97
C ASN G 201 3.29 -6.75 -3.74
N GLY G 202 3.15 -7.87 -3.03
CA GLY G 202 2.74 -9.09 -3.67
C GLY G 202 1.32 -9.05 -4.20
N GLU G 203 0.43 -8.37 -3.48
CA GLU G 203 -0.96 -8.26 -3.93
C GLU G 203 -1.06 -7.44 -5.21
N ASP G 204 -0.26 -6.37 -5.35
CA ASP G 204 -0.26 -5.57 -6.56
C ASP G 204 0.23 -6.38 -7.75
N LEU G 205 1.29 -7.18 -7.56
CA LEU G 205 1.75 -8.05 -8.63
C LEU G 205 0.72 -9.11 -8.97
N ALA G 206 0.01 -9.62 -7.96
CA ALA G 206 -1.05 -10.59 -8.23
C ALA G 206 -2.13 -9.98 -9.12
N THR G 207 -2.58 -8.78 -8.78
CA THR G 207 -3.59 -8.11 -9.60
C THR G 207 -3.07 -7.79 -10.99
N LEU G 208 -1.78 -7.44 -11.08
CA LEU G 208 -1.19 -7.17 -12.40
C LEU G 208 -1.17 -8.41 -13.27
N LEU G 209 -0.80 -9.56 -12.69
CA LEU G 209 -0.76 -10.80 -13.46
C LEU G 209 -2.15 -11.32 -13.78
N SER G 210 -3.15 -10.99 -12.96
CA SER G 210 -4.47 -11.55 -13.17
C SER G 210 -5.38 -10.67 -14.01
N GLU G 211 -5.16 -9.35 -14.04
CA GLU G 211 -6.15 -8.45 -14.61
C GLU G 211 -5.63 -7.55 -15.73
N ASP G 212 -4.32 -7.42 -15.91
CA ASP G 212 -3.79 -6.58 -16.98
C ASP G 212 -3.02 -7.38 -18.01
N LEU G 213 -2.00 -8.12 -17.62
CA LEU G 213 -1.20 -8.89 -18.58
C LEU G 213 -1.96 -10.08 -19.12
N TYR G 214 -2.62 -10.83 -18.24
CA TYR G 214 -3.28 -12.07 -18.64
C TYR G 214 -4.41 -11.81 -19.62
N LEU G 215 -5.24 -10.80 -19.32
CA LEU G 215 -6.40 -10.53 -20.16
C LEU G 215 -6.00 -9.94 -21.51
N ASN G 216 -5.01 -9.05 -21.52
CA ASN G 216 -4.59 -8.34 -22.72
C ASN G 216 -3.29 -8.88 -23.30
N ALA G 217 -3.02 -10.18 -23.09
CA ALA G 217 -1.74 -10.75 -23.51
C ALA G 217 -1.55 -10.67 -25.02
N LEU G 218 -2.62 -10.91 -25.78
CA LEU G 218 -2.50 -10.88 -27.24
C LEU G 218 -2.09 -9.51 -27.74
N LYS G 219 -2.68 -8.45 -27.17
CA LYS G 219 -2.36 -7.10 -27.61
C LYS G 219 -0.90 -6.76 -27.33
N TYR G 220 -0.43 -7.09 -26.11
CA TYR G 220 0.96 -6.82 -25.76
C TYR G 220 1.91 -7.65 -26.62
N TYR G 221 1.52 -8.88 -26.94
CA TYR G 221 2.32 -9.74 -27.80
C TYR G 221 2.50 -9.11 -29.18
N ILE G 222 1.39 -8.68 -29.79
CA ILE G 222 1.48 -8.08 -31.11
C ILE G 222 2.29 -6.78 -31.06
N ILE G 223 2.13 -6.00 -30.01
CA ILE G 223 2.91 -4.76 -29.87
C ILE G 223 4.40 -5.06 -29.78
N ALA G 224 4.78 -6.12 -29.06
CA ALA G 224 6.19 -6.43 -28.86
C ALA G 224 6.91 -6.83 -30.14
N LEU G 225 6.17 -7.19 -31.20
CA LEU G 225 6.77 -7.66 -32.45
C LEU G 225 6.43 -6.77 -33.65
N SER G 226 6.25 -5.47 -33.44
CA SER G 226 5.94 -4.57 -34.55
C SER G 226 6.95 -3.44 -34.63
N PRO G 227 7.73 -3.34 -35.72
CA PRO G 227 8.70 -2.26 -35.94
C PRO G 227 8.03 -0.99 -36.48
N GLY H 8 7.36 -23.05 -39.15
CA GLY H 8 6.79 -21.84 -38.57
C GLY H 8 5.47 -21.45 -39.21
N LYS H 9 4.92 -22.37 -40.01
CA LYS H 9 3.64 -22.11 -40.67
C LYS H 9 2.48 -22.12 -39.69
N ARG H 10 2.67 -22.71 -38.52
CA ARG H 10 1.66 -22.77 -37.47
C ARG H 10 1.35 -21.41 -36.86
N LEU H 11 2.28 -20.45 -36.93
CA LEU H 11 2.03 -19.14 -36.34
C LEU H 11 0.81 -18.46 -36.95
N GLN H 12 0.67 -18.52 -38.28
CA GLN H 12 -0.49 -17.89 -38.91
C GLN H 12 -1.79 -18.57 -38.50
N LEU H 13 -1.77 -19.90 -38.42
CA LEU H 13 -2.95 -20.63 -37.96
C LEU H 13 -3.33 -20.24 -36.54
N SER H 14 -2.34 -20.14 -35.65
CA SER H 14 -2.60 -19.75 -34.28
C SER H 14 -3.15 -18.34 -34.20
N LEU H 15 -2.65 -17.42 -35.03
CA LEU H 15 -3.14 -16.05 -35.00
C LEU H 15 -4.59 -15.96 -35.51
N ASP H 16 -4.92 -16.73 -36.56
CA ASP H 16 -6.31 -16.76 -37.02
C ASP H 16 -7.24 -17.36 -35.96
N LYS H 17 -6.79 -18.42 -35.29
CA LYS H 17 -7.56 -18.98 -34.18
C LYS H 17 -7.78 -17.94 -33.10
N LEU H 18 -6.74 -17.17 -32.78
CA LEU H 18 -6.83 -16.16 -31.74
C LEU H 18 -7.78 -15.03 -32.14
N GLY H 19 -7.76 -14.64 -33.42
CA GLY H 19 -8.70 -13.62 -33.87
C GLY H 19 -10.14 -14.05 -33.76
N ASP H 20 -10.43 -15.26 -34.23
CA ASP H 20 -11.79 -15.78 -34.08
C ASP H 20 -12.15 -15.94 -32.61
N TRP H 21 -11.20 -16.37 -31.78
CA TRP H 21 -11.44 -16.49 -30.34
C TRP H 21 -11.77 -15.14 -29.73
N GLU H 22 -11.04 -14.10 -30.12
CA GLU H 22 -11.28 -12.77 -29.55
C GLU H 22 -12.65 -12.25 -29.96
N LYS H 23 -13.04 -12.47 -31.21
CA LYS H 23 -14.37 -12.04 -31.65
C LYS H 23 -15.47 -12.79 -30.89
N GLU H 24 -15.33 -14.11 -30.75
CA GLU H 24 -16.32 -14.86 -29.97
C GLU H 24 -16.34 -14.40 -28.52
N MET H 25 -15.17 -14.09 -27.95
CA MET H 25 -15.10 -13.61 -26.58
C MET H 25 -15.80 -12.26 -26.43
N SER H 26 -15.65 -11.39 -27.42
CA SER H 26 -16.38 -10.13 -27.41
C SER H 26 -17.88 -10.39 -27.40
N GLN H 27 -18.33 -11.36 -28.20
CA GLN H 27 -19.75 -11.73 -28.17
C GLN H 27 -20.17 -12.21 -26.79
N VAL H 28 -19.33 -13.04 -26.15
CA VAL H 28 -19.63 -13.59 -24.83
C VAL H 28 -19.72 -12.47 -23.79
N GLU H 29 -18.76 -11.54 -23.83
CA GLU H 29 -18.75 -10.43 -22.87
C GLU H 29 -19.97 -9.54 -23.05
N ARG H 30 -20.35 -9.27 -24.30
CA ARG H 30 -21.57 -8.50 -24.54
C ARG H 30 -22.79 -9.24 -23.98
N GLU H 31 -22.85 -10.55 -24.19
CA GLU H 31 -23.97 -11.33 -23.67
C GLU H 31 -24.05 -11.24 -22.14
N ALA H 32 -22.91 -11.37 -21.47
CA ALA H 32 -22.90 -11.30 -20.01
C ALA H 32 -23.32 -9.92 -19.51
N GLU H 33 -22.83 -8.88 -20.18
CA GLU H 33 -23.19 -7.52 -19.75
C GLU H 33 -24.68 -7.25 -19.96
N ILE H 34 -25.24 -7.72 -21.08
CA ILE H 34 -26.67 -7.54 -21.32
C ILE H 34 -27.48 -8.31 -20.29
N TYR H 35 -27.01 -9.51 -19.92
CA TYR H 35 -27.67 -10.26 -18.86
C TYR H 35 -27.68 -9.48 -17.55
N ARG H 36 -26.54 -8.86 -17.22
CA ARG H 36 -26.46 -8.07 -15.98
C ARG H 36 -27.42 -6.90 -16.03
N ILE H 37 -27.50 -6.21 -17.18
CA ILE H 37 -28.38 -5.06 -17.31
C ILE H 37 -29.84 -5.48 -17.16
N LYS H 38 -30.23 -6.58 -17.81
CA LYS H 38 -31.61 -7.05 -17.72
C LYS H 38 -31.97 -7.46 -16.30
N LYS H 39 -31.05 -8.10 -15.60
CA LYS H 39 -31.35 -8.52 -14.23
C LYS H 39 -31.34 -7.35 -13.25
N THR H 40 -30.64 -6.25 -13.57
CA THR H 40 -30.53 -5.14 -12.64
C THR H 40 -31.52 -4.01 -12.87
N GLN H 41 -32.05 -3.85 -14.09
CA GLN H 41 -32.98 -2.74 -14.35
C GLN H 41 -34.23 -2.75 -13.48
N PRO H 42 -34.95 -3.87 -13.31
CA PRO H 42 -36.13 -3.83 -12.43
C PRO H 42 -35.80 -3.44 -11.00
N MET H 43 -34.61 -3.79 -10.51
CA MET H 43 -34.23 -3.38 -9.17
C MET H 43 -34.14 -1.87 -9.05
N TYR H 44 -33.59 -1.20 -10.07
CA TYR H 44 -33.53 0.26 -10.04
C TYR H 44 -34.89 0.90 -10.27
N ALA H 45 -35.79 0.22 -10.99
CA ALA H 45 -37.16 0.71 -11.04
C ALA H 45 -37.82 0.66 -9.65
N LYS H 46 -37.60 -0.43 -8.93
CA LYS H 46 -38.09 -0.54 -7.56
C LYS H 46 -37.49 0.54 -6.68
N ARG H 47 -36.19 0.81 -6.84
CA ARG H 47 -35.55 1.86 -6.06
C ARG H 47 -36.12 3.22 -6.41
N ARG H 48 -36.45 3.45 -7.68
CA ARG H 48 -37.12 4.69 -8.07
C ARG H 48 -38.44 4.86 -7.33
N SER H 49 -39.23 3.78 -7.28
CA SER H 49 -40.51 3.84 -6.58
C SER H 49 -40.31 4.12 -5.09
N ILE H 50 -39.27 3.53 -4.49
CA ILE H 50 -38.99 3.76 -3.08
C ILE H 50 -38.51 5.19 -2.84
N LEU H 51 -37.62 5.68 -3.69
CA LEU H 51 -37.01 6.99 -3.49
C LEU H 51 -38.00 8.12 -3.71
N LYS H 52 -39.02 7.90 -4.54
CA LYS H 52 -40.06 8.92 -4.67
C LYS H 52 -40.75 9.18 -3.33
N GLU H 53 -40.72 8.22 -2.40
CA GLU H 53 -41.30 8.43 -1.09
C GLU H 53 -40.48 9.40 -0.23
N ILE H 54 -39.17 9.33 -0.33
CA ILE H 54 -38.29 10.13 0.54
C ILE H 54 -38.29 11.57 0.03
N PRO H 55 -38.54 12.56 0.90
CA PRO H 55 -38.66 13.94 0.45
C PRO H 55 -37.29 14.57 0.19
N LYS H 56 -37.17 15.24 -0.97
CA LYS H 56 -35.97 15.97 -1.36
C LYS H 56 -34.73 15.08 -1.34
N PHE H 57 -34.90 13.80 -1.68
CA PHE H 57 -33.76 12.90 -1.70
C PHE H 57 -32.76 13.31 -2.77
N TRP H 58 -33.25 13.52 -3.99
CA TRP H 58 -32.35 13.81 -5.10
C TRP H 58 -31.71 15.18 -4.94
N TYR H 59 -32.43 16.15 -4.37
CA TYR H 59 -31.79 17.45 -4.12
C TYR H 59 -30.62 17.31 -3.17
N ILE H 60 -30.78 16.54 -2.09
CA ILE H 60 -29.69 16.35 -1.14
C ILE H 60 -28.52 15.64 -1.80
N VAL H 61 -28.80 14.58 -2.55
CA VAL H 61 -27.73 13.81 -3.20
C VAL H 61 -26.96 14.70 -4.16
N LEU H 62 -27.66 15.51 -4.94
CA LEU H 62 -26.98 16.35 -5.93
C LEU H 62 -26.23 17.50 -5.27
N ALA H 63 -26.83 18.13 -4.26
CA ALA H 63 -26.22 19.30 -3.65
C ALA H 63 -24.96 18.95 -2.86
N GLU H 64 -24.92 17.77 -2.22
CA GLU H 64 -23.72 17.44 -1.45
C GLU H 64 -22.53 17.18 -2.36
N ASN H 65 -22.76 16.62 -3.55
CA ASN H 65 -21.67 16.23 -4.43
C ASN H 65 -21.02 17.45 -5.08
N ASP H 66 -19.69 17.51 -5.04
CA ASP H 66 -18.96 18.63 -5.64
C ASP H 66 -18.75 18.45 -7.14
N ASP H 67 -18.56 17.22 -7.60
CA ASP H 67 -18.38 16.98 -9.03
C ASP H 67 -19.56 17.55 -9.82
N PHE H 68 -20.79 17.31 -9.34
CA PHE H 68 -21.97 17.83 -10.02
C PHE H 68 -22.01 19.34 -9.96
N ALA H 69 -21.70 19.92 -8.81
CA ALA H 69 -21.73 21.37 -8.69
C ALA H 69 -20.71 22.03 -9.61
N ASP H 70 -19.67 21.30 -10.02
CA ASP H 70 -18.72 21.86 -10.98
C ASP H 70 -19.37 22.13 -12.33
N TYR H 71 -20.35 21.32 -12.73
CA TYR H 71 -20.95 21.39 -14.05
C TYR H 71 -22.08 22.42 -14.18
N ILE H 72 -22.58 22.99 -13.08
CA ILE H 72 -23.76 23.84 -13.15
C ILE H 72 -23.45 25.24 -12.62
N SER H 73 -24.31 26.19 -12.99
CA SER H 73 -24.22 27.53 -12.44
C SER H 73 -24.73 27.55 -10.99
N PRO H 74 -24.18 28.44 -10.15
CA PRO H 74 -24.67 28.51 -8.77
C PRO H 74 -26.15 28.84 -8.65
N ASP H 75 -26.69 29.71 -9.51
CA ASP H 75 -28.11 30.05 -9.44
C ASP H 75 -29.03 28.87 -9.75
N ASP H 76 -28.55 27.87 -10.51
CA ASP H 76 -29.42 26.74 -10.87
C ASP H 76 -29.80 25.88 -9.67
N LEU H 77 -28.91 25.76 -8.68
CA LEU H 77 -29.13 24.82 -7.58
C LEU H 77 -30.41 25.13 -6.81
N LYS H 78 -30.75 26.41 -6.67
CA LYS H 78 -31.96 26.80 -5.96
C LYS H 78 -33.18 26.04 -6.46
N TYR H 79 -33.29 25.85 -7.76
CA TYR H 79 -34.45 25.20 -8.38
C TYR H 79 -34.40 23.68 -8.29
N LEU H 80 -33.22 23.09 -8.15
CA LEU H 80 -33.09 21.64 -8.02
C LEU H 80 -33.69 21.08 -6.74
N GLU H 81 -34.09 21.91 -5.78
CA GLU H 81 -34.76 21.42 -4.59
C GLU H 81 -36.01 20.63 -4.93
N TYR H 82 -36.61 20.91 -6.08
CA TYR H 82 -37.91 20.35 -6.44
C TYR H 82 -37.78 19.23 -7.46
N ILE H 83 -36.73 18.42 -7.30
CA ILE H 83 -36.55 17.22 -8.09
C ILE H 83 -37.07 16.05 -7.25
N ASP H 84 -38.07 15.35 -7.76
CA ASP H 84 -38.65 14.23 -7.03
C ASP H 84 -38.18 12.89 -7.56
N ASP H 85 -37.59 12.85 -8.76
CA ASP H 85 -37.12 11.59 -9.31
C ASP H 85 -36.07 11.84 -10.37
N ILE H 86 -34.96 11.11 -10.27
CA ILE H 86 -33.98 10.96 -11.33
C ILE H 86 -33.83 9.47 -11.59
N TYR H 87 -33.97 9.08 -12.85
CA TYR H 87 -34.01 7.68 -13.23
C TYR H 87 -33.14 7.45 -14.46
N VAL H 88 -32.51 6.28 -14.52
CA VAL H 88 -31.70 5.87 -15.66
C VAL H 88 -32.26 4.56 -16.17
N TYR H 89 -32.59 4.52 -17.45
CA TYR H 89 -33.18 3.36 -18.09
C TYR H 89 -32.33 2.97 -19.29
N TYR H 90 -31.95 1.69 -19.36
CA TYR H 90 -31.16 1.23 -20.48
C TYR H 90 -32.09 0.50 -21.45
N PRO H 91 -32.40 1.08 -22.62
CA PRO H 91 -33.44 0.49 -23.48
C PRO H 91 -33.04 -0.85 -24.10
N ILE H 92 -31.84 -1.34 -23.87
CA ILE H 92 -31.46 -2.66 -24.36
C ILE H 92 -32.26 -3.78 -23.70
N VAL H 93 -32.86 -3.53 -22.54
CA VAL H 93 -33.60 -4.59 -21.84
C VAL H 93 -34.81 -5.04 -22.65
N ASP H 94 -35.60 -4.09 -23.17
CA ASP H 94 -36.82 -4.48 -23.87
C ASP H 94 -36.66 -4.62 -25.37
N ASP H 95 -36.33 -3.52 -26.05
CA ASP H 95 -36.37 -3.57 -27.52
C ASP H 95 -35.11 -4.18 -28.13
N GLU H 96 -34.04 -4.38 -27.33
CA GLU H 96 -32.76 -4.91 -27.80
C GLU H 96 -32.42 -4.43 -29.21
N ALA H 97 -32.58 -3.12 -29.44
CA ALA H 97 -32.48 -2.58 -30.79
C ALA H 97 -31.16 -1.86 -31.09
N GLY H 98 -30.80 -0.85 -30.30
CA GLY H 98 -29.62 -0.08 -30.66
C GLY H 98 -28.29 -0.54 -30.09
N HIS H 99 -27.65 0.31 -29.31
CA HIS H 99 -26.43 -0.05 -28.60
C HIS H 99 -26.80 -0.37 -27.16
N PHE H 100 -26.15 -1.39 -26.60
CA PHE H 100 -26.54 -1.83 -25.26
C PHE H 100 -26.14 -0.82 -24.20
N LYS H 101 -25.23 0.10 -24.51
CA LYS H 101 -24.84 1.14 -23.58
C LYS H 101 -25.68 2.40 -23.70
N ASP H 102 -26.60 2.44 -24.66
CA ASP H 102 -27.51 3.57 -24.77
C ASP H 102 -28.34 3.68 -23.49
N PHE H 103 -28.62 4.91 -23.08
CA PHE H 103 -29.34 5.09 -21.83
C PHE H 103 -30.15 6.38 -21.88
N ASN H 104 -31.27 6.36 -21.17
CA ASN H 104 -32.17 7.51 -21.09
C ASN H 104 -32.25 7.95 -19.63
N ILE H 105 -32.09 9.25 -19.40
CA ILE H 105 -32.17 9.82 -18.07
C ILE H 105 -33.44 10.65 -17.97
N THR H 106 -34.25 10.35 -16.95
CA THR H 106 -35.51 11.04 -16.72
C THR H 106 -35.42 11.83 -15.42
N VAL H 107 -35.65 13.13 -15.50
CA VAL H 107 -35.67 14.04 -14.36
C VAL H 107 -37.06 14.63 -14.26
N THR H 108 -37.68 14.52 -13.09
CA THR H 108 -39.02 15.04 -12.88
C THR H 108 -39.00 16.18 -11.86
N PHE H 109 -39.59 17.30 -12.24
CA PHE H 109 -39.75 18.46 -11.36
C PHE H 109 -41.19 18.48 -10.84
N GLY H 110 -41.33 18.57 -9.51
CA GLY H 110 -42.65 18.61 -8.92
C GLY H 110 -43.26 20.00 -8.96
N LYS H 111 -44.45 20.10 -8.39
CA LYS H 111 -45.21 21.34 -8.47
C LYS H 111 -44.66 22.33 -7.46
N ASN H 112 -44.28 23.51 -7.94
CA ASN H 112 -43.63 24.53 -7.14
C ASN H 112 -43.85 25.87 -7.81
N PRO H 113 -43.73 26.98 -7.08
CA PRO H 113 -43.93 28.29 -7.70
C PRO H 113 -42.79 28.73 -8.59
N TYR H 114 -41.62 28.09 -8.51
CA TYR H 114 -40.42 28.58 -9.17
C TYR H 114 -40.18 27.96 -10.53
N ILE H 115 -40.43 26.65 -10.69
CA ILE H 115 -40.31 26.02 -12.00
C ILE H 115 -41.49 25.08 -12.19
N PRO H 116 -42.19 25.16 -13.33
CA PRO H 116 -43.41 24.36 -13.51
C PRO H 116 -43.15 22.86 -13.48
N GLU H 117 -44.15 22.14 -12.94
CA GLU H 117 -44.09 20.68 -12.86
C GLU H 117 -43.94 20.06 -14.23
N GLN H 118 -43.03 19.10 -14.34
CA GLN H 118 -42.75 18.48 -15.63
C GLN H 118 -42.00 17.16 -15.41
N GLU H 119 -41.93 16.37 -16.49
CA GLU H 119 -41.14 15.16 -16.53
C GLU H 119 -40.36 15.17 -17.83
N ILE H 120 -39.02 15.22 -17.73
CA ILE H 120 -38.14 15.38 -18.88
C ILE H 120 -37.35 14.10 -19.05
N THR H 121 -37.45 13.49 -20.22
CA THR H 121 -36.69 12.28 -20.54
C THR H 121 -35.74 12.62 -21.68
N LYS H 122 -34.44 12.60 -21.39
CA LYS H 122 -33.41 12.88 -22.39
C LYS H 122 -32.68 11.58 -22.72
N LYS H 123 -32.57 11.26 -24.00
CA LYS H 123 -32.02 10.00 -24.45
C LYS H 123 -30.62 10.19 -25.00
N PHE H 124 -29.70 9.34 -24.58
CA PHE H 124 -28.31 9.37 -25.02
C PHE H 124 -27.98 8.05 -25.68
N LYS H 125 -27.30 8.14 -26.83
CA LYS H 125 -26.89 6.99 -27.60
C LYS H 125 -25.38 6.96 -27.71
N ILE H 126 -24.86 5.75 -27.91
CA ILE H 126 -23.43 5.54 -28.06
C ILE H 126 -23.13 5.30 -29.53
N VAL H 127 -22.18 6.05 -30.06
CA VAL H 127 -21.76 5.93 -31.45
C VAL H 127 -20.31 5.48 -31.44
N ILE H 128 -20.01 4.45 -32.21
CA ILE H 128 -18.63 3.95 -32.27
C ILE H 128 -17.88 4.88 -33.21
N GLN H 129 -16.96 5.67 -32.64
CA GLN H 129 -16.16 6.59 -33.43
C GLN H 129 -15.28 5.80 -34.40
N GLU H 130 -15.07 6.34 -35.59
CA GLU H 130 -14.22 5.68 -36.57
C GLU H 130 -12.82 5.44 -36.03
N ASP H 131 -12.38 6.24 -35.04
CA ASP H 131 -11.06 6.12 -34.44
C ASP H 131 -11.02 5.13 -33.28
N GLY H 132 -11.90 4.13 -33.29
CA GLY H 132 -11.85 3.07 -32.28
C GLY H 132 -12.80 3.27 -31.12
N ASP H 133 -12.85 4.49 -30.58
CA ASP H 133 -13.45 4.77 -29.29
C ASP H 133 -14.97 5.01 -29.42
N GLU H 134 -15.61 5.22 -28.27
CA GLU H 134 -17.04 5.45 -28.19
C GLU H 134 -17.31 6.91 -27.87
N ARG H 135 -18.40 7.46 -28.43
CA ARG H 135 -18.78 8.83 -28.20
C ARG H 135 -20.25 8.87 -27.82
N ILE H 136 -20.61 9.74 -26.89
CA ILE H 136 -21.98 9.91 -26.41
C ILE H 136 -22.63 11.05 -27.18
N VAL H 137 -23.83 10.80 -27.70
CA VAL H 137 -24.59 11.85 -28.38
C VAL H 137 -26.02 11.83 -27.86
N SER H 138 -26.74 12.91 -28.13
CA SER H 138 -28.11 13.05 -27.64
C SER H 138 -28.91 13.94 -28.58
N GLU H 139 -30.21 14.01 -28.32
CA GLU H 139 -31.14 14.89 -29.02
C GLU H 139 -31.59 15.99 -28.07
N SER H 140 -31.78 17.20 -28.62
CA SER H 140 -32.25 18.31 -27.80
C SER H 140 -33.65 18.01 -27.28
N VAL H 141 -33.86 18.29 -25.99
CA VAL H 141 -35.16 18.12 -25.34
C VAL H 141 -35.57 19.44 -24.72
N GLU H 142 -36.79 19.88 -25.01
CA GLU H 142 -37.28 21.13 -24.47
C GLU H 142 -37.63 21.00 -22.99
N VAL H 143 -37.33 22.06 -22.23
CA VAL H 143 -37.56 22.12 -20.79
C VAL H 143 -38.16 23.46 -20.46
N LYS H 144 -39.17 23.47 -19.59
CA LYS H 144 -39.76 24.71 -19.12
C LYS H 144 -38.82 25.31 -18.06
N TRP H 145 -38.11 26.36 -18.45
CA TRP H 145 -37.10 26.95 -17.59
C TRP H 145 -37.76 27.59 -16.37
N PRO H 146 -37.00 27.76 -15.29
CA PRO H 146 -37.50 28.57 -14.18
C PRO H 146 -37.80 29.97 -14.65
N HIS H 147 -38.82 30.58 -14.06
CA HIS H 147 -39.26 31.89 -14.54
C HIS H 147 -38.16 32.92 -14.41
N GLU H 148 -37.47 32.93 -13.27
CA GLU H 148 -36.41 33.91 -13.03
C GLU H 148 -35.28 33.78 -14.04
N LEU H 149 -35.10 32.61 -14.64
CA LEU H 149 -34.05 32.39 -15.63
C LEU H 149 -34.55 32.51 -17.07
N SER H 150 -35.83 32.82 -17.28
CA SER H 150 -36.31 33.00 -18.65
C SER H 150 -35.58 34.14 -19.35
N LYS H 151 -35.02 35.08 -18.58
CA LYS H 151 -34.25 36.18 -19.16
C LYS H 151 -32.97 35.71 -19.81
N ILE H 152 -32.42 34.58 -19.35
CA ILE H 152 -31.14 34.09 -19.84
C ILE H 152 -31.29 32.82 -20.66
N ASN H 153 -32.52 32.42 -20.96
CA ASN H 153 -32.74 31.25 -21.78
C ASN H 153 -32.18 31.51 -23.17
N PRO H 154 -31.22 30.71 -23.64
CA PRO H 154 -30.68 30.95 -24.99
C PRO H 154 -31.73 30.84 -26.08
N SER H 155 -32.73 29.96 -25.92
CA SER H 155 -33.77 29.85 -26.93
C SER H 155 -34.62 31.11 -27.01
N VAL H 156 -34.98 31.70 -25.85
CA VAL H 156 -35.78 32.92 -25.83
C VAL H 156 -35.03 34.07 -26.49
N ILE H 157 -33.77 34.26 -26.10
CA ILE H 157 -32.99 35.37 -26.64
C ILE H 157 -32.75 35.15 -28.14
N LYS H 158 -32.55 33.90 -28.56
CA LYS H 158 -32.37 33.60 -29.97
C LYS H 158 -33.65 33.81 -30.76
N GLU H 159 -34.81 33.56 -30.13
CA GLU H 159 -36.10 33.80 -30.78
C GLU H 159 -36.41 35.28 -30.91
N LYS H 160 -35.96 36.11 -29.97
CA LYS H 160 -36.19 37.54 -30.11
C LYS H 160 -35.52 38.10 -31.35
N TYR H 161 -34.36 37.56 -31.72
CA TYR H 161 -33.58 38.09 -32.83
C TYR H 161 -33.70 37.19 -34.08
N ASP H 168 -24.87 40.81 -33.30
CA ASP H 168 -25.55 42.09 -33.49
C ASP H 168 -26.53 42.34 -32.34
N MET H 169 -26.29 41.68 -31.21
CA MET H 169 -27.16 41.76 -30.05
C MET H 169 -26.74 42.90 -29.12
N SER H 170 -27.66 43.27 -28.23
CA SER H 170 -27.34 44.22 -27.18
C SER H 170 -26.42 43.57 -26.15
N ALA H 171 -25.75 44.41 -25.35
CA ALA H 171 -24.81 43.90 -24.37
C ALA H 171 -25.49 42.99 -23.35
N LYS H 172 -26.66 43.39 -22.86
CA LYS H 172 -27.39 42.56 -21.90
C LYS H 172 -27.72 41.20 -22.48
N ASP H 173 -28.19 41.16 -23.73
CA ASP H 173 -28.61 39.89 -24.31
C ASP H 173 -27.42 38.97 -24.54
N LYS H 174 -26.26 39.52 -24.93
CA LYS H 174 -25.07 38.67 -25.07
C LYS H 174 -24.60 38.15 -23.72
N LYS H 175 -24.59 39.01 -22.69
CA LYS H 175 -24.18 38.56 -21.36
C LYS H 175 -25.12 37.47 -20.85
N ASN H 176 -26.43 37.67 -21.05
CA ASN H 176 -27.42 36.69 -20.60
C ASN H 176 -27.32 35.40 -21.41
N TYR H 177 -26.98 35.49 -22.70
CA TYR H 177 -26.77 34.29 -23.50
C TYR H 177 -25.59 33.48 -22.95
N ARG H 178 -24.50 34.17 -22.58
CA ARG H 178 -23.36 33.48 -21.98
C ARG H 178 -23.78 32.80 -20.69
N LEU H 179 -24.52 33.52 -19.84
CA LEU H 179 -24.97 32.97 -18.57
C LEU H 179 -25.87 31.76 -18.78
N GLY H 180 -26.78 31.83 -19.77
CA GLY H 180 -27.70 30.72 -20.00
C GLY H 180 -27.03 29.51 -20.59
N MET H 181 -25.99 29.71 -21.39
CA MET H 181 -25.19 28.58 -21.87
C MET H 181 -24.43 27.94 -20.72
N LYS H 182 -24.11 28.73 -19.69
CA LYS H 182 -23.48 28.16 -18.49
C LYS H 182 -24.48 27.51 -17.55
N SER H 183 -25.77 27.69 -17.75
CA SER H 183 -26.77 27.16 -16.83
C SER H 183 -26.95 25.65 -17.02
N PHE H 184 -27.42 25.00 -15.95
CA PHE H 184 -27.68 23.56 -16.00
C PHE H 184 -28.81 23.23 -16.98
N PHE H 185 -29.81 24.11 -17.07
CA PHE H 185 -31.01 23.80 -17.83
C PHE H 185 -30.79 23.81 -19.34
N SER H 186 -29.66 24.31 -19.82
CA SER H 186 -29.34 24.16 -21.24
C SER H 186 -28.72 22.81 -21.54
N TRP H 187 -28.37 22.03 -20.52
CA TRP H 187 -27.81 20.70 -20.75
C TRP H 187 -28.79 19.81 -21.52
N PHE H 188 -30.09 20.07 -21.38
CA PHE H 188 -31.08 19.26 -22.07
C PHE H 188 -31.05 19.50 -23.57
N ASN H 189 -30.48 20.60 -24.04
CA ASN H 189 -30.33 20.84 -25.47
C ASN H 189 -29.00 20.34 -26.01
N TRP H 190 -28.23 19.65 -25.18
CA TRP H 190 -26.93 19.16 -25.60
C TRP H 190 -27.11 17.95 -26.51
N THR H 191 -26.41 17.95 -27.63
CA THR H 191 -26.42 16.83 -28.57
C THR H 191 -25.08 16.14 -28.71
N GLY H 192 -23.96 16.86 -28.51
CA GLY H 192 -22.64 16.31 -28.66
C GLY H 192 -22.05 16.45 -30.04
N GLU H 193 -22.81 16.94 -31.00
CA GLU H 193 -22.34 17.14 -32.36
C GLU H 193 -22.26 18.61 -32.74
N LYS H 194 -22.39 19.52 -31.77
CA LYS H 194 -22.26 20.95 -32.02
C LYS H 194 -21.35 21.59 -30.97
N PRO H 195 -20.04 21.32 -31.03
CA PRO H 195 -19.14 21.90 -30.04
C PRO H 195 -19.07 23.42 -30.19
N GLY H 196 -18.86 24.09 -29.06
CA GLY H 196 -18.82 25.54 -29.02
C GLY H 196 -20.18 26.21 -29.07
N LYS H 197 -21.23 25.51 -29.51
CA LYS H 197 -22.59 26.03 -29.54
C LYS H 197 -23.49 25.34 -28.54
N GLU H 198 -22.95 24.41 -27.73
CA GLU H 198 -23.74 23.64 -26.79
C GLU H 198 -23.18 23.75 -25.39
N PHE H 199 -23.90 23.13 -24.45
CA PHE H 199 -23.46 23.00 -23.08
C PHE H 199 -22.12 22.27 -23.03
N ARG H 200 -21.19 22.77 -22.21
CA ARG H 200 -19.84 22.25 -22.20
C ARG H 200 -19.79 20.90 -21.48
N ASN H 201 -19.14 19.93 -22.11
CA ASN H 201 -18.90 18.61 -21.52
C ASN H 201 -20.19 17.95 -21.03
N GLY H 202 -21.18 17.91 -21.92
CA GLY H 202 -22.44 17.27 -21.58
C GLY H 202 -22.33 15.78 -21.35
N GLU H 203 -21.41 15.12 -22.08
CA GLU H 203 -21.23 13.68 -21.90
C GLU H 203 -20.72 13.37 -20.50
N ASP H 204 -19.85 14.23 -19.96
CA ASP H 204 -19.36 14.03 -18.61
C ASP H 204 -20.47 14.16 -17.58
N LEU H 205 -21.36 15.15 -17.75
CA LEU H 205 -22.51 15.27 -16.85
C LEU H 205 -23.45 14.09 -16.98
N ALA H 206 -23.65 13.61 -18.21
CA ALA H 206 -24.49 12.43 -18.41
C ALA H 206 -23.93 11.22 -17.68
N THR H 207 -22.62 10.98 -17.84
CA THR H 207 -22.00 9.84 -17.17
C THR H 207 -22.02 10.01 -15.65
N LEU H 208 -21.82 11.23 -15.16
CA LEU H 208 -21.86 11.45 -13.72
C LEU H 208 -23.24 11.21 -13.15
N LEU H 209 -24.29 11.68 -13.83
CA LEU H 209 -25.65 11.48 -13.35
C LEU H 209 -26.10 10.04 -13.50
N SER H 210 -25.54 9.30 -14.45
CA SER H 210 -26.01 7.95 -14.71
C SER H 210 -25.20 6.87 -13.99
N GLU H 211 -23.94 7.11 -13.64
CA GLU H 211 -23.07 6.02 -13.21
C GLU H 211 -22.40 6.19 -11.86
N ASP H 212 -22.36 7.38 -11.28
CA ASP H 212 -21.76 7.55 -9.95
C ASP H 212 -22.81 7.97 -8.92
N LEU H 213 -23.50 9.08 -9.16
CA LEU H 213 -24.51 9.54 -8.21
C LEU H 213 -25.72 8.62 -8.21
N TYR H 214 -26.18 8.23 -9.41
CA TYR H 214 -27.38 7.42 -9.50
C TYR H 214 -27.18 6.07 -8.85
N LEU H 215 -26.03 5.43 -9.08
CA LEU H 215 -25.81 4.10 -8.53
C LEU H 215 -25.61 4.15 -7.02
N ASN H 216 -24.87 5.15 -6.53
CA ASN H 216 -24.50 5.25 -5.13
C ASN H 216 -25.28 6.33 -4.40
N ALA H 217 -26.52 6.59 -4.82
CA ALA H 217 -27.29 7.70 -4.25
C ALA H 217 -27.53 7.51 -2.74
N LEU H 218 -27.80 6.28 -2.32
CA LEU H 218 -28.06 6.02 -0.91
C LEU H 218 -26.86 6.37 -0.05
N LYS H 219 -25.66 5.99 -0.50
CA LYS H 219 -24.46 6.25 0.28
C LYS H 219 -24.21 7.75 0.42
N TYR H 220 -24.35 8.49 -0.67
CA TYR H 220 -24.16 9.94 -0.61
C TYR H 220 -25.21 10.61 0.26
N TYR H 221 -26.45 10.10 0.22
CA TYR H 221 -27.50 10.63 1.09
C TYR H 221 -27.17 10.44 2.56
N ILE H 222 -26.80 9.21 2.93
CA ILE H 222 -26.48 8.90 4.32
C ILE H 222 -25.27 9.70 4.78
N ILE H 223 -24.26 9.83 3.91
CA ILE H 223 -23.09 10.64 4.25
C ILE H 223 -23.51 12.09 4.46
N ALA H 224 -24.42 12.58 3.62
CA ALA H 224 -24.90 13.95 3.72
C ALA H 224 -25.71 14.19 4.98
N LEU H 225 -26.18 13.12 5.63
CA LEU H 225 -26.96 13.27 6.86
C LEU H 225 -26.27 12.69 8.08
N SER H 226 -25.16 11.97 7.92
CA SER H 226 -24.41 11.44 9.06
C SER H 226 -23.53 12.54 9.65
N PRO H 227 -23.61 12.78 10.97
CA PRO H 227 -22.69 13.72 11.64
C PRO H 227 -21.41 13.02 12.12
CL CL I . 3.72 26.96 -36.52
CL CL J . 3.29 24.10 -35.45
NA NA K . -8.00 -7.48 -38.64
NA NA L . -18.71 0.79 -54.14
NA NA M . 2.55 10.64 -42.21
NA NA N . 26.46 -5.67 17.55
NA NA O . -10.39 11.49 20.13
CL CL P . -19.55 -11.25 24.10
CL CL Q . 13.43 -30.31 26.73
NA NA R . 24.24 -5.14 53.91
NA NA S . 8.75 -3.23 -30.61
NA NA T . -22.03 15.43 7.55
#